data_8XG1
#
_entry.id   8XG1
#
_cell.length_a   1.00
_cell.length_b   1.00
_cell.length_c   1.00
_cell.angle_alpha   90.00
_cell.angle_beta   90.00
_cell.angle_gamma   90.00
#
_symmetry.space_group_name_H-M   'P 1'
#
loop_
_entity.id
_entity.type
_entity.pdbx_description
1 polymer Hemagglutinin
2 branched 'N-acetyl-alpha-neuraminic acid-(2-6)-beta-D-galactopyranose-(1-4)-2-acetamido-2-deoxy-beta-D-glucopyranose-(1-3)-beta-D-galactopyranose'
3 non-polymer 2-acetamido-2-deoxy-beta-D-glucopyranose
#
_entity_poly.entity_id   1
_entity_poly.type   'polypeptide(L)'
_entity_poly.pdbx_seq_one_letter_code
;DQICIGYHANNSTEKIDTILERNVTVTHAKDILEKTHNGKLCKLNGIPPLELGDCSIAGWLLGNPECDRLLRVPEWSYIM
EKENPRYSLCYPGSFNDYEELKHLLSSVKHFEKVKILPKDRWTQHTTTGGSMACAVSGKPSFFRNMVWLTTKGPNYPVAQ
GSYNNTSGEQMLIIWGVHHPNDEAEQRALYQKVGTYVSASTSTLYKRSIPEIAARPKVNGLGSRMEFSWTLLDMWDTINF
ESTGNLVAPEYGFKISKRGSSGIMKTEGTLENCETKCQTPLGAINTTLPFHNVHPLTIGECPKYVKSEKLVLATGLRNVP
QIESRGLFGAIAGFIEGGWQGMVDGWYGYHHSNDQGSGYAADKESTQKAFDGITNKVNSVIEKMNTQFEAVGKEFSNLEK
RLENLNKKMEDGFLDVWTYNAELLVLMENERTLDFHDSNVKNLYDKVRMQLRDNVKELGNGCFEFYHKCDNECMDSVKNG
TYDYPKYEEESKLNRNE
;
_entity_poly.pdbx_strand_id   A,B,C
#
loop_
_chem_comp.id
_chem_comp.type
_chem_comp.name
_chem_comp.formula
GAL D-saccharide, beta linking beta-D-galactopyranose 'C6 H12 O6'
NAG D-saccharide, beta linking 2-acetamido-2-deoxy-beta-D-glucopyranose 'C8 H15 N O6'
SIA D-saccharide, alpha linking 'N-acetyl-alpha-neuraminic acid' 'C11 H19 N O9'
#
# COMPACT_ATOMS: atom_id res chain seq x y z
N ASP A 1 40.46 25.05 -46.02
CA ASP A 1 39.79 23.81 -45.65
C ASP A 1 39.36 23.84 -44.19
N GLN A 2 38.21 23.23 -43.88
CA GLN A 2 37.72 23.24 -42.52
C GLN A 2 36.79 22.05 -42.29
N ILE A 3 36.78 21.57 -41.04
CA ILE A 3 35.92 20.47 -40.62
C ILE A 3 35.27 20.85 -39.30
N CYS A 4 33.96 20.70 -39.21
CA CYS A 4 33.24 21.13 -38.02
C CYS A 4 32.25 20.05 -37.60
N ILE A 5 31.93 20.03 -36.31
CA ILE A 5 31.17 18.96 -35.69
C ILE A 5 29.88 19.51 -35.12
N GLY A 6 28.76 18.83 -35.39
CA GLY A 6 27.47 19.30 -34.94
C GLY A 6 26.46 18.17 -34.83
N TYR A 7 25.22 18.57 -34.53
CA TYR A 7 24.15 17.60 -34.36
C TYR A 7 22.94 17.91 -35.23
N HIS A 8 21.83 17.21 -35.00
CA HIS A 8 20.69 17.20 -35.89
C HIS A 8 19.57 18.06 -35.31
N ALA A 9 18.94 18.85 -36.18
CA ALA A 9 17.76 19.63 -35.85
C ALA A 9 16.72 19.47 -36.94
N ASN A 10 15.44 19.52 -36.55
CA ASN A 10 14.34 19.38 -37.50
C ASN A 10 13.20 20.32 -37.08
N ASN A 11 12.03 20.08 -37.67
CA ASN A 11 10.88 20.96 -37.51
C ASN A 11 9.90 20.49 -36.44
N SER A 12 10.28 19.49 -35.64
CA SER A 12 9.37 18.95 -34.65
C SER A 12 9.04 19.98 -33.58
N THR A 13 7.80 19.91 -33.08
CA THR A 13 7.34 20.79 -32.01
C THR A 13 6.93 20.02 -30.75
N GLU A 14 7.31 18.74 -30.65
CA GLU A 14 7.02 17.97 -29.46
C GLU A 14 7.76 18.53 -28.26
N LYS A 15 7.13 18.46 -27.09
CA LYS A 15 7.68 19.04 -25.88
C LYS A 15 7.63 18.03 -24.74
N ILE A 16 8.68 18.04 -23.91
CA ILE A 16 8.81 17.12 -22.79
C ILE A 16 9.19 17.92 -21.54
N ASP A 17 9.07 17.27 -20.39
CA ASP A 17 9.29 17.90 -19.10
C ASP A 17 10.47 17.24 -18.39
N THR A 18 11.31 18.08 -17.77
CA THR A 18 12.43 17.64 -16.95
C THR A 18 12.27 18.15 -15.53
N ILE A 19 13.22 17.78 -14.67
CA ILE A 19 13.17 18.22 -13.28
C ILE A 19 13.72 19.64 -13.11
N LEU A 20 14.48 20.14 -14.08
CA LEU A 20 14.98 21.51 -14.05
C LEU A 20 14.30 22.43 -15.03
N GLU A 21 13.61 21.90 -16.03
CA GLU A 21 13.01 22.71 -17.07
C GLU A 21 11.65 22.15 -17.44
N ARG A 22 10.80 23.02 -17.99
CA ARG A 22 9.48 22.66 -18.46
C ARG A 22 9.28 23.18 -19.86
N ASN A 23 8.51 22.44 -20.66
CA ASN A 23 8.23 22.79 -22.05
C ASN A 23 9.52 22.93 -22.86
N VAL A 24 10.23 21.80 -22.99
CA VAL A 24 11.48 21.74 -23.75
C VAL A 24 11.19 21.01 -25.06
N THR A 25 11.47 21.67 -26.18
CA THR A 25 11.21 21.10 -27.49
C THR A 25 12.32 20.11 -27.85
N VAL A 26 11.91 18.93 -28.33
CA VAL A 26 12.84 17.85 -28.66
C VAL A 26 12.57 17.39 -30.08
N THR A 27 13.58 16.76 -30.67
CA THR A 27 13.45 16.25 -32.03
C THR A 27 12.51 15.06 -32.09
N HIS A 28 12.68 14.10 -31.17
CA HIS A 28 11.88 12.89 -31.13
C HIS A 28 11.35 12.68 -29.72
N ALA A 29 10.21 11.98 -29.63
CA ALA A 29 9.61 11.69 -28.34
C ALA A 29 8.76 10.44 -28.46
N LYS A 30 8.41 9.86 -27.32
CA LYS A 30 7.56 8.68 -27.26
C LYS A 30 6.52 8.87 -26.18
N ASP A 31 5.25 8.69 -26.53
CA ASP A 31 4.15 8.77 -25.59
C ASP A 31 3.83 7.36 -25.11
N ILE A 32 3.89 7.15 -23.79
CA ILE A 32 3.65 5.86 -23.19
C ILE A 32 2.37 5.85 -22.36
N LEU A 33 1.48 6.81 -22.62
CA LEU A 33 0.19 6.90 -21.94
C LEU A 33 -0.92 6.89 -22.97
N GLU A 34 -1.98 6.15 -22.67
CA GLU A 34 -3.15 6.08 -23.55
C GLU A 34 -4.31 6.82 -22.91
N LYS A 35 -4.98 7.66 -23.71
CA LYS A 35 -6.02 8.54 -23.19
C LYS A 35 -7.34 8.45 -23.96
N THR A 36 -7.50 7.45 -24.83
CA THR A 36 -8.70 7.38 -25.67
C THR A 36 -9.29 5.98 -25.64
N HIS A 37 -10.60 5.93 -25.88
CA HIS A 37 -11.35 4.69 -25.94
C HIS A 37 -12.39 4.81 -27.05
N ASN A 38 -13.07 3.71 -27.37
CA ASN A 38 -14.08 3.71 -28.42
C ASN A 38 -15.49 3.94 -27.91
N GLY A 39 -15.70 4.00 -26.60
CA GLY A 39 -17.00 4.30 -26.06
C GLY A 39 -18.04 3.22 -26.25
N LYS A 40 -17.62 1.97 -26.40
CA LYS A 40 -18.54 0.87 -26.68
C LYS A 40 -18.26 -0.30 -25.75
N LEU A 41 -19.32 -0.98 -25.33
CA LEU A 41 -19.22 -2.21 -24.56
C LEU A 41 -19.36 -3.38 -25.53
N CYS A 42 -18.28 -4.13 -25.73
CA CYS A 42 -18.25 -5.13 -26.79
C CYS A 42 -17.58 -6.40 -26.27
N LYS A 43 -17.48 -7.39 -27.15
CA LYS A 43 -17.09 -8.74 -26.76
C LYS A 43 -15.62 -8.81 -26.36
N LEU A 44 -15.32 -9.65 -25.39
CA LEU A 44 -13.97 -9.84 -24.87
C LEU A 44 -13.51 -11.25 -25.21
N ASN A 45 -12.48 -11.36 -26.05
CA ASN A 45 -11.89 -12.64 -26.44
C ASN A 45 -12.93 -13.57 -27.06
N GLY A 46 -13.85 -13.01 -27.83
CA GLY A 46 -14.83 -13.77 -28.56
C GLY A 46 -16.08 -14.12 -27.79
N ILE A 47 -15.98 -14.25 -26.47
CA ILE A 47 -17.13 -14.59 -25.63
C ILE A 47 -17.86 -13.32 -25.24
N PRO A 48 -19.14 -13.18 -25.59
CA PRO A 48 -19.89 -11.98 -25.22
C PRO A 48 -20.21 -11.97 -23.74
N PRO A 49 -20.50 -10.81 -23.17
CA PRO A 49 -20.83 -10.72 -21.75
C PRO A 49 -22.24 -11.23 -21.47
N LEU A 50 -22.66 -11.09 -20.22
CA LEU A 50 -23.99 -11.45 -19.78
C LEU A 50 -24.75 -10.16 -19.51
N GLU A 51 -25.60 -9.75 -20.44
CA GLU A 51 -26.37 -8.52 -20.32
C GLU A 51 -27.59 -8.80 -19.46
N LEU A 52 -27.55 -8.34 -18.22
CA LEU A 52 -28.69 -8.55 -17.31
C LEU A 52 -29.86 -7.65 -17.67
N GLY A 53 -29.57 -6.42 -18.08
CA GLY A 53 -30.63 -5.48 -18.39
C GLY A 53 -31.15 -4.80 -17.14
N ASP A 54 -32.46 -4.88 -16.92
CA ASP A 54 -33.07 -4.37 -15.70
C ASP A 54 -33.08 -5.38 -14.57
N CYS A 55 -32.57 -6.59 -14.81
CA CYS A 55 -32.49 -7.61 -13.78
C CYS A 55 -31.36 -7.31 -12.79
N SER A 56 -31.46 -7.97 -11.64
CA SER A 56 -30.39 -8.00 -10.65
C SER A 56 -29.85 -9.42 -10.55
N ILE A 57 -28.76 -9.58 -9.80
CA ILE A 57 -28.19 -10.90 -9.62
C ILE A 57 -29.16 -11.81 -8.88
N ALA A 58 -29.77 -11.29 -7.81
CA ALA A 58 -30.77 -12.06 -7.08
C ALA A 58 -31.99 -12.35 -7.94
N GLY A 59 -32.42 -11.37 -8.74
CA GLY A 59 -33.55 -11.59 -9.62
C GLY A 59 -33.28 -12.65 -10.67
N TRP A 60 -32.05 -12.70 -11.17
CA TRP A 60 -31.68 -13.72 -12.15
C TRP A 60 -31.58 -15.09 -11.51
N LEU A 61 -30.98 -15.18 -10.32
CA LEU A 61 -30.80 -16.48 -9.69
C LEU A 61 -32.11 -17.04 -9.16
N LEU A 62 -32.99 -16.20 -8.62
CA LEU A 62 -34.25 -16.66 -8.06
C LEU A 62 -35.30 -16.90 -9.12
N GLY A 63 -35.19 -16.28 -10.29
CA GLY A 63 -36.16 -16.49 -11.35
C GLY A 63 -37.30 -15.50 -11.34
N ASN A 64 -36.98 -14.22 -11.37
CA ASN A 64 -38.01 -13.19 -11.41
C ASN A 64 -38.85 -13.34 -12.67
N PRO A 65 -40.17 -13.26 -12.58
CA PRO A 65 -41.01 -13.46 -13.78
C PRO A 65 -40.73 -12.48 -14.89
N GLU A 66 -40.39 -11.23 -14.56
CA GLU A 66 -40.05 -10.21 -15.53
C GLU A 66 -38.60 -10.30 -15.97
N CYS A 67 -37.94 -11.43 -15.76
CA CYS A 67 -36.52 -11.57 -15.99
C CYS A 67 -36.25 -12.87 -16.75
N ASP A 68 -37.22 -13.31 -17.56
CA ASP A 68 -37.28 -14.67 -18.05
C ASP A 68 -36.42 -14.93 -19.28
N ARG A 69 -35.76 -13.91 -19.83
CA ARG A 69 -34.83 -14.14 -20.91
C ARG A 69 -33.53 -14.78 -20.44
N LEU A 70 -33.28 -14.81 -19.14
CA LEU A 70 -32.05 -15.36 -18.57
C LEU A 70 -32.28 -16.71 -17.89
N LEU A 71 -33.35 -17.42 -18.24
CA LEU A 71 -33.60 -18.73 -17.66
C LEU A 71 -32.61 -19.78 -18.13
N ARG A 72 -31.87 -19.52 -19.21
CA ARG A 72 -30.83 -20.43 -19.67
C ARG A 72 -29.81 -19.59 -20.43
N VAL A 73 -28.68 -19.30 -19.79
CA VAL A 73 -27.69 -18.40 -20.37
C VAL A 73 -26.43 -19.17 -20.75
N PRO A 74 -25.80 -18.85 -21.88
CA PRO A 74 -24.54 -19.51 -22.25
C PRO A 74 -23.34 -18.92 -21.52
N GLU A 75 -22.14 -19.36 -21.91
CA GLU A 75 -20.92 -18.90 -21.26
C GLU A 75 -20.74 -17.39 -21.47
N TRP A 76 -20.12 -16.75 -20.49
CA TRP A 76 -19.89 -15.32 -20.52
C TRP A 76 -18.46 -15.00 -20.13
N SER A 77 -18.09 -13.73 -20.27
CA SER A 77 -16.80 -13.22 -19.85
C SER A 77 -16.88 -12.23 -18.69
N TYR A 78 -17.93 -11.41 -18.67
CA TYR A 78 -18.19 -10.50 -17.55
C TYR A 78 -19.68 -10.21 -17.53
N ILE A 79 -20.15 -9.74 -16.38
CA ILE A 79 -21.58 -9.53 -16.15
C ILE A 79 -21.83 -8.02 -16.11
N MET A 80 -22.68 -7.54 -17.02
CA MET A 80 -23.03 -6.12 -17.06
C MET A 80 -24.29 -5.90 -16.24
N GLU A 81 -24.19 -5.03 -15.23
CA GLU A 81 -25.30 -4.76 -14.33
C GLU A 81 -25.49 -3.26 -14.18
N LYS A 82 -26.69 -2.86 -13.80
CA LYS A 82 -27.02 -1.46 -13.61
C LYS A 82 -26.84 -1.06 -12.15
N GLU A 83 -26.65 0.25 -11.93
CA GLU A 83 -26.37 0.76 -10.60
C GLU A 83 -27.54 0.51 -9.65
N ASN A 84 -28.76 0.78 -10.10
CA ASN A 84 -29.98 0.58 -9.31
C ASN A 84 -30.94 -0.26 -10.13
N PRO A 85 -30.76 -1.58 -10.15
CA PRO A 85 -31.64 -2.44 -10.94
C PRO A 85 -33.08 -2.34 -10.48
N ARG A 86 -34.00 -2.37 -11.43
CA ARG A 86 -35.42 -2.24 -11.17
C ARG A 86 -36.12 -3.58 -11.01
N TYR A 87 -35.68 -4.62 -11.73
CA TYR A 87 -36.17 -5.97 -11.51
C TYR A 87 -35.26 -6.67 -10.51
N SER A 88 -35.82 -6.99 -9.36
CA SER A 88 -35.10 -7.52 -8.21
C SER A 88 -36.07 -8.43 -7.47
N LEU A 89 -35.79 -8.68 -6.18
CA LEU A 89 -36.77 -9.41 -5.38
C LEU A 89 -38.12 -8.73 -5.47
N CYS A 90 -39.08 -9.36 -6.15
CA CYS A 90 -40.40 -8.77 -6.28
C CYS A 90 -41.15 -8.83 -4.96
N TYR A 91 -41.13 -9.98 -4.31
CA TYR A 91 -41.61 -10.06 -2.94
C TYR A 91 -40.62 -9.36 -2.02
N PRO A 92 -41.04 -8.40 -1.20
CA PRO A 92 -40.09 -7.68 -0.36
C PRO A 92 -39.38 -8.61 0.61
N GLY A 93 -38.12 -8.29 0.90
CA GLY A 93 -37.35 -9.11 1.81
C GLY A 93 -35.89 -8.76 1.74
N SER A 94 -35.05 -9.71 2.15
CA SER A 94 -33.61 -9.54 2.20
C SER A 94 -32.93 -10.72 1.52
N PHE A 95 -31.59 -10.69 1.51
CA PHE A 95 -30.79 -11.74 0.90
C PHE A 95 -29.46 -11.78 1.66
N ASN A 96 -29.33 -12.73 2.57
CA ASN A 96 -28.15 -12.78 3.43
C ASN A 96 -26.89 -13.11 2.63
N ASP A 97 -25.79 -12.44 2.99
CA ASP A 97 -24.49 -12.65 2.36
C ASP A 97 -24.56 -12.42 0.85
N TYR A 98 -25.26 -11.37 0.44
CA TYR A 98 -25.40 -11.04 -0.98
C TYR A 98 -24.05 -10.68 -1.60
N GLU A 99 -23.25 -9.87 -0.90
CA GLU A 99 -21.98 -9.42 -1.45
C GLU A 99 -20.98 -10.57 -1.56
N GLU A 100 -21.04 -11.54 -0.65
CA GLU A 100 -20.23 -12.74 -0.80
C GLU A 100 -20.61 -13.52 -2.05
N LEU A 101 -21.91 -13.58 -2.34
CA LEU A 101 -22.36 -14.24 -3.57
C LEU A 101 -21.84 -13.50 -4.80
N LYS A 102 -21.87 -12.18 -4.79
CA LYS A 102 -21.34 -11.42 -5.92
C LYS A 102 -19.84 -11.64 -6.07
N HIS A 103 -19.11 -11.67 -4.95
CA HIS A 103 -17.67 -11.93 -5.02
C HIS A 103 -17.39 -13.32 -5.59
N LEU A 104 -18.18 -14.32 -5.20
CA LEU A 104 -18.02 -15.65 -5.77
C LEU A 104 -18.31 -15.64 -7.27
N LEU A 105 -19.37 -14.92 -7.68
CA LEU A 105 -19.68 -14.81 -9.10
C LEU A 105 -18.57 -14.11 -9.87
N SER A 106 -17.78 -13.29 -9.20
CA SER A 106 -16.68 -12.60 -9.87
C SER A 106 -15.57 -13.55 -10.31
N SER A 107 -15.74 -14.86 -10.10
CA SER A 107 -14.75 -15.83 -10.55
C SER A 107 -15.40 -17.08 -11.15
N VAL A 108 -16.61 -16.94 -11.70
CA VAL A 108 -17.32 -18.03 -12.34
C VAL A 108 -17.69 -17.58 -13.75
N LYS A 109 -17.45 -18.43 -14.74
CA LYS A 109 -17.71 -18.09 -16.12
C LYS A 109 -18.86 -18.86 -16.75
N HIS A 110 -19.43 -19.85 -16.07
CA HIS A 110 -20.55 -20.60 -16.61
C HIS A 110 -21.28 -21.34 -15.50
N PHE A 111 -22.60 -21.34 -15.58
CA PHE A 111 -23.47 -22.07 -14.68
C PHE A 111 -24.27 -23.11 -15.46
N GLU A 112 -24.58 -24.22 -14.80
CA GLU A 112 -25.49 -25.21 -15.35
C GLU A 112 -26.61 -25.47 -14.35
N LYS A 113 -27.85 -25.45 -14.81
CA LYS A 113 -29.00 -25.59 -13.92
C LYS A 113 -29.41 -27.05 -13.85
N VAL A 114 -29.37 -27.62 -12.65
CA VAL A 114 -29.69 -29.02 -12.41
C VAL A 114 -30.92 -29.08 -11.50
N LYS A 115 -31.93 -29.83 -11.93
CA LYS A 115 -33.14 -30.00 -11.13
C LYS A 115 -32.83 -30.96 -9.99
N ILE A 116 -32.61 -30.41 -8.80
CA ILE A 116 -32.24 -31.22 -7.65
C ILE A 116 -33.47 -31.73 -6.90
N LEU A 117 -34.51 -30.91 -6.79
CA LEU A 117 -35.75 -31.29 -6.12
C LEU A 117 -36.91 -30.93 -7.03
N PRO A 118 -37.51 -31.90 -7.74
CA PRO A 118 -38.63 -31.60 -8.62
C PRO A 118 -39.82 -31.06 -7.84
N LYS A 119 -40.73 -30.43 -8.56
CA LYS A 119 -41.91 -29.82 -7.95
C LYS A 119 -43.01 -30.83 -7.65
N ASP A 120 -42.96 -32.03 -8.22
CA ASP A 120 -44.01 -33.02 -8.06
C ASP A 120 -43.72 -34.01 -6.94
N ARG A 121 -42.59 -33.92 -6.27
CA ARG A 121 -42.31 -34.81 -5.15
C ARG A 121 -43.08 -34.43 -3.91
N TRP A 122 -43.42 -33.15 -3.75
CA TRP A 122 -44.16 -32.68 -2.58
C TRP A 122 -45.63 -33.08 -2.74
N THR A 123 -45.88 -34.37 -2.49
CA THR A 123 -47.21 -34.94 -2.69
C THR A 123 -48.14 -34.71 -1.50
N GLN A 124 -47.63 -34.23 -0.38
CA GLN A 124 -48.44 -33.97 0.80
C GLN A 124 -48.65 -32.48 1.05
N HIS A 125 -48.38 -31.64 0.04
CA HIS A 125 -48.45 -30.20 0.21
C HIS A 125 -49.03 -29.59 -1.06
N THR A 126 -49.25 -28.27 -1.00
CA THR A 126 -49.70 -27.49 -2.15
C THR A 126 -48.55 -26.65 -2.66
N THR A 127 -48.34 -26.65 -3.98
CA THR A 127 -47.17 -26.04 -4.59
C THR A 127 -47.58 -25.10 -5.71
N THR A 128 -48.63 -24.31 -5.50
CA THR A 128 -49.12 -23.39 -6.52
C THR A 128 -49.35 -22.00 -5.94
N GLY A 129 -48.51 -21.59 -4.99
CA GLY A 129 -48.65 -20.28 -4.40
C GLY A 129 -48.12 -19.18 -5.30
N GLY A 130 -48.61 -17.97 -5.05
CA GLY A 130 -48.18 -16.82 -5.83
C GLY A 130 -48.68 -15.54 -5.22
N SER A 131 -48.10 -14.43 -5.68
CA SER A 131 -48.43 -13.12 -5.15
C SER A 131 -48.62 -12.15 -6.30
N MET A 132 -49.40 -11.09 -6.04
CA MET A 132 -49.58 -10.03 -7.01
C MET A 132 -48.36 -9.13 -7.13
N ALA A 133 -47.40 -9.24 -6.21
CA ALA A 133 -46.14 -8.53 -6.37
C ALA A 133 -45.38 -9.05 -7.58
N CYS A 134 -45.26 -10.37 -7.70
CA CYS A 134 -44.68 -11.00 -8.89
C CYS A 134 -45.79 -11.48 -9.82
N ALA A 135 -46.53 -10.52 -10.37
CA ALA A 135 -47.71 -10.80 -11.16
C ALA A 135 -47.35 -10.95 -12.63
N VAL A 136 -47.95 -11.94 -13.28
CA VAL A 136 -47.78 -12.19 -14.71
C VAL A 136 -49.14 -12.05 -15.38
N SER A 137 -49.28 -11.06 -16.24
CA SER A 137 -50.52 -10.81 -16.98
C SER A 137 -51.71 -10.67 -16.03
N GLY A 138 -51.50 -9.99 -14.92
CA GLY A 138 -52.55 -9.75 -13.95
C GLY A 138 -52.72 -10.81 -12.87
N LYS A 139 -52.80 -12.07 -13.25
CA LYS A 139 -52.98 -13.14 -12.29
C LYS A 139 -51.70 -13.31 -11.45
N PRO A 140 -51.83 -13.78 -10.21
CA PRO A 140 -50.66 -13.94 -9.35
C PRO A 140 -49.70 -15.00 -9.86
N SER A 141 -48.42 -14.82 -9.53
CA SER A 141 -47.38 -15.78 -9.88
C SER A 141 -46.27 -15.69 -8.84
N PHE A 142 -45.16 -16.37 -9.11
CA PHE A 142 -44.08 -16.47 -8.14
C PHE A 142 -42.75 -16.63 -8.90
N PHE A 143 -41.68 -16.80 -8.14
CA PHE A 143 -40.37 -17.08 -8.75
C PHE A 143 -40.41 -18.40 -9.50
N ARG A 144 -39.59 -18.49 -10.54
CA ARG A 144 -39.58 -19.65 -11.42
C ARG A 144 -38.48 -20.65 -11.09
N ASN A 145 -37.78 -20.45 -9.97
CA ASN A 145 -36.79 -21.40 -9.52
C ASN A 145 -37.04 -21.84 -8.07
N MET A 146 -38.17 -21.44 -7.48
CA MET A 146 -38.48 -21.77 -6.09
C MET A 146 -39.91 -22.26 -6.00
N VAL A 147 -40.19 -23.02 -4.94
CA VAL A 147 -41.51 -23.59 -4.68
C VAL A 147 -42.01 -23.08 -3.33
N TRP A 148 -43.21 -22.54 -3.32
CA TRP A 148 -43.86 -22.08 -2.10
C TRP A 148 -44.76 -23.20 -1.58
N LEU A 149 -44.37 -23.82 -0.48
CA LEU A 149 -45.13 -24.92 0.10
C LEU A 149 -46.22 -24.38 1.00
N THR A 150 -47.45 -24.85 0.78
CA THR A 150 -48.62 -24.38 1.47
C THR A 150 -49.44 -25.57 1.93
N THR A 151 -50.21 -25.41 3.00
CA THR A 151 -51.00 -26.49 3.55
C THR A 151 -51.95 -27.06 2.51
N LYS A 152 -52.14 -28.39 2.56
CA LYS A 152 -53.04 -29.11 1.67
C LYS A 152 -54.18 -29.64 2.52
N GLY A 153 -55.37 -29.07 2.34
CA GLY A 153 -56.44 -29.28 3.28
C GLY A 153 -56.09 -28.63 4.59
N PRO A 154 -56.66 -29.11 5.69
CA PRO A 154 -56.30 -28.61 7.02
C PRO A 154 -55.15 -29.39 7.66
N ASN A 155 -54.03 -29.50 6.96
CA ASN A 155 -52.90 -30.26 7.47
C ASN A 155 -51.63 -29.83 6.75
N TYR A 156 -50.55 -29.66 7.52
CA TYR A 156 -49.22 -29.37 7.00
C TYR A 156 -48.27 -30.39 7.59
N PRO A 157 -48.07 -31.52 6.92
CA PRO A 157 -47.13 -32.52 7.43
C PRO A 157 -45.69 -32.02 7.37
N VAL A 158 -44.84 -32.67 8.16
CA VAL A 158 -43.43 -32.30 8.21
C VAL A 158 -42.81 -32.52 6.82
N ALA A 159 -42.37 -31.42 6.20
CA ALA A 159 -41.78 -31.47 4.88
C ALA A 159 -40.29 -31.81 5.00
N GLN A 160 -39.87 -32.85 4.30
CA GLN A 160 -38.50 -33.33 4.33
C GLN A 160 -37.98 -33.51 2.92
N GLY A 161 -36.70 -33.22 2.73
CA GLY A 161 -36.08 -33.39 1.43
C GLY A 161 -34.58 -33.50 1.58
N SER A 162 -33.95 -34.09 0.56
CA SER A 162 -32.51 -34.30 0.60
C SER A 162 -31.96 -34.39 -0.81
N TYR A 163 -30.70 -33.99 -0.97
CA TYR A 163 -30.02 -34.11 -2.24
C TYR A 163 -28.55 -34.46 -2.04
N ASN A 164 -28.05 -35.39 -2.84
CA ASN A 164 -26.65 -35.79 -2.85
C ASN A 164 -25.99 -35.26 -4.11
N ASN A 165 -24.84 -34.60 -3.95
CA ASN A 165 -24.17 -33.92 -5.05
C ASN A 165 -23.38 -34.93 -5.88
N THR A 166 -24.02 -35.48 -6.90
CA THR A 166 -23.40 -36.39 -7.84
C THR A 166 -23.34 -35.78 -9.23
N SER A 167 -23.05 -34.49 -9.30
CA SER A 167 -23.05 -33.75 -10.56
C SER A 167 -21.66 -33.57 -11.15
N GLY A 168 -20.63 -33.46 -10.31
CA GLY A 168 -19.28 -33.35 -10.82
C GLY A 168 -18.50 -32.17 -10.30
N GLU A 169 -19.19 -31.11 -9.88
CA GLU A 169 -18.54 -29.90 -9.41
C GLU A 169 -19.32 -29.34 -8.22
N GLN A 170 -18.84 -28.22 -7.70
CA GLN A 170 -19.53 -27.55 -6.60
C GLN A 170 -20.85 -26.96 -7.08
N MET A 171 -21.84 -26.95 -6.19
CA MET A 171 -23.18 -26.49 -6.52
C MET A 171 -23.59 -25.36 -5.60
N LEU A 172 -24.39 -24.44 -6.12
CA LEU A 172 -24.90 -23.30 -5.36
C LEU A 172 -26.39 -23.47 -5.15
N ILE A 173 -26.83 -23.41 -3.89
CA ILE A 173 -28.23 -23.68 -3.55
C ILE A 173 -28.77 -22.50 -2.74
N ILE A 174 -29.97 -22.04 -3.10
CA ILE A 174 -30.62 -20.91 -2.44
C ILE A 174 -31.97 -21.38 -1.92
N TRP A 175 -32.28 -21.03 -0.67
CA TRP A 175 -33.58 -21.29 -0.07
C TRP A 175 -34.08 -20.04 0.65
N GLY A 176 -35.31 -20.10 1.14
CA GLY A 176 -35.93 -18.93 1.74
C GLY A 176 -36.84 -19.27 2.90
N VAL A 177 -37.17 -18.24 3.66
CA VAL A 177 -38.04 -18.32 4.83
C VAL A 177 -39.03 -17.16 4.78
N HIS A 178 -40.30 -17.46 5.05
CA HIS A 178 -41.39 -16.49 4.93
C HIS A 178 -41.75 -15.93 6.31
N HIS A 179 -41.73 -14.61 6.42
CA HIS A 179 -42.19 -13.92 7.63
C HIS A 179 -43.52 -13.24 7.33
N PRO A 180 -44.62 -13.69 7.92
CA PRO A 180 -45.94 -13.15 7.58
C PRO A 180 -46.20 -11.82 8.28
N ASN A 181 -47.41 -11.31 8.09
CA ASN A 181 -47.84 -10.03 8.64
C ASN A 181 -48.67 -10.17 9.91
N ASP A 182 -49.46 -11.24 10.04
CA ASP A 182 -50.31 -11.42 11.20
C ASP A 182 -50.52 -12.91 11.42
N GLU A 183 -51.03 -13.25 12.61
CA GLU A 183 -51.27 -14.64 12.95
C GLU A 183 -52.36 -15.26 12.06
N ALA A 184 -53.31 -14.45 11.61
CA ALA A 184 -54.40 -14.97 10.79
C ALA A 184 -53.89 -15.57 9.48
N GLU A 185 -52.97 -14.87 8.81
CA GLU A 185 -52.46 -15.39 7.55
C GLU A 185 -51.49 -16.55 7.78
N GLN A 186 -50.79 -16.55 8.91
CA GLN A 186 -49.96 -17.70 9.26
C GLN A 186 -50.81 -18.96 9.42
N ARG A 187 -51.96 -18.82 10.08
CA ARG A 187 -52.85 -19.97 10.22
C ARG A 187 -53.50 -20.34 8.89
N ALA A 188 -53.85 -19.33 8.09
CA ALA A 188 -54.49 -19.61 6.80
C ALA A 188 -53.53 -20.21 5.78
N LEU A 189 -52.23 -20.10 6.01
CA LEU A 189 -51.25 -20.65 5.08
C LEU A 189 -50.63 -21.96 5.55
N TYR A 190 -50.25 -22.06 6.83
CA TYR A 190 -49.52 -23.22 7.32
C TYR A 190 -50.22 -23.98 8.44
N GLN A 191 -51.26 -23.41 9.04
CA GLN A 191 -52.20 -24.11 9.92
C GLN A 191 -51.54 -24.42 11.27
N LYS A 192 -50.24 -24.18 11.40
CA LYS A 192 -49.56 -24.41 12.67
C LYS A 192 -48.72 -23.19 13.04
N VAL A 193 -48.55 -22.99 14.33
CA VAL A 193 -47.72 -21.92 14.86
C VAL A 193 -46.50 -22.52 15.52
N GLY A 194 -45.49 -21.69 15.74
CA GLY A 194 -44.23 -22.16 16.28
C GLY A 194 -43.49 -23.08 15.33
N THR A 195 -43.45 -22.72 14.06
CA THR A 195 -42.82 -23.53 13.03
C THR A 195 -41.32 -23.25 12.98
N TYR A 196 -40.60 -24.06 12.21
CA TYR A 196 -39.17 -23.91 12.05
C TYR A 196 -38.75 -24.38 10.67
N VAL A 197 -37.58 -23.92 10.24
CA VAL A 197 -36.96 -24.34 8.99
C VAL A 197 -35.52 -24.72 9.29
N SER A 198 -35.14 -25.95 8.97
CA SER A 198 -33.81 -26.48 9.26
C SER A 198 -33.14 -26.89 7.96
N ALA A 199 -31.92 -26.38 7.75
CA ALA A 199 -31.10 -26.75 6.60
C ALA A 199 -29.75 -27.27 7.11
N SER A 200 -29.32 -28.40 6.57
CA SER A 200 -28.14 -29.05 7.14
C SER A 200 -27.27 -29.69 6.05
N THR A 201 -25.96 -29.47 6.16
CA THR A 201 -24.99 -30.21 5.36
C THR A 201 -23.92 -30.78 6.27
N SER A 202 -22.84 -31.33 5.70
CA SER A 202 -21.76 -31.84 6.51
C SER A 202 -21.02 -30.73 7.24
N THR A 203 -20.97 -29.53 6.65
CA THR A 203 -20.29 -28.40 7.26
C THR A 203 -21.23 -27.24 7.57
N LEU A 204 -22.54 -27.42 7.40
CA LEU A 204 -23.49 -26.36 7.66
C LEU A 204 -24.68 -26.87 8.47
N TYR A 205 -25.06 -26.08 9.46
CA TYR A 205 -26.29 -26.27 10.23
C TYR A 205 -26.97 -24.92 10.36
N LYS A 206 -28.30 -24.90 10.18
CA LYS A 206 -29.04 -23.66 10.33
C LYS A 206 -30.49 -23.96 10.70
N ARG A 207 -30.99 -23.25 11.70
CA ARG A 207 -32.38 -23.34 12.11
C ARG A 207 -32.95 -21.93 12.22
N SER A 208 -34.09 -21.70 11.58
CA SER A 208 -34.74 -20.40 11.55
C SER A 208 -36.18 -20.52 11.98
N ILE A 209 -36.67 -19.47 12.63
CA ILE A 209 -38.05 -19.41 13.11
C ILE A 209 -38.74 -18.22 12.47
N PRO A 210 -39.95 -18.37 11.95
CA PRO A 210 -40.67 -17.22 11.40
C PRO A 210 -40.98 -16.19 12.48
N GLU A 211 -40.99 -14.93 12.08
CA GLU A 211 -41.31 -13.82 12.97
C GLU A 211 -42.46 -13.03 12.39
N ILE A 212 -43.54 -12.92 13.15
CA ILE A 212 -44.79 -12.31 12.71
C ILE A 212 -44.89 -10.94 13.35
N ALA A 213 -45.01 -9.90 12.52
CA ALA A 213 -45.13 -8.54 13.02
C ALA A 213 -45.62 -7.64 11.88
N ALA A 214 -46.44 -6.66 12.24
CA ALA A 214 -46.87 -5.67 11.26
C ALA A 214 -45.69 -4.80 10.85
N ARG A 215 -45.57 -4.55 9.56
CA ARG A 215 -44.43 -3.84 9.01
C ARG A 215 -44.93 -2.83 7.98
N PRO A 216 -44.14 -1.80 7.70
CA PRO A 216 -44.50 -0.87 6.62
C PRO A 216 -44.65 -1.61 5.30
N LYS A 217 -45.62 -1.17 4.51
CA LYS A 217 -45.99 -1.88 3.29
C LYS A 217 -45.03 -1.53 2.16
N VAL A 218 -44.34 -2.53 1.64
CA VAL A 218 -43.48 -2.40 0.46
C VAL A 218 -44.07 -3.26 -0.64
N ASN A 219 -44.28 -2.66 -1.81
CA ASN A 219 -44.93 -3.32 -2.95
C ASN A 219 -46.35 -3.75 -2.63
N GLY A 220 -46.93 -3.24 -1.55
CA GLY A 220 -48.29 -3.55 -1.18
C GLY A 220 -48.46 -4.60 -0.10
N LEU A 221 -47.38 -5.15 0.43
CA LEU A 221 -47.45 -6.22 1.41
C LEU A 221 -46.63 -5.86 2.65
N GLY A 222 -47.11 -6.32 3.79
CA GLY A 222 -46.38 -6.21 5.04
C GLY A 222 -45.56 -7.42 5.40
N SER A 223 -45.54 -8.44 4.54
CA SER A 223 -44.78 -9.65 4.78
C SER A 223 -43.42 -9.58 4.10
N ARG A 224 -42.53 -10.49 4.47
CA ARG A 224 -41.18 -10.49 3.96
C ARG A 224 -40.73 -11.92 3.64
N MET A 225 -39.70 -12.02 2.81
CA MET A 225 -39.04 -13.28 2.50
C MET A 225 -37.54 -13.10 2.65
N GLU A 226 -36.92 -13.94 3.46
CA GLU A 226 -35.49 -13.87 3.74
C GLU A 226 -34.80 -15.06 3.07
N PHE A 227 -33.81 -14.78 2.22
CA PHE A 227 -33.17 -15.79 1.40
C PHE A 227 -31.74 -16.03 1.88
N SER A 228 -31.31 -17.29 1.81
CA SER A 228 -29.96 -17.68 2.16
C SER A 228 -29.43 -18.65 1.11
N TRP A 229 -28.11 -18.78 1.06
CA TRP A 229 -27.45 -19.60 0.04
C TRP A 229 -26.31 -20.39 0.67
N THR A 230 -25.91 -21.44 -0.04
CA THR A 230 -24.79 -22.28 0.39
C THR A 230 -24.11 -22.88 -0.83
N LEU A 231 -22.87 -23.32 -0.60
CA LEU A 231 -22.04 -23.96 -1.62
C LEU A 231 -21.84 -25.42 -1.21
N LEU A 232 -22.58 -26.31 -1.85
CA LEU A 232 -22.49 -27.74 -1.59
C LEU A 232 -21.31 -28.33 -2.36
N ASP A 233 -20.46 -29.06 -1.65
CA ASP A 233 -19.28 -29.66 -2.23
C ASP A 233 -19.62 -31.01 -2.88
N MET A 234 -18.63 -31.56 -3.57
CA MET A 234 -18.83 -32.83 -4.27
C MET A 234 -19.04 -33.96 -3.27
N TRP A 235 -19.93 -34.89 -3.64
CA TRP A 235 -20.26 -36.06 -2.83
C TRP A 235 -20.80 -35.70 -1.46
N ASP A 236 -21.37 -34.51 -1.31
CA ASP A 236 -21.97 -34.07 -0.07
C ASP A 236 -23.49 -34.10 -0.19
N THR A 237 -24.17 -34.03 0.95
CA THR A 237 -25.61 -34.13 1.01
C THR A 237 -26.19 -32.93 1.75
N ILE A 238 -27.32 -32.44 1.26
CA ILE A 238 -28.05 -31.33 1.87
C ILE A 238 -29.42 -31.83 2.28
N ASN A 239 -29.84 -31.48 3.50
CA ASN A 239 -31.10 -31.91 4.09
C ASN A 239 -31.95 -30.70 4.43
N PHE A 240 -33.21 -30.74 4.01
CA PHE A 240 -34.21 -29.72 4.29
C PHE A 240 -35.30 -30.32 5.15
N GLU A 241 -35.64 -29.63 6.24
CA GLU A 241 -36.76 -30.02 7.09
C GLU A 241 -37.55 -28.77 7.44
N SER A 242 -38.88 -28.90 7.47
CA SER A 242 -39.70 -27.73 7.77
C SER A 242 -41.08 -28.14 8.26
N THR A 243 -41.53 -27.49 9.32
CA THR A 243 -42.91 -27.59 9.75
C THR A 243 -43.77 -26.44 9.25
N GLY A 244 -43.20 -25.56 8.43
CA GLY A 244 -43.92 -24.43 7.87
C GLY A 244 -42.98 -23.32 7.49
N ASN A 245 -43.47 -22.47 6.58
CA ASN A 245 -42.77 -21.26 6.16
C ASN A 245 -41.45 -21.57 5.45
N LEU A 246 -41.50 -22.49 4.51
CA LEU A 246 -40.33 -22.88 3.73
C LEU A 246 -40.56 -22.55 2.26
N VAL A 247 -39.60 -21.89 1.65
CA VAL A 247 -39.58 -21.64 0.22
C VAL A 247 -38.46 -22.51 -0.35
N ALA A 248 -38.83 -23.67 -0.87
CA ALA A 248 -37.84 -24.69 -1.22
C ALA A 248 -37.23 -24.41 -2.58
N PRO A 249 -36.00 -24.85 -2.80
CA PRO A 249 -35.39 -24.72 -4.13
C PRO A 249 -35.81 -25.85 -5.06
N GLU A 250 -35.96 -25.52 -6.33
CA GLU A 250 -36.20 -26.52 -7.37
C GLU A 250 -34.97 -26.78 -8.22
N TYR A 251 -34.08 -25.81 -8.34
CA TYR A 251 -32.90 -25.93 -9.18
C TYR A 251 -31.65 -25.58 -8.38
N GLY A 252 -30.52 -26.10 -8.84
CA GLY A 252 -29.24 -25.75 -8.29
C GLY A 252 -28.27 -25.41 -9.39
N PHE A 253 -27.30 -24.55 -9.07
CA PHE A 253 -26.40 -24.00 -10.06
C PHE A 253 -25.02 -24.64 -9.89
N LYS A 254 -24.67 -25.50 -10.84
CA LYS A 254 -23.37 -26.15 -10.87
C LYS A 254 -22.36 -25.24 -11.57
N ILE A 255 -21.17 -25.12 -10.98
CA ILE A 255 -20.11 -24.28 -11.53
C ILE A 255 -19.40 -25.11 -12.61
N SER A 256 -19.68 -24.78 -13.87
CA SER A 256 -19.09 -25.53 -14.98
C SER A 256 -17.71 -24.98 -15.34
N LYS A 257 -17.63 -23.70 -15.68
CA LYS A 257 -16.38 -23.06 -16.04
C LYS A 257 -15.95 -22.07 -14.96
N ARG A 258 -14.64 -21.98 -14.77
CA ARG A 258 -14.05 -21.09 -13.77
C ARG A 258 -12.97 -20.26 -14.43
N GLY A 259 -12.72 -19.08 -13.84
CA GLY A 259 -11.71 -18.20 -14.39
C GLY A 259 -11.80 -16.82 -13.77
N SER A 260 -11.16 -15.86 -14.43
CA SER A 260 -11.12 -14.48 -13.96
C SER A 260 -12.21 -13.69 -14.67
N SER A 261 -13.25 -13.33 -13.94
CA SER A 261 -14.37 -12.55 -14.46
C SER A 261 -14.64 -11.37 -13.55
N GLY A 262 -15.75 -10.67 -13.77
CA GLY A 262 -16.09 -9.56 -12.90
C GLY A 262 -17.47 -9.05 -13.21
N ILE A 263 -17.90 -8.08 -12.42
CA ILE A 263 -19.20 -7.42 -12.57
C ILE A 263 -18.93 -5.95 -12.90
N MET A 264 -19.39 -5.52 -14.07
CA MET A 264 -19.21 -4.15 -14.54
C MET A 264 -20.53 -3.41 -14.38
N LYS A 265 -20.50 -2.28 -13.67
CA LYS A 265 -21.69 -1.48 -13.42
C LYS A 265 -21.80 -0.42 -14.51
N THR A 266 -22.68 -0.65 -15.47
CA THR A 266 -22.88 0.26 -16.60
C THR A 266 -24.37 0.34 -16.92
N GLU A 267 -24.72 1.33 -17.73
CA GLU A 267 -26.08 1.50 -18.22
C GLU A 267 -26.17 1.35 -19.73
N GLY A 268 -25.11 0.91 -20.40
CA GLY A 268 -25.09 0.79 -21.84
C GLY A 268 -25.59 -0.56 -22.32
N THR A 269 -25.42 -0.79 -23.62
CA THR A 269 -25.86 -2.01 -24.27
C THR A 269 -24.71 -2.62 -25.05
N LEU A 270 -24.74 -3.94 -25.18
CA LEU A 270 -23.68 -4.64 -25.88
C LEU A 270 -23.74 -4.36 -27.38
N GLU A 271 -22.58 -4.13 -27.97
CA GLU A 271 -22.45 -3.87 -29.39
C GLU A 271 -21.42 -4.81 -29.99
N ASN A 272 -21.60 -5.15 -31.26
CA ASN A 272 -20.77 -6.15 -31.91
C ASN A 272 -19.37 -5.60 -32.16
N CYS A 273 -18.40 -6.08 -31.40
CA CYS A 273 -17.01 -5.67 -31.56
C CYS A 273 -16.14 -6.86 -31.17
N GLU A 274 -14.87 -6.58 -30.91
CA GLU A 274 -14.00 -7.52 -30.21
C GLU A 274 -12.85 -6.72 -29.61
N THR A 275 -12.41 -7.12 -28.42
CA THR A 275 -11.34 -6.42 -27.73
C THR A 275 -10.69 -7.37 -26.74
N LYS A 276 -9.59 -6.92 -26.15
CA LYS A 276 -8.91 -7.66 -25.10
C LYS A 276 -8.98 -7.00 -23.74
N CYS A 277 -9.34 -5.72 -23.68
CA CYS A 277 -9.56 -5.03 -22.41
C CYS A 277 -10.86 -4.24 -22.49
N GLN A 278 -11.52 -4.12 -21.34
CA GLN A 278 -12.80 -3.43 -21.28
C GLN A 278 -12.88 -2.57 -20.03
N THR A 279 -13.34 -1.34 -20.19
CA THR A 279 -13.61 -0.39 -19.12
C THR A 279 -15.07 0.06 -19.25
N PRO A 280 -15.67 0.53 -18.16
CA PRO A 280 -17.08 0.94 -18.23
C PRO A 280 -17.37 2.00 -19.29
N LEU A 281 -16.44 2.93 -19.51
CA LEU A 281 -16.66 3.95 -20.54
C LEU A 281 -16.46 3.41 -21.94
N GLY A 282 -15.55 2.45 -22.12
CA GLY A 282 -15.29 1.91 -23.43
C GLY A 282 -14.15 0.91 -23.39
N ALA A 283 -13.80 0.43 -24.57
CA ALA A 283 -12.75 -0.56 -24.74
C ALA A 283 -11.42 0.12 -25.06
N ILE A 284 -10.35 -0.64 -24.92
CA ILE A 284 -8.99 -0.14 -25.12
C ILE A 284 -8.25 -1.11 -26.04
N ASN A 285 -7.77 -0.60 -27.17
CA ASN A 285 -7.05 -1.39 -28.17
C ASN A 285 -5.66 -0.76 -28.35
N THR A 286 -4.72 -1.15 -27.50
CA THR A 286 -3.40 -0.52 -27.49
C THR A 286 -2.33 -1.58 -27.21
N THR A 287 -1.08 -1.13 -27.36
CA THR A 287 0.08 -1.89 -26.92
C THR A 287 0.92 -1.11 -25.92
N LEU A 288 0.50 0.10 -25.55
CA LEU A 288 1.20 0.97 -24.63
C LEU A 288 1.11 0.45 -23.19
N PRO A 289 2.05 0.83 -22.33
CA PRO A 289 2.04 0.29 -20.97
C PRO A 289 0.99 0.90 -20.06
N PHE A 290 0.63 2.17 -20.24
CA PHE A 290 -0.18 2.90 -19.28
C PHE A 290 -1.45 3.43 -19.94
N HIS A 291 -2.40 3.82 -19.09
CA HIS A 291 -3.63 4.48 -19.53
C HIS A 291 -4.20 5.25 -18.35
N ASN A 292 -5.15 6.14 -18.66
CA ASN A 292 -5.83 6.92 -17.63
C ASN A 292 -7.32 7.05 -17.90
N VAL A 293 -7.93 6.03 -18.50
CA VAL A 293 -9.36 6.10 -18.83
C VAL A 293 -10.22 5.83 -17.61
N HIS A 294 -10.08 4.64 -17.02
CA HIS A 294 -10.95 4.26 -15.91
C HIS A 294 -10.23 3.28 -14.99
N PRO A 295 -10.28 3.48 -13.67
CA PRO A 295 -9.60 2.54 -12.77
C PRO A 295 -10.11 1.12 -12.85
N LEU A 296 -11.42 0.93 -12.98
CA LEU A 296 -11.99 -0.42 -13.07
C LEU A 296 -11.83 -0.96 -14.47
N THR A 297 -11.40 -2.22 -14.56
CA THR A 297 -11.02 -2.80 -15.84
C THR A 297 -11.04 -4.31 -15.72
N ILE A 298 -11.56 -4.99 -16.75
CA ILE A 298 -11.59 -6.44 -16.81
C ILE A 298 -10.78 -6.89 -18.02
N GLY A 299 -9.82 -7.78 -17.78
CA GLY A 299 -8.97 -8.30 -18.84
C GLY A 299 -7.54 -7.83 -18.68
N GLU A 300 -6.69 -8.32 -19.59
CA GLU A 300 -5.29 -7.91 -19.62
C GLU A 300 -5.22 -6.50 -20.23
N CYS A 301 -4.85 -5.52 -19.41
CA CYS A 301 -4.93 -4.13 -19.79
C CYS A 301 -3.69 -3.39 -19.32
N PRO A 302 -3.35 -2.27 -19.96
CA PRO A 302 -2.31 -1.39 -19.43
C PRO A 302 -2.64 -0.92 -18.03
N LYS A 303 -1.62 -0.47 -17.33
CA LYS A 303 -1.76 -0.01 -15.95
C LYS A 303 -2.39 1.38 -15.92
N TYR A 304 -2.82 1.79 -14.73
CA TYR A 304 -3.60 3.02 -14.54
C TYR A 304 -2.84 3.98 -13.65
N VAL A 305 -2.78 5.24 -14.08
CA VAL A 305 -2.14 6.32 -13.32
C VAL A 305 -2.94 7.59 -13.55
N LYS A 306 -3.09 8.40 -12.50
CA LYS A 306 -3.81 9.67 -12.61
C LYS A 306 -2.85 10.74 -13.14
N SER A 307 -2.61 10.68 -14.44
CA SER A 307 -1.72 11.62 -15.10
C SER A 307 -2.34 12.07 -16.42
N GLU A 308 -1.92 13.24 -16.88
CA GLU A 308 -2.39 13.80 -18.13
C GLU A 308 -1.41 13.60 -19.28
N LYS A 309 -0.11 13.59 -19.01
CA LYS A 309 0.88 13.40 -20.05
C LYS A 309 2.12 12.72 -19.48
N LEU A 310 2.58 11.68 -20.17
CA LEU A 310 3.79 10.94 -19.80
C LEU A 310 4.58 10.70 -21.09
N VAL A 311 5.50 11.60 -21.40
CA VAL A 311 6.24 11.58 -22.65
C VAL A 311 7.72 11.45 -22.34
N LEU A 312 8.37 10.46 -22.95
CA LEU A 312 9.80 10.22 -22.80
C LEU A 312 10.54 10.83 -23.98
N ALA A 313 11.60 11.58 -23.68
CA ALA A 313 12.43 12.16 -24.72
C ALA A 313 13.37 11.10 -25.26
N THR A 314 13.34 10.87 -26.58
CA THR A 314 14.23 9.93 -27.24
C THR A 314 15.15 10.61 -28.25
N GLY A 315 15.07 11.94 -28.37
CA GLY A 315 15.88 12.67 -29.32
C GLY A 315 16.52 13.87 -28.67
N LEU A 316 17.33 14.58 -29.48
CA LEU A 316 18.08 15.71 -28.97
C LEU A 316 17.15 16.90 -28.73
N ARG A 317 17.73 17.95 -28.16
CA ARG A 317 17.01 19.20 -27.96
C ARG A 317 17.04 20.01 -29.26
N ASN A 318 15.87 20.49 -29.68
CA ASN A 318 15.72 21.17 -30.96
C ASN A 318 16.05 22.65 -30.77
N VAL A 319 17.26 23.03 -31.13
CA VAL A 319 17.67 24.43 -31.11
C VAL A 319 18.22 24.78 -32.49
N PRO A 320 17.38 25.22 -33.43
CA PRO A 320 17.89 25.55 -34.77
C PRO A 320 18.83 26.74 -34.74
N GLN A 321 19.76 26.75 -35.70
CA GLN A 321 20.77 27.80 -35.77
C GLN A 321 20.16 29.12 -36.20
N ILE A 331 29.90 27.56 -41.70
CA ILE A 331 28.99 27.13 -40.64
C ILE A 331 29.77 27.01 -39.34
N ALA A 332 29.05 27.08 -38.21
CA ALA A 332 29.69 27.19 -36.90
C ALA A 332 30.03 25.82 -36.31
N GLY A 333 29.01 24.99 -36.09
CA GLY A 333 29.24 23.74 -35.39
C GLY A 333 28.13 23.39 -34.42
N PHE A 334 28.47 23.04 -33.18
CA PHE A 334 27.48 22.59 -32.22
C PHE A 334 27.19 23.60 -31.11
N ILE A 335 28.11 24.50 -30.79
CA ILE A 335 27.86 25.46 -29.73
C ILE A 335 26.80 26.48 -30.16
N GLU A 336 26.88 26.94 -31.41
CA GLU A 336 25.92 27.94 -31.88
C GLU A 336 24.50 27.36 -31.95
N GLY A 337 24.37 26.14 -32.43
CA GLY A 337 23.06 25.52 -32.52
C GLY A 337 23.10 24.28 -33.39
N GLY A 338 21.91 23.73 -33.62
CA GLY A 338 21.78 22.52 -34.41
C GLY A 338 21.82 22.79 -35.90
N TRP A 339 21.77 21.70 -36.67
CA TRP A 339 21.78 21.75 -38.12
C TRP A 339 20.51 21.14 -38.67
N GLN A 340 19.92 21.79 -39.67
CA GLN A 340 18.78 21.22 -40.37
C GLN A 340 19.20 20.40 -41.60
N GLY A 341 20.44 20.53 -42.06
CA GLY A 341 20.89 19.77 -43.20
C GLY A 341 21.27 18.34 -42.90
N MET A 342 21.45 18.01 -41.63
CA MET A 342 21.78 16.63 -41.25
C MET A 342 20.50 15.81 -41.24
N VAL A 343 20.35 14.91 -42.20
CA VAL A 343 19.16 14.09 -42.34
C VAL A 343 19.47 12.61 -42.27
N ASP A 344 20.70 12.24 -41.91
CA ASP A 344 21.12 10.85 -41.87
C ASP A 344 21.11 10.30 -40.45
N GLY A 345 21.78 10.96 -39.52
CA GLY A 345 21.86 10.48 -38.15
C GLY A 345 21.63 11.55 -37.10
N TRP A 346 22.32 11.43 -35.97
CA TRP A 346 22.16 12.32 -34.84
C TRP A 346 23.34 13.26 -34.66
N TYR A 347 24.55 12.74 -34.70
CA TYR A 347 25.77 13.54 -34.60
C TYR A 347 26.57 13.37 -35.89
N GLY A 348 27.26 14.43 -36.30
CA GLY A 348 27.98 14.33 -37.55
C GLY A 348 28.90 15.50 -37.79
N TYR A 349 29.45 15.53 -39.01
CA TYR A 349 30.44 16.50 -39.44
C TYR A 349 29.94 17.27 -40.65
N HIS A 350 30.51 18.45 -40.84
CA HIS A 350 30.44 19.19 -42.08
C HIS A 350 31.86 19.50 -42.53
N HIS A 351 32.17 19.22 -43.79
CA HIS A 351 33.50 19.43 -44.32
C HIS A 351 33.45 20.38 -45.50
N SER A 352 34.50 21.18 -45.64
CA SER A 352 34.62 22.15 -46.74
C SER A 352 36.07 22.17 -47.19
N ASN A 353 36.32 21.66 -48.40
CA ASN A 353 37.65 21.62 -48.99
C ASN A 353 37.58 22.10 -50.44
N ASP A 354 38.73 22.10 -51.11
CA ASP A 354 38.80 22.63 -52.47
C ASP A 354 37.94 21.83 -53.44
N GLN A 355 37.66 20.57 -53.13
CA GLN A 355 36.82 19.73 -53.97
C GLN A 355 35.34 19.78 -53.58
N GLY A 356 34.93 20.75 -52.76
CA GLY A 356 33.53 20.91 -52.49
C GLY A 356 33.26 21.02 -51.00
N SER A 357 32.05 20.60 -50.62
CA SER A 357 31.62 20.69 -49.23
C SER A 357 30.43 19.77 -49.03
N GLY A 358 30.12 19.48 -47.78
CA GLY A 358 28.93 18.72 -47.50
C GLY A 358 28.86 18.23 -46.08
N TYR A 359 27.70 17.68 -45.75
CA TYR A 359 27.39 17.09 -44.45
C TYR A 359 27.63 15.59 -44.48
N ALA A 360 27.84 15.02 -43.30
CA ALA A 360 27.99 13.58 -43.17
C ALA A 360 27.67 13.20 -41.73
N ALA A 361 27.33 11.93 -41.53
CA ALA A 361 26.95 11.42 -40.23
C ALA A 361 27.95 10.39 -39.74
N ASP A 362 28.04 10.25 -38.42
CA ASP A 362 28.92 9.28 -37.78
C ASP A 362 28.08 8.09 -37.35
N LYS A 363 28.41 6.91 -37.89
CA LYS A 363 27.60 5.73 -37.64
C LYS A 363 27.78 5.21 -36.21
N GLU A 364 29.02 5.18 -35.72
CA GLU A 364 29.30 4.52 -34.45
C GLU A 364 28.60 5.20 -33.28
N SER A 365 28.79 6.52 -33.15
CA SER A 365 28.21 7.24 -32.01
C SER A 365 26.69 7.26 -32.09
N THR A 366 26.15 7.47 -33.30
CA THR A 366 24.71 7.48 -33.47
C THR A 366 24.11 6.14 -33.09
N GLN A 367 24.74 5.04 -33.51
CA GLN A 367 24.23 3.73 -33.15
C GLN A 367 24.33 3.48 -31.65
N LYS A 368 25.45 3.86 -31.03
CA LYS A 368 25.58 3.65 -29.60
C LYS A 368 24.49 4.40 -28.83
N ALA A 369 24.25 5.66 -29.19
CA ALA A 369 23.19 6.42 -28.54
C ALA A 369 21.81 5.82 -28.81
N PHE A 370 21.60 5.30 -30.03
CA PHE A 370 20.30 4.73 -30.38
C PHE A 370 19.99 3.50 -29.54
N ASP A 371 20.94 2.56 -29.44
CA ASP A 371 20.73 1.41 -28.56
C ASP A 371 20.60 1.82 -27.10
N GLY A 372 21.35 2.83 -26.67
CA GLY A 372 21.20 3.29 -25.29
C GLY A 372 19.79 3.76 -25.00
N ILE A 373 19.23 4.59 -25.89
CA ILE A 373 17.89 5.12 -25.67
C ILE A 373 16.84 4.02 -25.79
N THR A 374 17.02 3.09 -26.73
CA THR A 374 16.09 1.97 -26.85
C THR A 374 16.10 1.13 -25.59
N ASN A 375 17.28 0.87 -25.04
CA ASN A 375 17.37 0.11 -23.78
C ASN A 375 16.69 0.86 -22.64
N LYS A 376 16.87 2.18 -22.58
CA LYS A 376 16.23 2.95 -21.52
C LYS A 376 14.70 2.86 -21.62
N VAL A 377 14.18 3.01 -22.84
CA VAL A 377 12.73 2.97 -23.03
C VAL A 377 12.19 1.59 -22.66
N ASN A 378 12.86 0.54 -23.11
CA ASN A 378 12.42 -0.82 -22.77
C ASN A 378 12.49 -1.07 -21.28
N SER A 379 13.54 -0.59 -20.62
CA SER A 379 13.67 -0.80 -19.19
C SER A 379 12.55 -0.11 -18.43
N VAL A 380 12.19 1.11 -18.84
CA VAL A 380 11.08 1.79 -18.18
C VAL A 380 9.78 1.03 -18.42
N ILE A 381 9.55 0.57 -19.65
CA ILE A 381 8.29 -0.09 -19.97
C ILE A 381 8.27 -1.51 -19.43
N GLU A 382 9.33 -2.29 -19.65
CA GLU A 382 9.34 -3.70 -19.32
C GLU A 382 9.67 -3.98 -17.86
N LYS A 383 9.56 -2.98 -16.98
CA LYS A 383 9.77 -3.19 -15.56
C LYS A 383 8.66 -2.51 -14.76
N MET A 384 8.00 -1.54 -15.38
CA MET A 384 6.87 -0.87 -14.74
C MET A 384 5.61 -1.70 -14.80
N ASN A 385 5.69 -2.93 -15.31
CA ASN A 385 4.55 -3.84 -15.26
C ASN A 385 4.39 -4.36 -13.84
N THR A 386 3.48 -5.32 -13.66
CA THR A 386 3.11 -5.82 -12.35
C THR A 386 2.70 -4.68 -11.42
N GLN A 387 1.79 -3.84 -11.93
CA GLN A 387 1.17 -2.81 -11.12
C GLN A 387 -0.03 -3.39 -10.40
N PHE A 388 -0.86 -2.53 -9.83
CA PHE A 388 -2.03 -2.98 -9.08
C PHE A 388 -3.16 -3.35 -10.03
N GLU A 389 -4.24 -3.88 -9.47
CA GLU A 389 -5.38 -4.35 -10.24
C GLU A 389 -6.58 -3.41 -10.17
N ALA A 390 -7.01 -3.05 -8.96
CA ALA A 390 -8.15 -2.15 -8.74
C ALA A 390 -9.41 -2.69 -9.41
N VAL A 391 -9.87 -3.83 -8.91
CA VAL A 391 -11.06 -4.48 -9.42
C VAL A 391 -12.22 -4.19 -8.46
N GLY A 392 -13.44 -4.43 -8.94
CA GLY A 392 -14.62 -4.05 -8.20
C GLY A 392 -14.90 -4.97 -7.02
N LYS A 393 -15.63 -4.41 -6.05
CA LYS A 393 -16.04 -5.13 -4.85
C LYS A 393 -17.15 -4.36 -4.15
N GLU A 394 -18.22 -5.05 -3.76
CA GLU A 394 -19.40 -4.42 -3.20
C GLU A 394 -19.50 -4.70 -1.70
N PHE A 395 -20.03 -3.74 -0.97
CA PHE A 395 -20.19 -3.84 0.47
C PHE A 395 -21.59 -3.39 0.86
N SER A 396 -22.03 -3.83 2.05
CA SER A 396 -23.36 -3.54 2.54
C SER A 396 -23.37 -2.23 3.32
N ASN A 397 -24.54 -1.89 3.87
CA ASN A 397 -24.70 -0.65 4.62
C ASN A 397 -24.19 -0.74 6.04
N LEU A 398 -23.92 -1.95 6.55
CA LEU A 398 -23.37 -2.13 7.88
C LEU A 398 -21.87 -2.46 7.84
N GLU A 399 -21.23 -2.33 6.68
CA GLU A 399 -19.81 -2.62 6.55
C GLU A 399 -19.08 -1.40 6.02
N LYS A 400 -19.37 -0.24 6.59
CA LYS A 400 -18.81 1.01 6.07
C LYS A 400 -17.32 1.12 6.34
N ARG A 401 -16.86 0.60 7.48
CA ARG A 401 -15.43 0.64 7.79
C ARG A 401 -14.63 -0.18 6.78
N LEU A 402 -15.14 -1.36 6.41
CA LEU A 402 -14.47 -2.19 5.43
C LEU A 402 -14.41 -1.50 4.07
N GLU A 403 -15.51 -0.85 3.67
CA GLU A 403 -15.53 -0.13 2.41
C GLU A 403 -14.52 1.02 2.42
N ASN A 404 -14.44 1.74 3.54
CA ASN A 404 -13.45 2.81 3.65
C ASN A 404 -12.03 2.27 3.57
N LEU A 405 -11.78 1.12 4.20
CA LEU A 405 -10.47 0.50 4.13
C LEU A 405 -10.11 0.15 2.69
N ASN A 406 -11.05 -0.45 1.96
CA ASN A 406 -10.81 -0.79 0.57
C ASN A 406 -10.52 0.45 -0.26
N LYS A 407 -11.31 1.51 -0.07
CA LYS A 407 -11.12 2.73 -0.83
C LYS A 407 -9.76 3.35 -0.55
N LYS A 408 -9.38 3.42 0.72
CA LYS A 408 -8.10 4.02 1.09
C LYS A 408 -6.93 3.22 0.53
N MET A 409 -7.01 1.89 0.60
CA MET A 409 -5.94 1.05 0.08
C MET A 409 -5.77 1.22 -1.43
N GLU A 410 -6.88 1.17 -2.17
CA GLU A 410 -6.80 1.35 -3.62
C GLU A 410 -6.25 2.72 -3.98
N ASP A 411 -6.77 3.77 -3.33
CA ASP A 411 -6.32 5.13 -3.63
C ASP A 411 -4.85 5.31 -3.32
N GLY A 412 -4.38 4.76 -2.19
CA GLY A 412 -2.98 4.91 -1.83
C GLY A 412 -2.06 4.25 -2.84
N PHE A 413 -2.39 3.03 -3.25
CA PHE A 413 -1.54 2.36 -4.23
C PHE A 413 -1.52 3.11 -5.56
N LEU A 414 -2.69 3.60 -6.00
CA LEU A 414 -2.74 4.35 -7.25
C LEU A 414 -1.90 5.62 -7.17
N ASP A 415 -1.98 6.34 -6.05
CA ASP A 415 -1.17 7.55 -5.88
C ASP A 415 0.32 7.23 -5.91
N VAL A 416 0.72 6.15 -5.23
CA VAL A 416 2.13 5.76 -5.21
C VAL A 416 2.63 5.50 -6.63
N TRP A 417 1.85 4.75 -7.41
CA TRP A 417 2.31 4.41 -8.75
C TRP A 417 2.33 5.65 -9.66
N THR A 418 1.38 6.56 -9.48
CA THR A 418 1.40 7.79 -10.25
C THR A 418 2.67 8.59 -9.97
N TYR A 419 3.02 8.73 -8.69
CA TYR A 419 4.26 9.39 -8.32
C TYR A 419 5.46 8.72 -8.96
N ASN A 420 5.52 7.38 -8.87
CA ASN A 420 6.67 6.66 -9.40
C ASN A 420 6.85 6.93 -10.88
N ALA A 421 5.76 6.80 -11.65
CA ALA A 421 5.85 7.00 -13.09
C ALA A 421 6.28 8.42 -13.44
N GLU A 422 5.67 9.41 -12.78
CA GLU A 422 5.98 10.80 -13.14
C GLU A 422 7.44 11.14 -12.85
N LEU A 423 7.91 10.80 -11.64
CA LEU A 423 9.28 11.13 -11.29
C LEU A 423 10.27 10.39 -12.18
N LEU A 424 9.98 9.12 -12.48
CA LEU A 424 10.84 8.36 -13.38
C LEU A 424 10.96 9.06 -14.73
N VAL A 425 9.83 9.45 -15.31
CA VAL A 425 9.87 10.07 -16.64
C VAL A 425 10.67 11.37 -16.60
N LEU A 426 10.45 12.20 -15.59
CA LEU A 426 11.18 13.47 -15.50
C LEU A 426 12.69 13.24 -15.43
N MET A 427 13.11 12.36 -14.51
CA MET A 427 14.54 12.14 -14.31
C MET A 427 15.19 11.55 -15.57
N GLU A 428 14.52 10.61 -16.23
CA GLU A 428 15.12 10.02 -17.42
C GLU A 428 15.18 11.02 -18.57
N ASN A 429 14.22 11.93 -18.69
CA ASN A 429 14.31 12.95 -19.72
C ASN A 429 15.52 13.85 -19.49
N GLU A 430 15.73 14.27 -18.24
CA GLU A 430 16.89 15.09 -17.93
C GLU A 430 18.19 14.34 -18.28
N ARG A 431 18.28 13.08 -17.87
CA ARG A 431 19.49 12.31 -18.13
C ARG A 431 19.71 12.10 -19.63
N THR A 432 18.64 11.93 -20.41
CA THR A 432 18.78 11.75 -21.85
C THR A 432 19.34 13.01 -22.51
N LEU A 433 18.84 14.18 -22.12
CA LEU A 433 19.37 15.41 -22.69
C LEU A 433 20.84 15.59 -22.34
N ASP A 434 21.20 15.32 -21.08
CA ASP A 434 22.61 15.40 -20.68
C ASP A 434 23.46 14.39 -21.46
N PHE A 435 22.89 13.21 -21.73
CA PHE A 435 23.59 12.18 -22.50
C PHE A 435 23.93 12.68 -23.89
N HIS A 436 22.97 13.31 -24.56
CA HIS A 436 23.24 13.79 -25.91
C HIS A 436 24.28 14.91 -25.91
N ASP A 437 24.19 15.83 -24.95
CA ASP A 437 25.22 16.87 -24.88
C ASP A 437 26.60 16.28 -24.66
N SER A 438 26.70 15.30 -23.75
CA SER A 438 27.99 14.66 -23.49
C SER A 438 28.51 13.94 -24.71
N ASN A 439 27.62 13.29 -25.48
CA ASN A 439 28.06 12.58 -26.68
C ASN A 439 28.65 13.53 -27.72
N VAL A 440 27.99 14.67 -27.94
CA VAL A 440 28.53 15.65 -28.89
C VAL A 440 29.88 16.16 -28.43
N LYS A 441 29.98 16.48 -27.14
CA LYS A 441 31.27 16.96 -26.61
C LYS A 441 32.36 15.90 -26.75
N ASN A 442 32.00 14.63 -26.52
CA ASN A 442 32.98 13.55 -26.66
C ASN A 442 33.48 13.43 -28.07
N LEU A 443 32.58 13.53 -29.06
CA LEU A 443 33.03 13.49 -30.45
C LEU A 443 33.99 14.64 -30.75
N TYR A 444 33.65 15.85 -30.29
CA TYR A 444 34.50 17.00 -30.54
C TYR A 444 35.89 16.80 -29.91
N ASP A 445 35.91 16.33 -28.67
CA ASP A 445 37.18 16.14 -27.98
C ASP A 445 38.01 15.04 -28.62
N LYS A 446 37.37 13.98 -29.08
CA LYS A 446 38.08 12.90 -29.76
C LYS A 446 38.76 13.42 -31.03
N VAL A 447 38.02 14.19 -31.82
CA VAL A 447 38.60 14.72 -33.05
C VAL A 447 39.74 15.68 -32.74
N ARG A 448 39.57 16.53 -31.71
CA ARG A 448 40.62 17.46 -31.34
C ARG A 448 41.88 16.72 -30.89
N MET A 449 41.73 15.68 -30.09
CA MET A 449 42.88 14.91 -29.62
C MET A 449 43.59 14.22 -30.78
N GLN A 450 42.82 13.67 -31.72
CA GLN A 450 43.43 13.01 -32.87
C GLN A 450 44.13 13.99 -33.80
N LEU A 451 43.64 15.24 -33.87
CA LEU A 451 44.22 16.20 -34.79
C LEU A 451 45.37 17.00 -34.20
N ARG A 452 45.40 17.17 -32.87
CA ARG A 452 46.53 17.78 -32.15
C ARG A 452 46.83 19.16 -32.72
N ASP A 453 48.08 19.46 -33.07
CA ASP A 453 48.52 20.82 -33.34
C ASP A 453 48.42 21.14 -34.84
N ASN A 454 48.17 20.14 -35.67
CA ASN A 454 48.11 20.35 -37.12
C ASN A 454 47.02 21.33 -37.53
N VAL A 455 46.04 21.58 -36.65
CA VAL A 455 44.89 22.42 -36.98
C VAL A 455 44.79 23.54 -35.95
N LYS A 456 43.88 24.47 -36.24
CA LYS A 456 43.61 25.61 -35.37
C LYS A 456 42.14 25.60 -34.99
N GLU A 457 41.87 25.76 -33.70
CA GLU A 457 40.52 25.88 -33.18
C GLU A 457 39.95 27.26 -33.50
N LEU A 458 38.64 27.33 -33.67
CA LEU A 458 37.97 28.58 -34.00
C LEU A 458 36.99 29.04 -32.94
N GLY A 459 36.65 28.20 -31.98
CA GLY A 459 35.75 28.59 -30.91
C GLY A 459 34.28 28.32 -31.16
N ASN A 460 33.91 27.83 -32.34
CA ASN A 460 32.52 27.48 -32.62
C ASN A 460 32.34 25.99 -32.87
N GLY A 461 33.34 25.17 -32.56
CA GLY A 461 33.31 23.77 -32.90
C GLY A 461 33.92 23.43 -34.24
N CYS A 462 34.67 24.36 -34.83
CA CYS A 462 35.24 24.20 -36.16
C CYS A 462 36.74 24.00 -36.02
N PHE A 463 37.34 23.41 -37.06
CA PHE A 463 38.78 23.20 -37.12
C PHE A 463 39.27 23.64 -38.48
N GLU A 464 40.30 24.50 -38.50
CA GLU A 464 40.88 25.00 -39.73
C GLU A 464 42.28 24.42 -39.89
N PHE A 465 42.53 23.77 -41.02
CA PHE A 465 43.78 23.04 -41.20
C PHE A 465 44.94 23.99 -41.52
N TYR A 466 46.14 23.51 -41.25
CA TYR A 466 47.37 24.15 -41.69
C TYR A 466 47.94 23.50 -42.95
N HIS A 467 47.22 22.57 -43.54
CA HIS A 467 47.63 21.91 -44.77
C HIS A 467 46.39 21.63 -45.60
N LYS A 468 46.56 20.81 -46.64
CA LYS A 468 45.47 20.49 -47.56
C LYS A 468 44.90 19.11 -47.23
N CYS A 469 43.62 19.07 -46.88
CA CYS A 469 42.89 17.83 -46.60
C CYS A 469 42.04 17.52 -47.81
N ASP A 470 42.44 16.51 -48.57
CA ASP A 470 41.67 16.06 -49.72
C ASP A 470 40.48 15.23 -49.23
N ASN A 471 39.71 14.65 -50.16
CA ASN A 471 38.54 13.88 -49.78
C ASN A 471 38.92 12.65 -48.96
N GLU A 472 39.99 11.96 -49.36
CA GLU A 472 40.44 10.81 -48.58
C GLU A 472 40.98 11.24 -47.22
N CYS A 473 41.58 12.43 -47.14
CA CYS A 473 42.01 12.97 -45.85
C CYS A 473 40.83 13.18 -44.91
N MET A 474 39.72 13.72 -45.43
CA MET A 474 38.52 13.88 -44.61
C MET A 474 37.91 12.53 -44.24
N ASP A 475 37.94 11.57 -45.17
CA ASP A 475 37.47 10.23 -44.81
C ASP A 475 38.33 9.62 -43.71
N SER A 476 39.63 9.89 -43.73
CA SER A 476 40.52 9.39 -42.69
C SER A 476 40.22 10.02 -41.34
N VAL A 477 40.01 11.35 -41.32
CA VAL A 477 39.70 11.98 -40.03
C VAL A 477 38.33 11.55 -39.52
N LYS A 478 37.39 11.25 -40.43
CA LYS A 478 36.06 10.84 -39.99
C LYS A 478 36.08 9.47 -39.33
N ASN A 479 36.86 8.53 -39.87
CA ASN A 479 36.90 7.16 -39.39
C ASN A 479 38.05 6.88 -38.44
N GLY A 480 38.72 7.91 -37.93
CA GLY A 480 39.75 7.73 -36.92
C GLY A 480 41.00 7.02 -37.35
N THR A 481 41.52 7.35 -38.53
CA THR A 481 42.79 6.81 -39.02
C THR A 481 43.65 7.93 -39.58
N TYR A 482 43.76 9.02 -38.82
CA TYR A 482 44.46 10.21 -39.27
C TYR A 482 45.95 10.08 -38.96
N ASP A 483 46.79 10.22 -39.99
CA ASP A 483 48.23 10.06 -39.86
C ASP A 483 48.84 11.42 -39.53
N TYR A 484 49.11 11.66 -38.25
CA TYR A 484 49.65 12.94 -37.82
C TYR A 484 51.03 13.24 -38.41
N PRO A 485 52.02 12.35 -38.35
CA PRO A 485 53.33 12.69 -38.90
C PRO A 485 53.32 12.97 -40.40
N LYS A 486 52.45 12.29 -41.16
CA LYS A 486 52.47 12.41 -42.60
C LYS A 486 52.25 13.85 -43.05
N TYR A 487 51.51 14.64 -42.29
CA TYR A 487 51.28 16.04 -42.60
C TYR A 487 51.95 16.98 -41.61
N GLU A 488 52.86 16.48 -40.78
CA GLU A 488 53.42 17.31 -39.72
C GLU A 488 54.34 18.38 -40.28
N GLU A 489 55.38 17.99 -41.01
CA GLU A 489 56.40 18.94 -41.41
C GLU A 489 55.83 20.04 -42.31
N GLU A 490 54.93 19.69 -43.24
CA GLU A 490 54.29 20.74 -44.03
C GLU A 490 53.60 21.73 -43.12
N SER A 491 52.83 21.23 -42.14
CA SER A 491 52.18 22.11 -41.18
C SER A 491 53.21 22.95 -40.44
N LYS A 492 54.35 22.35 -40.10
CA LYS A 492 55.40 23.09 -39.39
C LYS A 492 55.83 24.32 -40.16
N LEU A 493 55.67 24.33 -41.48
CA LEU A 493 55.91 25.54 -42.25
C LEU A 493 54.76 26.53 -42.10
N ASN A 494 53.54 26.07 -42.41
CA ASN A 494 52.42 27.01 -42.57
C ASN A 494 52.13 27.74 -41.27
N ARG A 495 52.19 27.04 -40.14
CA ARG A 495 51.99 27.70 -38.85
C ARG A 495 53.06 28.76 -38.60
N ASN A 496 54.32 28.44 -38.92
CA ASN A 496 55.42 29.32 -38.56
C ASN A 496 55.48 30.56 -39.46
N GLU A 497 55.01 30.45 -40.69
CA GLU A 497 55.02 31.58 -41.62
C GLU A 497 54.04 32.65 -41.18
N ASP B 1 60.59 10.96 -22.10
CA ASP B 1 59.92 10.94 -20.81
C ASP B 1 58.41 11.06 -20.98
N GLN B 2 57.70 9.98 -20.68
CA GLN B 2 56.26 9.91 -20.87
C GLN B 2 55.57 9.67 -19.53
N ILE B 3 54.50 10.43 -19.28
CA ILE B 3 53.61 10.19 -18.16
C ILE B 3 52.23 9.88 -18.74
N CYS B 4 51.72 8.68 -18.45
CA CYS B 4 50.40 8.28 -18.90
C CYS B 4 49.50 8.10 -17.69
N ILE B 5 48.22 8.40 -17.86
CA ILE B 5 47.23 8.32 -16.79
C ILE B 5 46.24 7.22 -17.16
N GLY B 6 46.02 6.28 -16.24
CA GLY B 6 45.22 5.12 -16.57
C GLY B 6 44.48 4.59 -15.35
N TYR B 7 43.73 3.51 -15.60
CA TYR B 7 42.92 2.88 -14.57
C TYR B 7 43.13 1.36 -14.60
N HIS B 8 42.70 0.72 -13.52
CA HIS B 8 43.02 -0.68 -13.25
C HIS B 8 42.08 -1.62 -13.99
N ALA B 9 42.63 -2.72 -14.47
CA ALA B 9 41.85 -3.80 -15.07
C ALA B 9 42.33 -5.14 -14.51
N ASN B 10 41.38 -6.04 -14.24
CA ASN B 10 41.69 -7.39 -13.76
C ASN B 10 40.96 -8.42 -14.62
N ASN B 11 40.97 -9.69 -14.21
CA ASN B 11 40.30 -10.72 -15.00
C ASN B 11 38.95 -11.12 -14.41
N SER B 12 38.26 -10.17 -13.78
CA SER B 12 36.94 -10.44 -13.24
C SER B 12 35.92 -10.63 -14.37
N THR B 13 34.95 -11.51 -14.13
CA THR B 13 33.93 -11.85 -15.12
C THR B 13 32.55 -11.79 -14.46
N GLU B 14 32.30 -10.71 -13.73
CA GLU B 14 30.99 -10.45 -13.16
C GLU B 14 30.36 -9.26 -13.88
N LYS B 15 29.03 -9.31 -14.01
CA LYS B 15 28.29 -8.36 -14.82
C LYS B 15 27.28 -7.62 -13.97
N ILE B 16 27.13 -6.32 -14.26
CA ILE B 16 26.06 -5.51 -13.71
C ILE B 16 25.13 -5.12 -14.85
N ASP B 17 23.96 -4.60 -14.49
CA ASP B 17 23.00 -4.08 -15.45
C ASP B 17 22.68 -2.64 -15.10
N THR B 18 22.94 -1.74 -16.04
CA THR B 18 22.56 -0.35 -15.91
C THR B 18 21.27 -0.12 -16.70
N ILE B 19 20.85 1.13 -16.80
CA ILE B 19 19.63 1.42 -17.55
C ILE B 19 19.92 1.82 -18.99
N LEU B 20 21.15 2.18 -19.32
CA LEU B 20 21.56 2.44 -20.68
C LEU B 20 22.23 1.24 -21.35
N GLU B 21 22.53 0.18 -20.61
CA GLU B 21 23.22 -0.97 -21.17
C GLU B 21 22.92 -2.20 -20.33
N ARG B 22 23.18 -3.37 -20.91
CA ARG B 22 22.98 -4.64 -20.25
C ARG B 22 24.26 -5.47 -20.27
N ASN B 23 24.50 -6.21 -19.19
CA ASN B 23 25.63 -7.13 -19.08
C ASN B 23 26.96 -6.38 -19.26
N VAL B 24 27.23 -5.48 -18.33
CA VAL B 24 28.47 -4.71 -18.32
C VAL B 24 29.43 -5.41 -17.36
N THR B 25 30.56 -5.86 -17.89
CA THR B 25 31.57 -6.50 -17.05
C THR B 25 32.24 -5.47 -16.16
N VAL B 26 32.36 -5.79 -14.87
CA VAL B 26 32.83 -4.84 -13.87
C VAL B 26 33.88 -5.50 -13.00
N THR B 27 34.87 -4.72 -12.60
CA THR B 27 35.98 -5.25 -11.80
C THR B 27 35.51 -5.77 -10.45
N HIS B 28 34.76 -4.96 -9.70
CA HIS B 28 34.29 -5.33 -8.38
C HIS B 28 32.80 -5.06 -8.26
N ALA B 29 32.07 -6.05 -7.72
CA ALA B 29 30.63 -5.94 -7.60
C ALA B 29 30.19 -6.48 -6.25
N LYS B 30 29.03 -6.02 -5.81
CA LYS B 30 28.45 -6.42 -4.53
C LYS B 30 27.02 -6.90 -4.75
N ASP B 31 26.75 -8.15 -4.39
CA ASP B 31 25.40 -8.67 -4.48
C ASP B 31 24.64 -8.32 -3.21
N ILE B 32 23.45 -7.75 -3.38
CA ILE B 32 22.63 -7.35 -2.23
C ILE B 32 21.34 -8.16 -2.23
N LEU B 33 21.41 -9.39 -2.72
CA LEU B 33 20.28 -10.30 -2.70
C LEU B 33 20.77 -11.67 -2.29
N GLU B 34 20.05 -12.32 -1.37
CA GLU B 34 20.39 -13.64 -0.88
C GLU B 34 19.36 -14.65 -1.37
N LYS B 35 19.83 -15.78 -1.91
CA LYS B 35 18.95 -16.75 -2.54
C LYS B 35 19.12 -18.16 -1.98
N THR B 36 19.79 -18.33 -0.84
CA THR B 36 20.11 -19.65 -0.33
C THR B 36 19.57 -19.85 1.08
N HIS B 37 19.16 -21.09 1.37
CA HIS B 37 18.69 -21.49 2.69
C HIS B 37 19.20 -22.91 2.95
N ASN B 38 19.02 -23.38 4.18
CA ASN B 38 19.50 -24.71 4.56
C ASN B 38 18.43 -25.80 4.43
N GLY B 39 17.19 -25.44 4.13
CA GLY B 39 16.16 -26.44 3.95
C GLY B 39 15.76 -27.21 5.18
N LYS B 40 15.92 -26.62 6.36
CA LYS B 40 15.61 -27.29 7.61
C LYS B 40 14.89 -26.33 8.55
N LEU B 41 14.07 -26.90 9.42
CA LEU B 41 13.35 -26.13 10.43
C LEU B 41 14.10 -26.20 11.75
N CYS B 42 14.43 -25.05 12.32
CA CYS B 42 15.36 -24.98 13.43
C CYS B 42 14.77 -24.15 14.57
N LYS B 43 15.49 -24.11 15.68
CA LYS B 43 15.08 -23.31 16.83
C LYS B 43 15.37 -21.84 16.59
N LEU B 44 14.47 -20.99 17.04
CA LEU B 44 14.58 -19.54 16.86
C LEU B 44 15.09 -18.95 18.17
N ASN B 45 16.30 -18.38 18.11
CA ASN B 45 16.93 -17.75 19.27
C ASN B 45 17.09 -18.72 20.44
N GLY B 46 17.26 -20.00 20.13
CA GLY B 46 17.48 -21.01 21.15
C GLY B 46 16.23 -21.65 21.72
N ILE B 47 15.05 -21.19 21.34
CA ILE B 47 13.79 -21.72 21.86
C ILE B 47 13.19 -22.64 20.80
N PRO B 48 13.00 -23.92 21.08
CA PRO B 48 12.44 -24.82 20.06
C PRO B 48 10.99 -24.48 19.77
N PRO B 49 10.51 -24.76 18.57
CA PRO B 49 9.11 -24.50 18.24
C PRO B 49 8.19 -25.56 18.81
N LEU B 50 6.89 -25.31 18.68
CA LEU B 50 5.86 -26.25 19.11
C LEU B 50 5.42 -27.07 17.91
N GLU B 51 5.82 -28.34 17.89
CA GLU B 51 5.50 -29.24 16.79
C GLU B 51 4.17 -29.91 17.09
N LEU B 52 3.13 -29.53 16.35
CA LEU B 52 1.80 -30.06 16.57
C LEU B 52 1.58 -31.42 15.94
N GLY B 53 2.46 -31.85 15.04
CA GLY B 53 2.31 -33.14 14.39
C GLY B 53 1.08 -33.19 13.51
N ASP B 54 0.22 -34.18 13.74
CA ASP B 54 -1.02 -34.34 13.00
C ASP B 54 -2.21 -33.67 13.70
N CYS B 55 -1.97 -32.97 14.80
CA CYS B 55 -3.03 -32.33 15.57
C CYS B 55 -3.18 -30.88 15.15
N SER B 56 -4.39 -30.36 15.31
CA SER B 56 -4.70 -28.97 15.04
C SER B 56 -4.77 -28.19 16.35
N ILE B 57 -5.02 -26.88 16.23
CA ILE B 57 -5.13 -26.05 17.43
C ILE B 57 -6.35 -26.46 18.25
N ALA B 58 -7.47 -26.72 17.59
CA ALA B 58 -8.67 -27.14 18.31
C ALA B 58 -8.45 -28.47 19.00
N GLY B 59 -7.78 -29.41 18.34
CA GLY B 59 -7.52 -30.69 18.96
C GLY B 59 -6.58 -30.58 20.15
N TRP B 60 -5.60 -29.68 20.08
CA TRP B 60 -4.67 -29.52 21.19
C TRP B 60 -5.34 -28.83 22.37
N LEU B 61 -6.09 -27.76 22.12
CA LEU B 61 -6.73 -27.03 23.21
C LEU B 61 -7.92 -27.76 23.82
N LEU B 62 -8.60 -28.60 23.04
CA LEU B 62 -9.71 -29.37 23.56
C LEU B 62 -9.29 -30.67 24.23
N GLY B 63 -8.14 -31.22 23.86
CA GLY B 63 -7.65 -32.43 24.47
C GLY B 63 -8.05 -33.69 23.75
N ASN B 64 -7.78 -33.76 22.45
CA ASN B 64 -8.06 -34.97 21.69
C ASN B 64 -7.26 -36.13 22.29
N PRO B 65 -7.87 -37.31 22.47
CA PRO B 65 -7.14 -38.41 23.13
C PRO B 65 -5.89 -38.83 22.38
N GLU B 66 -5.82 -38.60 21.08
CA GLU B 66 -4.65 -39.02 20.32
C GLU B 66 -3.58 -37.93 20.25
N CYS B 67 -3.92 -36.71 20.65
CA CYS B 67 -2.91 -35.68 20.89
C CYS B 67 -2.58 -35.59 22.39
N ASP B 68 -2.15 -36.72 22.94
CA ASP B 68 -1.84 -36.79 24.36
C ASP B 68 -0.41 -36.40 24.70
N ARG B 69 0.44 -36.22 23.68
CA ARG B 69 1.80 -35.75 23.91
C ARG B 69 1.85 -34.25 24.16
N LEU B 70 0.77 -33.52 23.90
CA LEU B 70 0.72 -32.08 24.06
C LEU B 70 -0.05 -31.65 25.30
N LEU B 71 -0.23 -32.55 26.26
CA LEU B 71 -0.95 -32.19 27.48
C LEU B 71 -0.17 -31.20 28.33
N ARG B 72 1.14 -31.34 28.41
CA ARG B 72 2.02 -30.36 29.04
C ARG B 72 3.02 -29.90 27.99
N VAL B 73 3.01 -28.61 27.68
CA VAL B 73 3.81 -28.04 26.62
C VAL B 73 4.68 -26.93 27.19
N PRO B 74 6.00 -26.97 27.01
CA PRO B 74 6.85 -25.88 27.51
C PRO B 74 6.83 -24.66 26.59
N GLU B 75 7.69 -23.69 26.88
CA GLU B 75 7.74 -22.47 26.10
C GLU B 75 8.15 -22.77 24.65
N TRP B 76 7.64 -21.95 23.73
CA TRP B 76 7.91 -22.14 22.31
C TRP B 76 8.16 -20.78 21.65
N SER B 77 8.80 -20.82 20.49
CA SER B 77 9.07 -19.64 19.68
C SER B 77 8.05 -19.43 18.57
N TYR B 78 7.65 -20.51 17.90
CA TYR B 78 6.58 -20.44 16.91
C TYR B 78 5.92 -21.81 16.81
N ILE B 79 4.72 -21.83 16.24
CA ILE B 79 3.94 -23.05 16.11
C ILE B 79 4.06 -23.56 14.69
N MET B 80 4.22 -24.87 14.54
CA MET B 80 4.28 -25.53 13.24
C MET B 80 3.01 -26.35 13.03
N GLU B 81 2.32 -26.10 11.94
CA GLU B 81 1.03 -26.75 11.66
C GLU B 81 1.04 -27.32 10.24
N LYS B 82 0.20 -28.32 10.03
CA LYS B 82 0.02 -28.91 8.71
C LYS B 82 -1.19 -28.27 8.02
N GLU B 83 -1.17 -28.31 6.69
CA GLU B 83 -2.21 -27.64 5.92
C GLU B 83 -3.59 -28.23 6.20
N ASN B 84 -3.68 -29.56 6.25
CA ASN B 84 -4.93 -30.27 6.52
C ASN B 84 -4.69 -31.25 7.66
N PRO B 85 -4.72 -30.78 8.91
CA PRO B 85 -4.49 -31.67 10.04
C PRO B 85 -5.57 -32.74 10.14
N ARG B 86 -5.19 -33.89 10.70
CA ARG B 86 -6.05 -35.06 10.71
C ARG B 86 -6.53 -35.44 12.11
N TYR B 87 -5.96 -34.86 13.16
CA TYR B 87 -6.54 -34.87 14.51
C TYR B 87 -7.00 -33.44 14.82
N SER B 88 -8.24 -33.12 14.47
CA SER B 88 -8.79 -31.80 14.75
C SER B 88 -9.98 -31.88 15.71
N LEU B 89 -11.01 -32.64 15.37
CA LEU B 89 -12.22 -32.71 16.18
C LEU B 89 -12.81 -34.11 15.98
N CYS B 90 -12.56 -35.00 16.93
CA CYS B 90 -13.04 -36.37 16.81
C CYS B 90 -14.57 -36.40 16.74
N TYR B 91 -15.22 -35.65 17.60
CA TYR B 91 -16.67 -35.50 17.50
C TYR B 91 -16.99 -34.40 16.48
N PRO B 92 -17.81 -34.69 15.47
CA PRO B 92 -18.08 -33.67 14.44
C PRO B 92 -18.73 -32.44 15.02
N GLY B 93 -18.40 -31.29 14.45
CA GLY B 93 -18.95 -30.04 14.94
C GLY B 93 -18.25 -28.85 14.33
N SER B 94 -18.26 -27.74 15.06
CA SER B 94 -17.66 -26.51 14.60
C SER B 94 -17.02 -25.78 15.77
N PHE B 95 -16.20 -24.79 15.45
CA PHE B 95 -15.51 -23.96 16.43
C PHE B 95 -15.74 -22.51 16.08
N ASN B 96 -16.42 -21.78 16.96
CA ASN B 96 -16.78 -20.39 16.69
C ASN B 96 -15.59 -19.47 16.88
N ASP B 97 -15.41 -18.54 15.96
CA ASP B 97 -14.31 -17.57 15.98
C ASP B 97 -12.96 -18.28 16.05
N TYR B 98 -12.80 -19.32 15.23
CA TYR B 98 -11.57 -20.09 15.21
C TYR B 98 -10.39 -19.24 14.74
N GLU B 99 -10.59 -18.44 13.69
CA GLU B 99 -9.50 -17.64 13.15
C GLU B 99 -9.05 -16.58 14.14
N GLU B 100 -9.99 -16.01 14.91
CA GLU B 100 -9.62 -15.04 15.94
C GLU B 100 -8.73 -15.69 17.01
N LEU B 101 -9.07 -16.92 17.39
CA LEU B 101 -8.24 -17.64 18.36
C LEU B 101 -6.86 -17.92 17.80
N LYS B 102 -6.78 -18.32 16.53
CA LYS B 102 -5.48 -18.57 15.93
C LYS B 102 -4.66 -17.29 15.80
N HIS B 103 -5.33 -16.15 15.60
CA HIS B 103 -4.61 -14.88 15.58
C HIS B 103 -4.13 -14.49 16.97
N LEU B 104 -4.93 -14.77 18.00
CA LEU B 104 -4.50 -14.52 19.37
C LEU B 104 -3.28 -15.35 19.72
N LEU B 105 -3.24 -16.61 19.26
CA LEU B 105 -2.10 -17.46 19.56
C LEU B 105 -0.81 -16.98 18.92
N SER B 106 -0.87 -16.05 17.97
CA SER B 106 0.32 -15.53 17.33
C SER B 106 1.07 -14.53 18.20
N SER B 107 0.50 -14.10 19.33
CA SER B 107 1.16 -13.22 20.27
C SER B 107 1.37 -13.87 21.63
N VAL B 108 1.18 -15.18 21.73
CA VAL B 108 1.36 -15.92 22.97
C VAL B 108 2.50 -16.91 22.79
N LYS B 109 3.38 -16.99 23.77
CA LYS B 109 4.54 -17.86 23.69
C LYS B 109 4.56 -18.94 24.77
N HIS B 110 3.58 -18.97 25.67
CA HIS B 110 3.50 -20.01 26.68
C HIS B 110 2.12 -20.00 27.31
N PHE B 111 1.61 -21.19 27.63
CA PHE B 111 0.34 -21.38 28.32
C PHE B 111 0.58 -22.14 29.60
N GLU B 112 -0.23 -21.85 30.62
CA GLU B 112 -0.17 -22.57 31.89
C GLU B 112 -1.59 -23.01 32.23
N LYS B 113 -1.78 -24.31 32.43
CA LYS B 113 -3.10 -24.91 32.54
C LYS B 113 -3.54 -24.96 33.99
N VAL B 114 -4.68 -24.36 34.29
CA VAL B 114 -5.23 -24.31 35.64
C VAL B 114 -6.49 -25.14 35.70
N LYS B 115 -6.76 -25.72 36.87
CA LYS B 115 -8.00 -26.43 37.11
C LYS B 115 -9.00 -25.44 37.69
N ILE B 116 -10.03 -25.11 36.90
CA ILE B 116 -10.98 -24.07 37.28
C ILE B 116 -12.30 -24.67 37.71
N LEU B 117 -12.59 -25.88 37.22
CA LEU B 117 -13.84 -26.58 37.54
C LEU B 117 -13.54 -28.06 37.64
N PRO B 118 -13.24 -28.55 38.83
CA PRO B 118 -12.92 -29.97 38.99
C PRO B 118 -14.07 -30.87 38.59
N LYS B 119 -13.73 -32.05 38.07
CA LYS B 119 -14.73 -32.97 37.56
C LYS B 119 -15.59 -33.55 38.67
N ASP B 120 -15.05 -33.67 39.88
CA ASP B 120 -15.77 -34.30 40.98
C ASP B 120 -16.75 -33.35 41.68
N ARG B 121 -16.76 -32.06 41.31
CA ARG B 121 -17.70 -31.14 41.93
C ARG B 121 -19.13 -31.36 41.47
N TRP B 122 -19.33 -31.97 40.29
CA TRP B 122 -20.66 -32.24 39.77
C TRP B 122 -21.19 -33.51 40.44
N THR B 123 -21.62 -33.35 41.69
CA THR B 123 -22.09 -34.47 42.49
C THR B 123 -23.53 -34.86 42.17
N GLN B 124 -24.21 -34.11 41.31
CA GLN B 124 -25.60 -34.41 40.94
C GLN B 124 -25.74 -34.78 39.47
N HIS B 125 -24.64 -34.97 38.75
CA HIS B 125 -24.67 -35.32 37.34
C HIS B 125 -23.66 -36.42 37.05
N THR B 126 -23.93 -37.18 35.99
CA THR B 126 -23.02 -38.22 35.54
C THR B 126 -21.99 -37.63 34.60
N THR B 127 -20.71 -37.85 34.88
CA THR B 127 -19.61 -37.19 34.18
C THR B 127 -18.68 -38.18 33.50
N THR B 128 -19.20 -39.35 33.10
CA THR B 128 -18.38 -40.39 32.49
C THR B 128 -18.86 -40.73 31.08
N GLY B 129 -19.33 -39.72 30.35
CA GLY B 129 -19.82 -39.93 29.00
C GLY B 129 -18.70 -39.88 27.98
N GLY B 130 -18.90 -40.57 26.87
CA GLY B 130 -17.92 -40.59 25.81
C GLY B 130 -18.51 -41.14 24.53
N SER B 131 -17.75 -40.98 23.44
CA SER B 131 -18.18 -41.40 22.13
C SER B 131 -17.14 -42.35 21.54
N MET B 132 -17.56 -43.10 20.51
CA MET B 132 -16.65 -43.96 19.77
C MET B 132 -15.92 -43.23 18.66
N ALA B 133 -16.33 -42.00 18.34
CA ALA B 133 -15.53 -41.18 17.44
C ALA B 133 -14.18 -40.83 18.05
N CYS B 134 -14.15 -40.56 19.35
CA CYS B 134 -12.92 -40.39 20.12
C CYS B 134 -12.73 -41.68 20.90
N ALA B 135 -12.12 -42.68 20.28
CA ALA B 135 -12.00 -44.02 20.84
C ALA B 135 -10.58 -44.30 21.27
N VAL B 136 -10.42 -44.93 22.43
CA VAL B 136 -9.13 -45.38 22.93
C VAL B 136 -9.23 -46.88 23.16
N SER B 137 -8.45 -47.64 22.39
CA SER B 137 -8.46 -49.11 22.47
C SER B 137 -9.86 -49.68 22.27
N GLY B 138 -10.61 -49.08 21.36
CA GLY B 138 -11.96 -49.52 21.04
C GLY B 138 -13.06 -48.96 21.93
N LYS B 139 -12.79 -48.85 23.23
CA LYS B 139 -13.79 -48.34 24.15
C LYS B 139 -14.02 -46.85 23.90
N PRO B 140 -15.24 -46.37 24.16
CA PRO B 140 -15.52 -44.94 23.95
C PRO B 140 -14.75 -44.07 24.91
N SER B 141 -14.47 -42.85 24.46
CA SER B 141 -13.75 -41.86 25.27
C SER B 141 -14.15 -40.47 24.81
N PHE B 142 -13.57 -39.46 25.45
CA PHE B 142 -13.93 -38.07 25.20
C PHE B 142 -12.68 -37.20 25.32
N PHE B 143 -12.86 -35.91 25.04
CA PHE B 143 -11.78 -34.94 25.21
C PHE B 143 -11.32 -34.91 26.66
N ARG B 144 -10.03 -34.62 26.84
CA ARG B 144 -9.42 -34.69 28.17
C ARG B 144 -9.58 -33.41 28.97
N ASN B 145 -9.90 -32.29 28.33
CA ASN B 145 -10.07 -31.02 29.03
C ASN B 145 -11.53 -30.60 29.15
N MET B 146 -12.47 -31.50 28.85
CA MET B 146 -13.89 -31.19 28.89
C MET B 146 -14.63 -32.30 29.62
N VAL B 147 -15.81 -31.97 30.13
CA VAL B 147 -16.66 -32.89 30.87
C VAL B 147 -18.04 -32.90 30.22
N TRP B 148 -18.55 -34.11 29.95
CA TRP B 148 -19.86 -34.31 29.32
C TRP B 148 -20.87 -34.62 30.42
N LEU B 149 -21.63 -33.62 30.83
CA LEU B 149 -22.63 -33.81 31.89
C LEU B 149 -23.85 -34.53 31.34
N THR B 150 -24.30 -35.56 32.06
CA THR B 150 -25.51 -36.29 31.69
C THR B 150 -26.40 -36.48 32.92
N THR B 151 -27.48 -37.24 32.78
CA THR B 151 -28.41 -37.47 33.87
C THR B 151 -27.87 -38.50 34.84
N LYS B 152 -28.04 -38.24 36.13
CA LYS B 152 -27.79 -39.22 37.18
C LYS B 152 -29.14 -39.70 37.69
N GLY B 153 -29.52 -40.91 37.32
CA GLY B 153 -30.87 -41.36 37.51
C GLY B 153 -31.80 -40.69 36.52
N PRO B 154 -33.09 -40.69 36.81
CA PRO B 154 -34.08 -40.07 35.90
C PRO B 154 -34.35 -38.59 36.21
N ASN B 155 -33.29 -37.80 36.28
CA ASN B 155 -33.43 -36.36 36.44
C ASN B 155 -32.13 -35.66 36.12
N TYR B 156 -32.24 -34.46 35.55
CA TYR B 156 -31.11 -33.59 35.23
C TYR B 156 -31.34 -32.26 35.91
N PRO B 157 -30.80 -32.06 37.12
CA PRO B 157 -30.99 -30.79 37.81
C PRO B 157 -30.28 -29.65 37.09
N VAL B 158 -30.53 -28.45 37.59
CA VAL B 158 -29.91 -27.26 37.00
C VAL B 158 -28.44 -27.25 37.37
N ALA B 159 -27.57 -27.36 36.37
CA ALA B 159 -26.13 -27.34 36.58
C ALA B 159 -25.65 -25.90 36.65
N GLN B 160 -24.97 -25.55 37.74
CA GLN B 160 -24.47 -24.21 37.98
C GLN B 160 -23.00 -24.27 38.36
N GLY B 161 -22.20 -23.44 37.71
CA GLY B 161 -20.78 -23.36 38.03
C GLY B 161 -20.30 -21.94 37.90
N SER B 162 -19.24 -21.62 38.65
CA SER B 162 -18.68 -20.28 38.62
C SER B 162 -17.19 -20.35 38.93
N TYR B 163 -16.45 -19.40 38.36
CA TYR B 163 -15.01 -19.33 38.62
C TYR B 163 -14.55 -17.88 38.64
N ASN B 164 -13.73 -17.54 39.63
CA ASN B 164 -13.17 -16.20 39.79
C ASN B 164 -11.70 -16.26 39.42
N ASN B 165 -11.27 -15.34 38.55
CA ASN B 165 -9.94 -15.39 37.96
C ASN B 165 -8.94 -14.73 38.90
N THR B 166 -8.38 -15.53 39.81
CA THR B 166 -7.33 -15.09 40.71
C THR B 166 -5.97 -15.64 40.30
N SER B 167 -5.85 -16.16 39.07
CA SER B 167 -4.62 -16.82 38.65
C SER B 167 -3.48 -15.83 38.54
N GLY B 168 -3.71 -14.67 37.92
CA GLY B 168 -2.68 -13.67 37.80
C GLY B 168 -2.43 -13.19 36.39
N GLU B 169 -3.26 -13.64 35.45
CA GLU B 169 -3.17 -13.20 34.07
C GLU B 169 -4.49 -13.52 33.38
N GLN B 170 -4.61 -13.07 32.13
CA GLN B 170 -5.80 -13.35 31.34
C GLN B 170 -5.91 -14.84 31.06
N MET B 171 -7.14 -15.34 31.01
CA MET B 171 -7.39 -16.77 30.89
C MET B 171 -8.27 -17.04 29.68
N LEU B 172 -8.06 -18.18 29.04
CA LEU B 172 -8.82 -18.59 27.87
C LEU B 172 -9.69 -19.79 28.24
N ILE B 173 -11.01 -19.66 28.06
CA ILE B 173 -11.96 -20.67 28.49
C ILE B 173 -12.78 -21.12 27.29
N ILE B 174 -12.92 -22.44 27.13
CA ILE B 174 -13.66 -23.02 26.01
C ILE B 174 -14.78 -23.89 26.57
N TRP B 175 -16.00 -23.68 26.07
CA TRP B 175 -17.14 -24.52 26.41
C TRP B 175 -17.80 -25.02 25.13
N GLY B 176 -18.78 -25.90 25.29
CA GLY B 176 -19.43 -26.51 24.14
C GLY B 176 -20.90 -26.76 24.39
N VAL B 177 -21.62 -26.91 23.28
CA VAL B 177 -23.05 -27.21 23.26
C VAL B 177 -23.27 -28.40 22.35
N HIS B 178 -24.07 -29.36 22.81
CA HIS B 178 -24.34 -30.59 22.07
C HIS B 178 -25.66 -30.49 21.32
N HIS B 179 -25.64 -30.81 20.03
CA HIS B 179 -26.83 -30.82 19.19
C HIS B 179 -27.12 -32.26 18.78
N PRO B 180 -28.13 -32.92 19.36
CA PRO B 180 -28.38 -34.32 19.05
C PRO B 180 -29.02 -34.53 17.69
N ASN B 181 -29.25 -35.79 17.34
CA ASN B 181 -29.85 -36.17 16.06
C ASN B 181 -31.35 -36.36 16.13
N ASP B 182 -31.86 -36.94 17.21
CA ASP B 182 -33.28 -37.25 17.32
C ASP B 182 -33.77 -36.92 18.72
N GLU B 183 -35.09 -36.83 18.86
CA GLU B 183 -35.69 -36.52 20.15
C GLU B 183 -35.39 -37.62 21.16
N ALA B 184 -35.34 -38.87 20.72
CA ALA B 184 -35.04 -39.97 21.63
C ALA B 184 -33.66 -39.82 22.26
N GLU B 185 -32.69 -39.34 21.48
CA GLU B 185 -31.36 -39.09 22.04
C GLU B 185 -31.42 -38.02 23.12
N GLN B 186 -32.17 -36.95 22.89
CA GLN B 186 -32.29 -35.89 23.89
C GLN B 186 -32.95 -36.41 25.16
N ARG B 187 -34.02 -37.20 25.03
CA ARG B 187 -34.65 -37.76 26.22
C ARG B 187 -33.71 -38.70 26.96
N ALA B 188 -32.97 -39.54 26.23
CA ALA B 188 -32.08 -40.49 26.88
C ALA B 188 -30.87 -39.82 27.51
N LEU B 189 -30.46 -38.65 27.02
CA LEU B 189 -29.26 -38.00 27.50
C LEU B 189 -29.52 -36.93 28.56
N TYR B 190 -30.65 -36.21 28.49
CA TYR B 190 -30.90 -35.10 29.38
C TYR B 190 -32.28 -35.11 30.02
N GLN B 191 -33.20 -35.97 29.58
CA GLN B 191 -34.47 -36.22 30.26
C GLN B 191 -35.46 -35.07 30.11
N LYS B 192 -35.03 -33.94 29.56
CA LYS B 192 -35.92 -32.80 29.39
C LYS B 192 -35.69 -32.17 28.03
N VAL B 193 -36.78 -31.75 27.40
CA VAL B 193 -36.73 -31.07 26.11
C VAL B 193 -36.94 -29.59 26.34
N GLY B 194 -36.40 -28.78 25.45
CA GLY B 194 -36.46 -27.34 25.62
C GLY B 194 -35.48 -26.85 26.67
N THR B 195 -34.19 -27.08 26.42
CA THR B 195 -33.13 -26.75 27.37
C THR B 195 -32.36 -25.53 26.87
N TYR B 196 -31.41 -25.08 27.70
CA TYR B 196 -30.62 -23.90 27.37
C TYR B 196 -29.26 -24.01 28.03
N VAL B 197 -28.31 -23.25 27.47
CA VAL B 197 -26.97 -23.12 28.04
C VAL B 197 -26.66 -21.63 28.11
N SER B 198 -26.40 -21.12 29.32
CA SER B 198 -26.14 -19.71 29.55
C SER B 198 -24.73 -19.55 30.09
N ALA B 199 -23.91 -18.77 29.39
CA ALA B 199 -22.57 -18.43 29.82
C ALA B 199 -22.47 -16.92 29.96
N SER B 200 -22.00 -16.46 31.11
CA SER B 200 -22.02 -15.04 31.42
C SER B 200 -20.75 -14.60 32.13
N THR B 201 -20.21 -13.47 31.69
CA THR B 201 -19.14 -12.77 32.39
C THR B 201 -19.56 -11.32 32.60
N SER B 202 -18.64 -10.48 33.05
CA SER B 202 -18.95 -9.06 33.21
C SER B 202 -19.04 -8.33 31.87
N THR B 203 -18.65 -8.97 30.77
CA THR B 203 -18.69 -8.36 29.46
C THR B 203 -19.49 -9.23 28.48
N LEU B 204 -19.40 -10.55 28.65
CA LEU B 204 -19.96 -11.50 27.69
C LEU B 204 -21.27 -12.08 28.22
N TYR B 205 -22.28 -12.09 27.37
CA TYR B 205 -23.55 -12.77 27.61
C TYR B 205 -23.85 -13.71 26.46
N LYS B 206 -24.26 -14.93 26.77
CA LYS B 206 -24.57 -15.90 25.73
C LYS B 206 -25.62 -16.88 26.22
N ARG B 207 -26.70 -17.00 25.46
CA ARG B 207 -27.72 -18.04 25.65
C ARG B 207 -27.83 -18.85 24.38
N SER B 208 -27.71 -20.17 24.50
CA SER B 208 -27.77 -21.07 23.36
C SER B 208 -28.82 -22.14 23.61
N ILE B 209 -29.52 -22.53 22.55
CA ILE B 209 -30.59 -23.51 22.61
C ILE B 209 -30.19 -24.71 21.79
N PRO B 210 -30.23 -25.92 22.33
CA PRO B 210 -29.98 -27.11 21.51
C PRO B 210 -31.05 -27.26 20.44
N GLU B 211 -30.63 -27.74 19.28
CA GLU B 211 -31.52 -27.96 18.14
C GLU B 211 -31.34 -29.38 17.62
N ILE B 212 -32.46 -30.07 17.39
CA ILE B 212 -32.49 -31.49 17.07
C ILE B 212 -32.92 -31.64 15.62
N ALA B 213 -32.10 -32.30 14.82
CA ALA B 213 -32.41 -32.52 13.41
C ALA B 213 -31.63 -33.71 12.89
N ALA B 214 -32.09 -34.25 11.76
CA ALA B 214 -31.41 -35.33 11.08
C ALA B 214 -30.41 -34.75 10.10
N ARG B 215 -29.16 -35.15 10.24
CA ARG B 215 -28.04 -34.56 9.51
C ARG B 215 -27.25 -35.65 8.80
N PRO B 216 -26.54 -35.29 7.73
CA PRO B 216 -25.64 -36.26 7.10
C PRO B 216 -24.59 -36.74 8.08
N LYS B 217 -24.26 -38.03 7.99
CA LYS B 217 -23.39 -38.66 8.96
C LYS B 217 -21.94 -38.32 8.67
N VAL B 218 -21.27 -37.68 9.62
CA VAL B 218 -19.84 -37.41 9.57
C VAL B 218 -19.20 -38.13 10.75
N ASN B 219 -18.18 -38.95 10.46
CA ASN B 219 -17.54 -39.81 11.44
C ASN B 219 -18.51 -40.82 12.04
N GLY B 220 -19.61 -41.10 11.34
CA GLY B 220 -20.57 -42.09 11.79
C GLY B 220 -21.70 -41.56 12.64
N LEU B 221 -21.72 -40.26 12.96
CA LEU B 221 -22.74 -39.68 13.80
C LEU B 221 -23.45 -38.55 13.07
N GLY B 222 -24.75 -38.42 13.33
CA GLY B 222 -25.54 -37.31 12.84
C GLY B 222 -25.65 -36.14 13.79
N SER B 223 -25.06 -36.25 14.98
CA SER B 223 -25.08 -35.18 15.96
C SER B 223 -23.88 -34.26 15.78
N ARG B 224 -23.87 -33.16 16.52
CA ARG B 224 -22.81 -32.17 16.40
C ARG B 224 -22.47 -31.61 17.78
N MET B 225 -21.30 -30.98 17.86
CA MET B 225 -20.89 -30.25 19.06
C MET B 225 -20.30 -28.92 18.62
N GLU B 226 -20.88 -27.82 19.09
CA GLU B 226 -20.44 -26.48 18.74
C GLU B 226 -19.69 -25.88 19.92
N PHE B 227 -18.45 -25.47 19.68
CA PHE B 227 -17.56 -25.00 20.73
C PHE B 227 -17.33 -23.50 20.61
N SER B 228 -17.34 -22.82 21.76
CA SER B 228 -17.09 -21.39 21.83
C SER B 228 -16.01 -21.11 22.85
N TRP B 229 -15.36 -19.96 22.71
CA TRP B 229 -14.25 -19.56 23.56
C TRP B 229 -14.41 -18.12 24.01
N THR B 230 -13.81 -17.81 25.15
CA THR B 230 -13.81 -16.46 25.70
C THR B 230 -12.50 -16.20 26.40
N LEU B 231 -12.21 -14.91 26.58
CA LEU B 231 -10.97 -14.44 27.20
C LEU B 231 -11.34 -13.69 28.48
N LEU B 232 -11.28 -14.39 29.60
CA LEU B 232 -11.63 -13.82 30.89
C LEU B 232 -10.48 -12.96 31.41
N ASP B 233 -10.80 -11.76 31.89
CA ASP B 233 -9.81 -10.81 32.38
C ASP B 233 -9.49 -11.08 33.84
N MET B 234 -8.54 -10.33 34.37
CA MET B 234 -8.15 -10.47 35.76
C MET B 234 -9.30 -10.08 36.69
N TRP B 235 -9.46 -10.85 37.77
CA TRP B 235 -10.45 -10.56 38.81
C TRP B 235 -11.87 -10.50 38.25
N ASP B 236 -12.15 -11.31 37.24
CA ASP B 236 -13.48 -11.42 36.65
C ASP B 236 -14.01 -12.83 36.86
N THR B 237 -15.33 -12.94 36.96
CA THR B 237 -15.99 -14.21 37.27
C THR B 237 -16.78 -14.68 36.06
N ILE B 238 -16.65 -15.96 35.74
CA ILE B 238 -17.43 -16.60 34.69
C ILE B 238 -18.47 -17.50 35.34
N ASN B 239 -19.66 -17.55 34.73
CA ASN B 239 -20.80 -18.28 35.25
C ASN B 239 -21.40 -19.15 34.16
N PHE B 240 -21.58 -20.43 34.46
CA PHE B 240 -22.23 -21.39 33.58
C PHE B 240 -23.52 -21.85 34.23
N GLU B 241 -24.61 -21.84 33.47
CA GLU B 241 -25.88 -22.39 33.92
C GLU B 241 -26.46 -23.23 32.79
N SER B 242 -27.04 -24.37 33.14
CA SER B 242 -27.55 -25.25 32.08
C SER B 242 -28.64 -26.16 32.62
N THR B 243 -29.65 -26.41 31.79
CA THR B 243 -30.63 -27.45 32.02
C THR B 243 -30.39 -28.65 31.13
N GLY B 244 -29.30 -28.67 30.39
CA GLY B 244 -28.97 -29.77 29.51
C GLY B 244 -28.07 -29.33 28.39
N ASN B 245 -27.38 -30.31 27.81
CA ASN B 245 -26.57 -30.13 26.60
C ASN B 245 -25.38 -29.21 26.85
N LEU B 246 -24.74 -29.32 28.00
CA LEU B 246 -23.58 -28.51 28.33
C LEU B 246 -22.34 -29.40 28.39
N VAL B 247 -21.34 -29.06 27.60
CA VAL B 247 -20.03 -29.70 27.66
C VAL B 247 -19.13 -28.74 28.43
N ALA B 248 -18.99 -28.98 29.72
CA ALA B 248 -18.35 -28.01 30.60
C ALA B 248 -16.82 -28.06 30.47
N PRO B 249 -16.15 -26.94 30.67
CA PRO B 249 -14.69 -26.96 30.73
C PRO B 249 -14.19 -27.48 32.08
N GLU B 250 -13.01 -28.09 32.05
CA GLU B 250 -12.32 -28.49 33.26
C GLU B 250 -11.03 -27.72 33.49
N TYR B 251 -10.42 -27.19 32.43
CA TYR B 251 -9.16 -26.49 32.52
C TYR B 251 -9.25 -25.13 31.85
N GLY B 252 -8.46 -24.19 32.34
CA GLY B 252 -8.31 -22.88 31.73
C GLY B 252 -6.87 -22.64 31.36
N PHE B 253 -6.63 -21.76 30.39
CA PHE B 253 -5.29 -21.53 29.86
C PHE B 253 -4.86 -20.10 30.21
N LYS B 254 -3.99 -19.98 31.20
CA LYS B 254 -3.42 -18.69 31.57
C LYS B 254 -2.29 -18.34 30.62
N ILE B 255 -2.31 -17.10 30.12
CA ILE B 255 -1.29 -16.58 29.23
C ILE B 255 -0.07 -16.23 30.09
N SER B 256 0.92 -17.11 30.10
CA SER B 256 2.09 -16.91 30.95
C SER B 256 3.15 -16.03 30.33
N LYS B 257 3.41 -16.19 29.04
CA LYS B 257 4.41 -15.38 28.36
C LYS B 257 3.84 -14.80 27.08
N ARG B 258 4.15 -13.54 26.83
CA ARG B 258 3.70 -12.83 25.64
C ARG B 258 4.90 -12.41 24.81
N GLY B 259 4.69 -12.32 23.50
CA GLY B 259 5.76 -11.96 22.61
C GLY B 259 5.29 -11.92 21.18
N SER B 260 6.25 -11.95 20.26
CA SER B 260 5.98 -11.95 18.83
C SER B 260 6.24 -13.35 18.31
N SER B 261 5.19 -14.02 17.83
CA SER B 261 5.29 -15.39 17.35
C SER B 261 4.38 -15.52 16.13
N GLY B 262 4.11 -16.75 15.71
CA GLY B 262 3.22 -16.97 14.59
C GLY B 262 3.01 -18.45 14.36
N ILE B 263 2.13 -18.74 13.42
CA ILE B 263 1.83 -20.11 13.01
C ILE B 263 2.35 -20.29 11.59
N MET B 264 3.22 -21.29 11.41
CA MET B 264 3.85 -21.58 10.14
C MET B 264 3.33 -22.92 9.62
N LYS B 265 2.84 -22.92 8.39
CA LYS B 265 2.20 -24.09 7.79
C LYS B 265 3.24 -24.87 6.99
N THR B 266 3.74 -25.96 7.56
CA THR B 266 4.70 -26.83 6.90
C THR B 266 4.31 -28.29 7.14
N GLU B 267 5.01 -29.18 6.44
CA GLU B 267 4.82 -30.61 6.58
C GLU B 267 6.10 -31.31 7.04
N GLY B 268 7.09 -30.54 7.49
CA GLY B 268 8.37 -31.10 7.90
C GLY B 268 8.43 -31.37 9.39
N THR B 269 9.65 -31.65 9.85
CA THR B 269 9.91 -31.98 11.24
C THR B 269 11.09 -31.14 11.73
N LEU B 270 11.10 -30.88 13.04
CA LEU B 270 12.16 -30.08 13.62
C LEU B 270 13.48 -30.84 13.61
N GLU B 271 14.56 -30.14 13.28
CA GLU B 271 15.89 -30.72 13.22
C GLU B 271 16.84 -29.88 14.06
N ASN B 272 17.94 -30.51 14.47
CA ASN B 272 18.87 -29.89 15.41
C ASN B 272 19.69 -28.78 14.74
N CYS B 273 19.21 -27.55 14.85
CA CYS B 273 19.94 -26.38 14.34
C CYS B 273 19.40 -25.15 15.03
N GLU B 274 20.16 -24.06 14.91
CA GLU B 274 19.85 -22.81 15.60
C GLU B 274 19.89 -21.69 14.57
N THR B 275 18.87 -20.83 14.55
CA THR B 275 18.75 -19.79 13.54
C THR B 275 18.17 -18.53 14.15
N LYS B 276 18.11 -17.47 13.32
CA LYS B 276 17.49 -16.21 13.71
C LYS B 276 16.41 -15.76 12.74
N CYS B 277 16.33 -16.34 11.55
CA CYS B 277 15.27 -16.07 10.59
C CYS B 277 14.79 -17.39 10.03
N GLN B 278 13.48 -17.63 10.07
CA GLN B 278 12.92 -18.91 9.67
C GLN B 278 11.84 -18.71 8.62
N THR B 279 11.93 -19.48 7.54
CA THR B 279 10.95 -19.51 6.47
C THR B 279 10.40 -20.93 6.33
N PRO B 280 9.23 -21.10 5.72
CA PRO B 280 8.67 -22.45 5.57
C PRO B 280 9.55 -23.39 4.77
N LEU B 281 10.49 -22.88 3.97
CA LEU B 281 11.41 -23.73 3.23
C LEU B 281 12.73 -23.96 3.96
N GLY B 282 13.16 -23.02 4.79
CA GLY B 282 14.41 -23.19 5.52
C GLY B 282 14.85 -21.89 6.16
N ALA B 283 15.93 -21.99 6.92
CA ALA B 283 16.47 -20.85 7.63
C ALA B 283 17.41 -20.04 6.73
N ILE B 284 17.57 -18.77 7.09
CA ILE B 284 18.38 -17.83 6.33
C ILE B 284 19.49 -17.31 7.23
N ASN B 285 20.73 -17.39 6.77
CA ASN B 285 21.90 -16.87 7.47
C ASN B 285 22.58 -15.89 6.54
N THR B 286 22.30 -14.60 6.71
CA THR B 286 22.72 -13.60 5.73
C THR B 286 22.89 -12.25 6.41
N THR B 287 23.55 -11.33 5.70
CA THR B 287 23.78 -9.97 6.16
C THR B 287 23.52 -9.00 5.02
N LEU B 288 22.41 -9.20 4.30
CA LEU B 288 22.11 -8.47 3.08
C LEU B 288 20.75 -7.81 3.19
N PRO B 289 20.52 -6.72 2.43
CA PRO B 289 19.22 -6.02 2.52
C PRO B 289 18.04 -6.83 2.01
N PHE B 290 18.20 -7.54 0.90
CA PHE B 290 17.08 -8.19 0.24
C PHE B 290 17.24 -9.71 0.24
N HIS B 291 16.13 -10.38 -0.07
CA HIS B 291 16.11 -11.82 -0.26
C HIS B 291 14.88 -12.18 -1.09
N ASN B 292 14.87 -13.39 -1.63
CA ASN B 292 13.75 -13.85 -2.43
C ASN B 292 13.38 -15.29 -2.13
N VAL B 293 13.54 -15.73 -0.87
CA VAL B 293 13.25 -17.11 -0.51
C VAL B 293 11.75 -17.34 -0.38
N HIS B 294 11.11 -16.62 0.55
CA HIS B 294 9.68 -16.81 0.79
C HIS B 294 9.12 -15.54 1.41
N PRO B 295 7.89 -15.15 1.10
CA PRO B 295 7.32 -13.93 1.70
C PRO B 295 7.11 -14.04 3.19
N LEU B 296 6.47 -15.13 3.64
CA LEU B 296 6.14 -15.28 5.05
C LEU B 296 7.35 -15.79 5.81
N THR B 297 7.96 -14.92 6.61
CA THR B 297 9.11 -15.27 7.42
C THR B 297 8.84 -14.89 8.87
N ILE B 298 9.59 -15.51 9.78
CA ILE B 298 9.49 -15.22 11.20
C ILE B 298 10.90 -14.93 11.72
N GLY B 299 11.06 -13.80 12.39
CA GLY B 299 12.32 -13.42 12.99
C GLY B 299 12.92 -12.18 12.35
N GLU B 300 14.20 -11.99 12.61
CA GLU B 300 14.96 -10.86 12.06
C GLU B 300 15.40 -11.22 10.65
N CYS B 301 14.67 -10.73 9.65
CA CYS B 301 14.88 -11.15 8.27
C CYS B 301 15.01 -9.94 7.35
N PRO B 302 15.76 -10.08 6.27
CA PRO B 302 15.75 -9.04 5.22
C PRO B 302 14.41 -8.95 4.52
N LYS B 303 14.28 -8.01 3.60
CA LYS B 303 13.01 -7.76 2.91
C LYS B 303 12.90 -8.62 1.66
N TYR B 304 11.66 -9.00 1.33
CA TYR B 304 11.38 -9.88 0.21
C TYR B 304 11.08 -9.09 -1.05
N VAL B 305 11.68 -9.52 -2.16
CA VAL B 305 11.46 -8.91 -3.47
C VAL B 305 11.45 -10.01 -4.52
N LYS B 306 10.61 -9.83 -5.54
CA LYS B 306 10.57 -10.78 -6.65
C LYS B 306 11.56 -10.38 -7.75
N SER B 307 12.82 -10.27 -7.36
CA SER B 307 13.91 -9.95 -8.27
C SER B 307 14.89 -11.11 -8.31
N GLU B 308 15.32 -11.48 -9.50
CA GLU B 308 16.27 -12.58 -9.64
C GLU B 308 17.70 -12.13 -9.38
N LYS B 309 18.06 -10.92 -9.83
CA LYS B 309 19.40 -10.39 -9.63
C LYS B 309 19.33 -8.96 -9.14
N LEU B 310 20.25 -8.61 -8.24
CA LEU B 310 20.42 -7.24 -7.76
C LEU B 310 21.88 -7.08 -7.37
N VAL B 311 22.69 -6.56 -8.30
CA VAL B 311 24.13 -6.42 -8.11
C VAL B 311 24.51 -4.96 -8.28
N LEU B 312 25.11 -4.39 -7.25
CA LEU B 312 25.66 -3.04 -7.31
C LEU B 312 27.10 -3.09 -7.80
N ALA B 313 27.51 -2.03 -8.48
CA ALA B 313 28.89 -1.92 -8.96
C ALA B 313 29.70 -1.08 -7.99
N THR B 314 30.87 -1.58 -7.61
CA THR B 314 31.80 -0.84 -6.78
C THR B 314 33.12 -0.53 -7.46
N GLY B 315 33.38 -1.12 -8.63
CA GLY B 315 34.64 -0.92 -9.30
C GLY B 315 34.49 -0.37 -10.71
N LEU B 316 35.58 -0.42 -11.47
CA LEU B 316 35.63 0.16 -12.80
C LEU B 316 35.01 -0.79 -13.82
N ARG B 317 34.76 -0.26 -15.01
CA ARG B 317 34.32 -1.09 -16.12
C ARG B 317 35.52 -1.82 -16.71
N ASN B 318 35.37 -3.12 -16.92
CA ASN B 318 36.49 -3.97 -17.33
C ASN B 318 36.67 -3.86 -18.84
N VAL B 319 37.49 -2.92 -19.26
CA VAL B 319 37.89 -2.77 -20.64
C VAL B 319 39.40 -2.97 -20.73
N PRO B 320 39.85 -4.18 -21.06
CA PRO B 320 41.29 -4.43 -21.11
C PRO B 320 41.94 -3.82 -22.34
N GLN B 321 43.24 -3.59 -22.23
CA GLN B 321 44.01 -3.03 -23.32
C GLN B 321 44.49 -4.14 -24.26
N ILE B 331 53.31 2.09 -24.33
CA ILE B 331 52.08 1.90 -23.57
C ILE B 331 51.20 3.14 -23.68
N ALA B 332 49.90 2.92 -23.87
CA ALA B 332 48.93 3.99 -24.01
C ALA B 332 48.37 4.38 -22.65
N GLY B 333 47.30 5.16 -22.66
CA GLY B 333 46.65 5.60 -21.44
C GLY B 333 45.20 5.17 -21.35
N PHE B 334 44.34 6.03 -20.81
CA PHE B 334 42.96 5.64 -20.60
C PHE B 334 42.13 5.73 -21.87
N ILE B 335 42.70 6.26 -22.95
CA ILE B 335 41.98 6.31 -24.22
C ILE B 335 41.80 4.90 -24.78
N GLU B 336 42.85 4.07 -24.70
CA GLU B 336 42.78 2.73 -25.26
C GLU B 336 42.01 1.79 -24.35
N GLY B 337 42.35 1.76 -23.06
CA GLY B 337 41.65 0.89 -22.13
C GLY B 337 42.31 0.94 -20.77
N GLY B 338 42.00 -0.08 -19.96
CA GLY B 338 42.55 -0.17 -18.63
C GLY B 338 43.81 -1.03 -18.56
N TRP B 339 44.64 -0.75 -17.56
CA TRP B 339 45.88 -1.46 -17.37
C TRP B 339 45.66 -2.72 -16.53
N GLN B 340 46.31 -3.80 -16.93
CA GLN B 340 46.25 -5.07 -16.21
C GLN B 340 47.42 -5.25 -15.27
N GLY B 341 48.27 -4.25 -15.11
CA GLY B 341 49.48 -4.41 -14.33
C GLY B 341 49.61 -3.45 -13.17
N MET B 342 48.69 -2.51 -13.05
CA MET B 342 48.71 -1.56 -11.94
C MET B 342 47.77 -2.05 -10.85
N VAL B 343 48.21 -3.10 -10.17
CA VAL B 343 47.44 -3.67 -9.05
C VAL B 343 47.95 -2.98 -7.79
N ASP B 344 47.49 -1.75 -7.61
CA ASP B 344 47.65 -1.02 -6.35
C ASP B 344 46.43 -0.22 -5.97
N GLY B 345 45.48 0.02 -6.88
CA GLY B 345 44.36 0.89 -6.64
C GLY B 345 43.50 1.04 -7.88
N TRP B 346 42.86 2.19 -8.05
CA TRP B 346 41.93 2.41 -9.15
C TRP B 346 42.49 3.31 -10.24
N TYR B 347 42.93 4.52 -9.89
CA TYR B 347 43.46 5.47 -10.85
C TYR B 347 44.94 5.69 -10.58
N GLY B 348 45.75 5.74 -11.64
CA GLY B 348 47.17 5.85 -11.40
C GLY B 348 47.94 6.37 -12.60
N TYR B 349 49.25 6.49 -12.39
CA TYR B 349 50.19 7.01 -13.38
C TYR B 349 51.18 5.92 -13.77
N HIS B 350 51.48 5.85 -15.06
CA HIS B 350 52.60 5.08 -15.57
C HIS B 350 53.66 6.05 -16.08
N HIS B 351 54.92 5.76 -15.79
CA HIS B 351 55.99 6.65 -16.19
C HIS B 351 57.14 5.86 -16.83
N SER B 352 57.98 6.59 -17.57
CA SER B 352 59.12 5.97 -18.24
C SER B 352 60.17 7.06 -18.46
N ASN B 353 61.19 7.05 -17.62
CA ASN B 353 62.34 7.94 -17.76
C ASN B 353 63.61 7.10 -17.93
N ASP B 354 64.76 7.75 -17.90
CA ASP B 354 66.02 7.05 -18.12
C ASP B 354 66.25 5.97 -17.08
N GLN B 355 66.00 6.27 -15.82
CA GLN B 355 66.23 5.32 -14.72
C GLN B 355 64.93 4.64 -14.29
N GLY B 356 64.35 3.86 -15.19
CA GLY B 356 63.29 2.94 -14.84
C GLY B 356 62.05 3.12 -15.68
N SER B 357 61.14 2.15 -15.52
CA SER B 357 59.86 2.16 -16.23
C SER B 357 58.88 1.33 -15.41
N GLY B 358 57.98 1.99 -14.69
CA GLY B 358 57.07 1.29 -13.80
C GLY B 358 55.75 2.01 -13.63
N TYR B 359 54.85 1.36 -12.92
CA TYR B 359 53.52 1.87 -12.64
C TYR B 359 53.51 2.58 -11.29
N ALA B 360 52.34 3.08 -10.91
CA ALA B 360 52.13 3.76 -9.64
C ALA B 360 50.63 3.78 -9.37
N ALA B 361 50.21 4.54 -8.36
CA ALA B 361 48.80 4.66 -8.04
C ALA B 361 48.59 5.93 -7.23
N ASP B 362 47.62 6.74 -7.64
CA ASP B 362 47.28 7.95 -6.91
C ASP B 362 46.53 7.59 -5.63
N LYS B 363 46.86 8.29 -4.54
CA LYS B 363 46.29 7.98 -3.24
C LYS B 363 45.01 8.76 -2.97
N GLU B 364 45.04 10.08 -3.15
CA GLU B 364 43.91 10.92 -2.75
C GLU B 364 42.66 10.61 -3.58
N SER B 365 42.81 10.51 -4.90
CA SER B 365 41.65 10.26 -5.75
C SER B 365 41.06 8.88 -5.48
N THR B 366 41.92 7.86 -5.34
CA THR B 366 41.42 6.52 -5.06
C THR B 366 40.71 6.48 -3.71
N GLN B 367 41.26 7.17 -2.70
CA GLN B 367 40.62 7.20 -1.39
C GLN B 367 39.26 7.89 -1.46
N LYS B 368 39.18 9.03 -2.15
CA LYS B 368 37.92 9.74 -2.25
C LYS B 368 36.87 8.89 -2.96
N ALA B 369 37.25 8.23 -4.06
CA ALA B 369 36.31 7.37 -4.77
C ALA B 369 35.88 6.19 -3.90
N PHE B 370 36.83 5.61 -3.14
CA PHE B 370 36.52 4.49 -2.28
C PHE B 370 35.50 4.87 -1.22
N ASP B 371 35.73 5.99 -0.54
CA ASP B 371 34.77 6.46 0.45
C ASP B 371 33.42 6.79 -0.17
N GLY B 372 33.42 7.39 -1.36
CA GLY B 372 32.15 7.69 -2.01
C GLY B 372 31.35 6.44 -2.31
N ILE B 373 32.00 5.43 -2.89
CA ILE B 373 31.31 4.19 -3.21
C ILE B 373 30.81 3.50 -1.95
N THR B 374 31.63 3.48 -0.89
CA THR B 374 31.22 2.85 0.35
C THR B 374 30.01 3.56 0.96
N ASN B 375 30.03 4.91 0.95
CA ASN B 375 28.90 5.66 1.47
C ASN B 375 27.65 5.39 0.66
N LYS B 376 27.77 5.30 -0.67
CA LYS B 376 26.62 5.01 -1.51
C LYS B 376 26.01 3.65 -1.16
N VAL B 377 26.87 2.63 -1.05
CA VAL B 377 26.38 1.29 -0.73
C VAL B 377 25.71 1.28 0.64
N ASN B 378 26.32 1.93 1.62
CA ASN B 378 25.73 1.98 2.96
C ASN B 378 24.37 2.67 2.94
N SER B 379 24.31 3.86 2.34
CA SER B 379 23.06 4.61 2.29
C SER B 379 21.97 3.82 1.57
N VAL B 380 22.34 3.00 0.60
CA VAL B 380 21.35 2.12 -0.01
C VAL B 380 20.92 1.04 0.98
N ILE B 381 21.86 0.53 1.78
CA ILE B 381 21.57 -0.63 2.63
C ILE B 381 20.80 -0.22 3.88
N GLU B 382 21.40 0.61 4.74
CA GLU B 382 20.76 0.89 6.03
C GLU B 382 19.66 1.94 5.95
N LYS B 383 19.25 2.37 4.76
CA LYS B 383 18.04 3.17 4.65
C LYS B 383 16.79 2.34 4.84
N MET B 384 16.90 1.02 4.88
CA MET B 384 15.76 0.13 4.95
C MET B 384 15.59 -0.35 6.39
N ASN B 385 14.45 0.00 7.00
CA ASN B 385 14.17 -0.33 8.40
C ASN B 385 12.98 -1.28 8.44
N THR B 386 13.20 -2.47 8.98
CA THR B 386 12.18 -3.50 9.08
C THR B 386 11.88 -3.80 10.56
N GLN B 387 11.03 -4.79 10.78
CA GLN B 387 10.63 -5.18 12.13
C GLN B 387 10.56 -6.70 12.17
N PHE B 388 9.92 -7.25 13.21
CA PHE B 388 9.80 -8.70 13.33
C PHE B 388 9.06 -9.29 12.14
N GLU B 389 7.91 -8.71 11.79
CA GLU B 389 7.16 -9.05 10.58
C GLU B 389 6.82 -10.55 10.54
N ALA B 390 6.03 -10.98 11.53
CA ALA B 390 5.53 -12.34 11.57
C ALA B 390 4.18 -12.43 10.84
N VAL B 391 4.22 -12.19 9.53
CA VAL B 391 3.00 -12.10 8.74
C VAL B 391 2.34 -13.47 8.64
N GLY B 392 1.04 -13.45 8.37
CA GLY B 392 0.24 -14.65 8.26
C GLY B 392 -1.10 -14.54 8.94
N LYS B 393 -2.17 -14.80 8.21
CA LYS B 393 -3.52 -14.67 8.75
C LYS B 393 -4.42 -15.71 8.10
N GLU B 394 -5.36 -16.22 8.89
CA GLU B 394 -6.31 -17.21 8.42
C GLU B 394 -7.69 -16.57 8.30
N PHE B 395 -8.43 -16.97 7.26
CA PHE B 395 -9.78 -16.48 7.03
C PHE B 395 -10.70 -17.66 6.72
N SER B 396 -11.96 -17.52 7.12
CA SER B 396 -12.93 -18.57 6.94
C SER B 396 -13.54 -18.51 5.54
N ASN B 397 -14.44 -19.45 5.24
CA ASN B 397 -15.02 -19.51 3.90
C ASN B 397 -16.19 -18.54 3.70
N LEU B 398 -16.72 -17.94 4.76
CA LEU B 398 -17.63 -16.80 4.62
C LEU B 398 -16.91 -15.46 4.58
N GLU B 399 -15.59 -15.44 4.70
CA GLU B 399 -14.80 -14.22 4.61
C GLU B 399 -13.84 -14.38 3.44
N LYS B 400 -14.30 -14.03 2.25
CA LYS B 400 -13.48 -14.07 1.05
C LYS B 400 -13.10 -12.70 0.53
N ARG B 401 -13.93 -11.69 0.79
CA ARG B 401 -13.56 -10.32 0.46
C ARG B 401 -12.38 -9.85 1.31
N LEU B 402 -12.39 -10.20 2.60
CA LEU B 402 -11.28 -9.83 3.47
C LEU B 402 -9.98 -10.52 3.06
N GLU B 403 -10.07 -11.80 2.69
CA GLU B 403 -8.88 -12.51 2.22
C GLU B 403 -8.31 -11.86 0.97
N ASN B 404 -9.17 -11.50 0.02
CA ASN B 404 -8.72 -10.84 -1.20
C ASN B 404 -8.09 -9.48 -0.87
N LEU B 405 -8.69 -8.75 0.07
CA LEU B 405 -8.14 -7.45 0.47
C LEU B 405 -6.73 -7.62 1.03
N ASN B 406 -6.55 -8.58 1.94
CA ASN B 406 -5.23 -8.82 2.53
C ASN B 406 -4.21 -9.22 1.48
N LYS B 407 -4.59 -10.13 0.57
CA LYS B 407 -3.68 -10.58 -0.48
C LYS B 407 -3.28 -9.42 -1.39
N LYS B 408 -4.25 -8.60 -1.79
CA LYS B 408 -3.94 -7.48 -2.67
C LYS B 408 -3.03 -6.48 -2.00
N MET B 409 -3.26 -6.21 -0.72
CA MET B 409 -2.41 -5.26 0.00
C MET B 409 -0.97 -5.77 0.06
N GLU B 410 -0.79 -7.04 0.41
CA GLU B 410 0.55 -7.60 0.50
C GLU B 410 1.25 -7.58 -0.86
N ASP B 411 0.54 -8.00 -1.91
CA ASP B 411 1.13 -8.03 -3.24
C ASP B 411 1.52 -6.64 -3.71
N GLY B 412 0.65 -5.65 -3.48
CA GLY B 412 0.95 -4.29 -3.89
C GLY B 412 2.17 -3.73 -3.19
N PHE B 413 2.26 -3.94 -1.87
CA PHE B 413 3.42 -3.41 -1.15
C PHE B 413 4.71 -4.08 -1.64
N LEU B 414 4.67 -5.40 -1.84
CA LEU B 414 5.88 -6.08 -2.31
C LEU B 414 6.28 -5.62 -3.70
N ASP B 415 5.30 -5.41 -4.58
CA ASP B 415 5.60 -4.93 -5.93
C ASP B 415 6.22 -3.54 -5.89
N VAL B 416 5.68 -2.66 -5.04
CA VAL B 416 6.23 -1.31 -4.91
C VAL B 416 7.68 -1.38 -4.46
N TRP B 417 7.97 -2.20 -3.45
CA TRP B 417 9.33 -2.28 -2.94
C TRP B 417 10.29 -2.89 -3.97
N THR B 418 9.81 -3.86 -4.74
CA THR B 418 10.63 -4.44 -5.79
C THR B 418 11.00 -3.40 -6.84
N TYR B 419 10.01 -2.60 -7.26
CA TYR B 419 10.29 -1.53 -8.22
C TYR B 419 11.29 -0.53 -7.65
N ASN B 420 11.13 -0.17 -6.38
CA ASN B 420 12.05 0.78 -5.76
C ASN B 420 13.48 0.24 -5.78
N ALA B 421 13.66 -1.03 -5.39
CA ALA B 421 15.00 -1.60 -5.36
C ALA B 421 15.62 -1.66 -6.75
N GLU B 422 14.85 -2.10 -7.74
CA GLU B 422 15.38 -2.19 -9.10
C GLU B 422 15.77 -0.81 -9.62
N LEU B 423 14.92 0.20 -9.40
CA LEU B 423 15.24 1.56 -9.82
C LEU B 423 16.53 2.03 -9.16
N LEU B 424 16.65 1.84 -7.84
CA LEU B 424 17.82 2.35 -7.13
C LEU B 424 19.09 1.72 -7.65
N VAL B 425 19.09 0.40 -7.82
CA VAL B 425 20.30 -0.28 -8.28
C VAL B 425 20.64 0.15 -9.70
N LEU B 426 19.64 0.19 -10.58
CA LEU B 426 19.90 0.51 -11.98
C LEU B 426 20.44 1.92 -12.13
N MET B 427 19.93 2.87 -11.35
CA MET B 427 20.41 4.25 -11.47
C MET B 427 21.79 4.42 -10.84
N GLU B 428 22.01 3.82 -9.66
CA GLU B 428 23.31 3.98 -9.02
C GLU B 428 24.42 3.31 -9.81
N ASN B 429 24.12 2.24 -10.55
CA ASN B 429 25.15 1.61 -11.36
C ASN B 429 25.67 2.56 -12.44
N GLU B 430 24.76 3.20 -13.17
CA GLU B 430 25.17 4.17 -14.18
C GLU B 430 25.89 5.35 -13.54
N ARG B 431 25.40 5.81 -12.39
CA ARG B 431 26.04 6.94 -11.74
C ARG B 431 27.47 6.62 -11.35
N THR B 432 27.72 5.42 -10.81
CA THR B 432 29.07 5.02 -10.44
C THR B 432 29.96 4.84 -11.68
N LEU B 433 29.42 4.23 -12.73
CA LEU B 433 30.24 4.02 -13.93
C LEU B 433 30.60 5.33 -14.62
N ASP B 434 29.77 6.35 -14.48
CA ASP B 434 30.16 7.68 -14.95
C ASP B 434 31.08 8.38 -13.97
N PHE B 435 30.90 8.12 -12.67
CA PHE B 435 31.78 8.69 -11.66
C PHE B 435 33.23 8.30 -11.90
N HIS B 436 33.46 7.04 -12.26
CA HIS B 436 34.83 6.57 -12.42
C HIS B 436 35.55 7.27 -13.57
N ASP B 437 34.94 7.30 -14.76
CA ASP B 437 35.64 7.90 -15.89
C ASP B 437 35.68 9.42 -15.76
N SER B 438 34.70 10.03 -15.09
CA SER B 438 34.80 11.45 -14.80
C SER B 438 36.00 11.73 -13.90
N ASN B 439 36.24 10.88 -12.89
CA ASN B 439 37.39 11.07 -12.02
C ASN B 439 38.70 10.91 -12.80
N VAL B 440 38.76 9.92 -13.68
CA VAL B 440 39.97 9.74 -14.48
C VAL B 440 40.23 10.97 -15.36
N LYS B 441 39.18 11.49 -16.00
CA LYS B 441 39.33 12.67 -16.84
C LYS B 441 39.75 13.87 -16.02
N ASN B 442 39.22 14.01 -14.80
CA ASN B 442 39.61 15.13 -13.95
C ASN B 442 41.06 15.04 -13.54
N LEU B 443 41.55 13.83 -13.24
CA LEU B 443 42.97 13.67 -12.94
C LEU B 443 43.84 14.06 -14.13
N TYR B 444 43.46 13.62 -15.33
CA TYR B 444 44.19 13.99 -16.53
C TYR B 444 44.22 15.50 -16.73
N ASP B 445 43.06 16.15 -16.54
CA ASP B 445 42.96 17.59 -16.73
C ASP B 445 43.79 18.34 -15.70
N LYS B 446 43.77 17.89 -14.45
CA LYS B 446 44.56 18.53 -13.41
C LYS B 446 46.05 18.44 -13.72
N VAL B 447 46.51 17.27 -14.14
CA VAL B 447 47.92 17.11 -14.47
C VAL B 447 48.29 18.03 -15.63
N ARG B 448 47.44 18.07 -16.67
CA ARG B 448 47.73 18.92 -17.82
C ARG B 448 47.77 20.40 -17.42
N MET B 449 46.84 20.82 -16.57
CA MET B 449 46.79 22.22 -16.16
C MET B 449 48.00 22.60 -15.33
N GLN B 450 48.45 21.71 -14.45
CA GLN B 450 49.63 22.02 -13.65
C GLN B 450 50.91 21.93 -14.47
N LEU B 451 50.90 21.18 -15.57
CA LEU B 451 52.10 21.07 -16.40
C LEU B 451 52.22 22.18 -17.42
N ARG B 452 51.10 22.74 -17.89
CA ARG B 452 51.06 23.89 -18.80
C ARG B 452 51.75 23.50 -20.10
N ASP B 453 52.61 24.35 -20.67
CA ASP B 453 53.15 24.14 -22.00
C ASP B 453 54.52 23.48 -22.01
N ASN B 454 55.05 23.11 -20.83
CA ASN B 454 56.33 22.43 -20.80
C ASN B 454 56.28 21.02 -21.37
N VAL B 455 55.08 20.49 -21.62
CA VAL B 455 54.92 19.13 -22.10
C VAL B 455 54.19 19.13 -23.44
N LYS B 456 54.03 17.94 -24.02
CA LYS B 456 53.37 17.77 -25.31
C LYS B 456 52.35 16.65 -25.19
N GLU B 457 51.11 16.93 -25.58
CA GLU B 457 50.08 15.89 -25.57
C GLU B 457 50.31 14.91 -26.72
N LEU B 458 49.77 13.71 -26.55
CA LEU B 458 49.97 12.64 -27.52
C LEU B 458 48.68 12.02 -28.04
N GLY B 459 47.52 12.39 -27.49
CA GLY B 459 46.26 11.89 -27.98
C GLY B 459 45.85 10.51 -27.49
N ASN B 460 46.68 9.86 -26.67
CA ASN B 460 46.35 8.57 -26.09
C ASN B 460 46.46 8.61 -24.57
N GLY B 461 46.27 9.78 -23.98
CA GLY B 461 46.36 9.94 -22.55
C GLY B 461 47.76 10.15 -21.99
N CYS B 462 48.76 10.31 -22.84
CA CYS B 462 50.14 10.39 -22.41
C CYS B 462 50.73 11.76 -22.75
N PHE B 463 51.59 12.23 -21.85
CA PHE B 463 52.30 13.49 -22.00
C PHE B 463 53.78 13.20 -22.16
N GLU B 464 54.38 13.72 -23.24
CA GLU B 464 55.81 13.65 -23.46
C GLU B 464 56.48 14.91 -22.93
N PHE B 465 57.64 14.74 -22.33
CA PHE B 465 58.34 15.84 -21.69
C PHE B 465 59.37 16.44 -22.64
N TYR B 466 59.56 17.75 -22.52
CA TYR B 466 60.58 18.44 -23.30
C TYR B 466 61.93 18.43 -22.59
N HIS B 467 61.95 18.73 -21.30
CA HIS B 467 63.16 18.61 -20.50
C HIS B 467 63.30 17.19 -19.98
N LYS B 468 64.49 16.87 -19.49
CA LYS B 468 64.76 15.55 -18.92
C LYS B 468 64.27 15.53 -17.49
N CYS B 469 63.23 14.73 -17.23
CA CYS B 469 62.59 14.66 -15.92
C CYS B 469 63.05 13.40 -15.21
N ASP B 470 63.66 13.56 -14.03
CA ASP B 470 64.11 12.44 -13.22
C ASP B 470 63.00 12.03 -12.25
N ASN B 471 63.33 11.16 -11.30
CA ASN B 471 62.32 10.66 -10.37
C ASN B 471 61.80 11.75 -9.45
N GLU B 472 62.65 12.70 -9.07
CA GLU B 472 62.19 13.79 -8.22
C GLU B 472 61.11 14.62 -8.91
N CYS B 473 61.32 14.93 -10.20
CA CYS B 473 60.30 15.67 -10.94
C CYS B 473 59.05 14.83 -11.15
N MET B 474 59.20 13.52 -11.34
CA MET B 474 58.04 12.65 -11.47
C MET B 474 57.20 12.67 -10.20
N ASP B 475 57.86 12.59 -9.04
CA ASP B 475 57.14 12.64 -7.77
C ASP B 475 56.51 14.01 -7.55
N SER B 476 57.19 15.07 -8.00
CA SER B 476 56.60 16.41 -7.90
C SER B 476 55.33 16.50 -8.73
N VAL B 477 55.35 15.91 -9.93
CA VAL B 477 54.15 15.89 -10.76
C VAL B 477 53.04 15.10 -10.07
N LYS B 478 53.39 13.92 -9.54
CA LYS B 478 52.37 13.04 -8.97
C LYS B 478 51.74 13.65 -7.72
N ASN B 479 52.54 14.23 -6.83
CA ASN B 479 51.99 14.79 -5.60
C ASN B 479 51.38 16.17 -5.79
N GLY B 480 51.76 16.89 -6.85
CA GLY B 480 51.13 18.16 -7.14
C GLY B 480 51.97 19.37 -6.74
N THR B 481 53.28 19.29 -6.95
CA THR B 481 54.18 20.40 -6.63
C THR B 481 55.19 20.60 -7.75
N TYR B 482 54.74 20.45 -8.99
CA TYR B 482 55.62 20.68 -10.14
C TYR B 482 55.99 22.16 -10.23
N ASP B 483 57.26 22.42 -10.53
CA ASP B 483 57.79 23.79 -10.57
C ASP B 483 57.92 24.21 -12.02
N TYR B 484 56.90 24.91 -12.52
CA TYR B 484 56.95 25.46 -13.87
C TYR B 484 58.07 26.48 -14.06
N PRO B 485 58.31 27.44 -13.16
CA PRO B 485 59.40 28.41 -13.39
C PRO B 485 60.76 27.75 -13.59
N LYS B 486 61.07 26.70 -12.83
CA LYS B 486 62.41 26.14 -12.86
C LYS B 486 62.69 25.44 -14.19
N TYR B 487 61.71 24.71 -14.73
CA TYR B 487 61.87 23.96 -15.96
C TYR B 487 61.38 24.72 -17.19
N GLU B 488 61.43 26.06 -17.15
CA GLU B 488 60.85 26.86 -18.23
C GLU B 488 61.83 27.04 -19.38
N GLU B 489 63.06 27.48 -19.07
CA GLU B 489 64.01 27.85 -20.12
C GLU B 489 64.38 26.66 -20.99
N GLU B 490 64.68 25.51 -20.37
CA GLU B 490 65.03 24.33 -21.15
C GLU B 490 63.86 23.88 -22.02
N SER B 491 62.65 23.91 -21.48
CA SER B 491 61.47 23.53 -22.26
C SER B 491 61.28 24.45 -23.46
N LYS B 492 61.45 25.76 -23.25
CA LYS B 492 61.33 26.70 -24.36
C LYS B 492 62.39 26.45 -25.42
N LEU B 493 63.64 26.22 -24.99
CA LEU B 493 64.71 25.98 -25.95
C LEU B 493 64.45 24.72 -26.76
N ASN B 494 63.97 23.65 -26.11
CA ASN B 494 63.70 22.43 -26.85
C ASN B 494 62.46 22.57 -27.74
N ARG B 495 61.49 23.38 -27.33
CA ARG B 495 60.25 23.53 -28.11
C ARG B 495 60.49 24.37 -29.36
N ASN B 496 61.26 25.45 -29.23
CA ASN B 496 61.48 26.35 -30.36
C ASN B 496 62.26 25.68 -31.49
N GLU B 497 63.02 24.64 -31.19
CA GLU B 497 63.79 23.94 -32.21
C GLU B 497 62.86 23.10 -33.10
N ASP C 1 47.85 42.40 -16.26
CA ASP C 1 46.41 42.38 -16.48
C ASP C 1 45.88 40.95 -16.40
N GLN C 2 44.96 40.71 -15.46
CA GLN C 2 44.48 39.36 -15.19
C GLN C 2 42.97 39.34 -15.05
N ILE C 3 42.39 38.19 -15.41
CA ILE C 3 40.99 37.90 -15.11
C ILE C 3 40.93 36.54 -14.44
N CYS C 4 39.96 36.35 -13.55
CA CYS C 4 39.77 35.11 -12.80
C CYS C 4 38.29 34.77 -12.80
N ILE C 5 37.99 33.47 -12.87
CA ILE C 5 36.63 32.97 -12.84
C ILE C 5 36.40 32.23 -11.52
N GLY C 6 35.34 32.60 -10.80
CA GLY C 6 35.12 31.97 -9.51
C GLY C 6 33.68 32.04 -9.07
N TYR C 7 33.44 31.54 -7.86
CA TYR C 7 32.12 31.54 -7.24
C TYR C 7 32.20 32.17 -5.86
N HIS C 8 31.08 32.13 -5.15
CA HIS C 8 30.84 32.97 -3.98
C HIS C 8 30.68 32.12 -2.72
N ALA C 9 31.20 32.64 -1.61
CA ALA C 9 31.14 31.96 -0.33
C ALA C 9 30.71 32.94 0.75
N ASN C 10 30.26 32.40 1.88
CA ASN C 10 29.78 33.20 3.00
C ASN C 10 30.11 32.46 4.30
N ASN C 11 29.47 32.89 5.39
CA ASN C 11 29.71 32.33 6.71
C ASN C 11 28.61 31.39 7.17
N SER C 12 27.74 30.94 6.26
CA SER C 12 26.65 30.05 6.64
C SER C 12 27.19 28.71 7.13
N THR C 13 26.44 28.09 8.03
CA THR C 13 26.83 26.82 8.64
C THR C 13 25.78 25.73 8.47
N GLU C 14 24.87 25.90 7.51
CA GLU C 14 23.87 24.87 7.25
C GLU C 14 24.52 23.65 6.61
N LYS C 15 23.99 22.48 6.96
CA LYS C 15 24.52 21.21 6.47
C LYS C 15 23.41 20.41 5.81
N ILE C 16 23.79 19.66 4.78
CA ILE C 16 22.89 18.78 4.04
C ILE C 16 23.51 17.39 3.98
N ASP C 17 22.70 16.42 3.57
CA ASP C 17 23.14 15.05 3.37
C ASP C 17 22.94 14.70 1.90
N THR C 18 23.98 14.14 1.29
CA THR C 18 23.94 13.65 -0.08
C THR C 18 23.99 12.13 -0.08
N ILE C 19 24.04 11.55 -1.28
CA ILE C 19 24.14 10.10 -1.39
C ILE C 19 25.59 9.63 -1.40
N LEU C 20 26.55 10.51 -1.72
CA LEU C 20 27.95 10.15 -1.76
C LEU C 20 28.74 10.65 -0.56
N GLU C 21 28.20 11.59 0.20
CA GLU C 21 28.89 12.14 1.35
C GLU C 21 27.86 12.67 2.34
N ARG C 22 28.31 12.92 3.56
CA ARG C 22 27.43 13.30 4.65
C ARG C 22 27.93 14.57 5.32
N ASN C 23 26.99 15.38 5.80
CA ASN C 23 27.28 16.64 6.51
C ASN C 23 28.09 17.59 5.63
N VAL C 24 27.48 18.03 4.54
CA VAL C 24 28.11 18.94 3.59
C VAL C 24 27.58 20.35 3.83
N THR C 25 28.49 21.29 4.05
CA THR C 25 28.12 22.68 4.28
C THR C 25 27.75 23.36 2.97
N VAL C 26 26.71 24.20 3.00
CA VAL C 26 26.20 24.87 1.82
C VAL C 26 26.03 26.35 2.11
N THR C 27 25.98 27.14 1.03
CA THR C 27 25.77 28.58 1.18
C THR C 27 24.31 28.90 1.53
N HIS C 28 23.37 28.29 0.82
CA HIS C 28 21.96 28.48 1.07
C HIS C 28 21.28 27.12 1.24
N ALA C 29 20.26 27.08 2.09
CA ALA C 29 19.50 25.86 2.32
C ALA C 29 18.09 26.21 2.74
N LYS C 30 17.16 25.29 2.49
CA LYS C 30 15.76 25.47 2.83
C LYS C 30 15.28 24.26 3.61
N ASP C 31 14.72 24.50 4.79
CA ASP C 31 14.14 23.42 5.59
C ASP C 31 12.68 23.25 5.22
N ILE C 32 12.31 22.02 4.87
CA ILE C 32 10.97 21.72 4.39
C ILE C 32 10.15 20.89 5.37
N LEU C 33 10.72 20.55 6.53
CA LEU C 33 10.03 19.74 7.52
C LEU C 33 9.69 20.60 8.74
N GLU C 34 8.47 20.44 9.25
CA GLU C 34 8.03 21.13 10.46
C GLU C 34 8.06 20.18 11.64
N LYS C 35 8.57 20.67 12.77
CA LYS C 35 8.72 19.86 13.97
C LYS C 35 8.07 20.51 15.18
N THR C 36 7.35 21.62 15.00
CA THR C 36 6.85 22.41 16.11
C THR C 36 5.33 22.52 16.05
N HIS C 37 4.73 22.62 17.23
CA HIS C 37 3.30 22.86 17.40
C HIS C 37 3.13 23.79 18.60
N ASN C 38 1.91 24.28 18.78
CA ASN C 38 1.63 25.18 19.89
C ASN C 38 1.11 24.47 21.13
N GLY C 39 0.95 23.16 21.09
CA GLY C 39 0.51 22.41 22.26
C GLY C 39 -0.87 22.80 22.76
N LYS C 40 -1.78 23.14 21.87
CA LYS C 40 -3.09 23.65 22.23
C LYS C 40 -4.17 22.97 21.40
N LEU C 41 -5.38 22.94 21.93
CA LEU C 41 -6.56 22.47 21.21
C LEU C 41 -7.38 23.69 20.83
N CYS C 42 -7.39 24.03 19.55
CA CYS C 42 -8.02 25.23 19.04
C CYS C 42 -9.33 24.94 18.31
N LYS C 43 -9.91 26.00 17.76
CA LYS C 43 -11.14 25.94 17.00
C LYS C 43 -10.80 25.86 15.52
N LEU C 44 -11.32 24.86 14.84
CA LEU C 44 -11.01 24.63 13.43
C LEU C 44 -11.90 25.51 12.56
N ASN C 45 -11.29 26.49 11.91
CA ASN C 45 -11.97 27.38 10.96
C ASN C 45 -13.14 28.12 11.63
N GLY C 46 -12.95 28.54 12.87
CA GLY C 46 -13.93 29.33 13.58
C GLY C 46 -15.04 28.54 14.23
N ILE C 47 -15.08 27.23 14.06
CA ILE C 47 -16.10 26.38 14.67
C ILE C 47 -15.46 25.66 15.84
N PRO C 48 -15.90 25.90 17.08
CA PRO C 48 -15.32 25.19 18.21
C PRO C 48 -15.66 23.72 18.16
N PRO C 49 -14.82 22.86 18.72
CA PRO C 49 -15.11 21.43 18.75
C PRO C 49 -16.15 21.09 19.81
N LEU C 50 -16.62 19.85 19.75
CA LEU C 50 -17.56 19.33 20.75
C LEU C 50 -16.75 18.59 21.81
N GLU C 51 -16.67 19.17 23.01
CA GLU C 51 -15.90 18.59 24.10
C GLU C 51 -16.82 17.72 24.94
N LEU C 52 -16.59 16.41 24.91
CA LEU C 52 -17.43 15.49 25.66
C LEU C 52 -17.05 15.40 27.14
N GLY C 53 -15.86 15.86 27.50
CA GLY C 53 -15.44 15.76 28.89
C GLY C 53 -15.23 14.33 29.31
N ASP C 54 -15.88 13.93 30.41
CA ASP C 54 -15.83 12.56 30.90
C ASP C 54 -16.94 11.69 30.34
N CYS C 55 -17.44 12.02 29.16
CA CYS C 55 -18.57 11.33 28.56
C CYS C 55 -18.12 10.48 27.39
N SER C 56 -18.89 9.43 27.11
CA SER C 56 -18.75 8.64 25.90
C SER C 56 -19.79 9.08 24.88
N ILE C 57 -19.65 8.58 23.66
CA ILE C 57 -20.66 8.86 22.63
C ILE C 57 -21.99 8.23 23.02
N ALA C 58 -21.95 7.02 23.56
CA ALA C 58 -23.19 6.36 23.98
C ALA C 58 -23.87 7.13 25.11
N GLY C 59 -23.10 7.63 26.07
CA GLY C 59 -23.68 8.40 27.14
C GLY C 59 -24.33 9.69 26.66
N TRP C 60 -23.68 10.38 25.74
CA TRP C 60 -24.25 11.60 25.17
C TRP C 60 -25.51 11.31 24.38
N LEU C 61 -25.50 10.25 23.57
CA LEU C 61 -26.63 9.95 22.71
C LEU C 61 -27.80 9.31 23.46
N LEU C 62 -27.56 8.72 24.62
CA LEU C 62 -28.60 8.06 25.38
C LEU C 62 -29.19 8.93 26.48
N GLY C 63 -28.45 9.94 26.94
CA GLY C 63 -28.95 10.81 27.98
C GLY C 63 -28.50 10.42 29.37
N ASN C 64 -27.20 10.20 29.54
CA ASN C 64 -26.65 9.91 30.85
C ASN C 64 -26.85 11.12 31.76
N PRO C 65 -27.45 10.95 32.94
CA PRO C 65 -27.75 12.11 33.79
C PRO C 65 -26.52 12.94 34.16
N GLU C 66 -25.35 12.31 34.30
CA GLU C 66 -24.14 13.08 34.53
C GLU C 66 -23.75 13.91 33.31
N CYS C 67 -24.15 13.50 32.12
CA CYS C 67 -23.85 14.23 30.90
C CYS C 67 -25.04 15.08 30.48
N ASP C 68 -25.39 16.03 31.35
CA ASP C 68 -26.57 16.86 31.14
C ASP C 68 -26.27 18.19 30.45
N ARG C 69 -25.00 18.53 30.25
CA ARG C 69 -24.65 19.74 29.53
C ARG C 69 -24.72 19.57 28.01
N LEU C 70 -24.82 18.33 27.53
CA LEU C 70 -24.84 18.04 26.11
C LEU C 70 -26.26 17.72 25.62
N LEU C 71 -27.28 18.15 26.33
CA LEU C 71 -28.65 17.87 25.91
C LEU C 71 -29.05 18.68 24.68
N ARG C 72 -28.33 19.76 24.38
CA ARG C 72 -28.57 20.53 23.16
C ARG C 72 -27.22 21.12 22.73
N VAL C 73 -26.55 20.43 21.83
CA VAL C 73 -25.21 20.81 21.41
C VAL C 73 -25.26 21.56 20.09
N PRO C 74 -24.46 22.62 19.92
CA PRO C 74 -24.44 23.32 18.63
C PRO C 74 -23.49 22.67 17.63
N GLU C 75 -23.27 23.35 16.51
CA GLU C 75 -22.40 22.83 15.46
C GLU C 75 -20.99 22.60 15.98
N TRP C 76 -20.34 21.58 15.42
CA TRP C 76 -18.98 21.23 15.82
C TRP C 76 -18.14 20.91 14.58
N SER C 77 -16.83 21.06 14.72
CA SER C 77 -15.88 20.70 13.68
C SER C 77 -15.21 19.35 13.93
N TYR C 78 -14.99 18.99 15.19
CA TYR C 78 -14.52 17.65 15.53
C TYR C 78 -14.93 17.36 16.97
N ILE C 79 -14.86 16.08 17.33
CA ILE C 79 -15.27 15.61 18.64
C ILE C 79 -14.03 15.26 19.44
N MET C 80 -14.03 15.63 20.73
CA MET C 80 -12.94 15.33 21.63
C MET C 80 -13.44 14.34 22.68
N GLU C 81 -12.81 13.16 22.73
CA GLU C 81 -13.24 12.10 23.63
C GLU C 81 -12.02 11.53 24.35
N LYS C 82 -12.16 11.25 25.63
CA LYS C 82 -11.08 10.68 26.40
C LYS C 82 -10.86 9.22 26.02
N GLU C 83 -9.66 8.72 26.31
CA GLU C 83 -9.32 7.35 25.93
C GLU C 83 -10.18 6.34 26.66
N ASN C 84 -10.42 6.54 27.95
CA ASN C 84 -11.23 5.66 28.77
C ASN C 84 -12.29 6.50 29.48
N PRO C 85 -13.38 6.84 28.80
CA PRO C 85 -14.40 7.69 29.42
C PRO C 85 -15.02 7.02 30.64
N ARG C 86 -15.37 7.85 31.63
CA ARG C 86 -15.91 7.38 32.90
C ARG C 86 -17.43 7.37 32.92
N TYR C 87 -18.08 8.39 32.37
CA TYR C 87 -19.53 8.42 32.27
C TYR C 87 -19.93 7.89 30.90
N SER C 88 -20.68 6.79 30.90
CA SER C 88 -21.10 6.17 29.65
C SER C 88 -22.44 5.45 29.84
N LEU C 89 -22.39 4.12 29.91
CA LEU C 89 -23.58 3.31 30.17
C LEU C 89 -23.69 3.13 31.68
N CYS C 90 -24.49 3.97 32.33
CA CYS C 90 -24.68 3.84 33.77
C CYS C 90 -25.30 2.50 34.13
N TYR C 91 -26.31 2.08 33.39
CA TYR C 91 -26.84 0.73 33.52
C TYR C 91 -25.96 -0.24 32.75
N PRO C 92 -25.45 -1.29 33.38
CA PRO C 92 -24.52 -2.19 32.69
C PRO C 92 -25.17 -2.85 31.50
N GLY C 93 -24.36 -3.06 30.46
CA GLY C 93 -24.89 -3.68 29.24
C GLY C 93 -23.91 -3.53 28.09
N SER C 94 -24.47 -3.57 26.89
CA SER C 94 -23.66 -3.51 25.68
C SER C 94 -24.38 -2.69 24.62
N PHE C 95 -23.59 -2.16 23.68
CA PHE C 95 -24.08 -1.40 22.54
C PHE C 95 -23.69 -2.15 21.27
N ASN C 96 -24.68 -2.44 20.43
CA ASN C 96 -24.45 -3.19 19.21
C ASN C 96 -24.01 -2.25 18.09
N ASP C 97 -22.96 -2.66 17.36
CA ASP C 97 -22.40 -1.87 16.27
C ASP C 97 -22.00 -0.48 16.72
N TYR C 98 -21.31 -0.42 17.85
CA TYR C 98 -20.84 0.85 18.40
C TYR C 98 -19.82 1.52 17.48
N GLU C 99 -18.88 0.75 16.95
CA GLU C 99 -17.83 1.32 16.11
C GLU C 99 -18.39 1.82 14.78
N GLU C 100 -19.42 1.16 14.25
CA GLU C 100 -20.07 1.67 13.05
C GLU C 100 -20.74 3.01 13.33
N LEU C 101 -21.35 3.15 14.50
CA LEU C 101 -21.94 4.43 14.88
C LEU C 101 -20.88 5.52 14.99
N LYS C 102 -19.73 5.19 15.57
CA LYS C 102 -18.66 6.17 15.68
C LYS C 102 -18.14 6.56 14.29
N HIS C 103 -18.01 5.59 13.39
CA HIS C 103 -17.59 5.90 12.03
C HIS C 103 -18.60 6.80 11.33
N LEU C 104 -19.89 6.55 11.54
CA LEU C 104 -20.92 7.43 10.97
C LEU C 104 -20.80 8.84 11.55
N LEU C 105 -20.57 8.95 12.84
CA LEU C 105 -20.38 10.26 13.46
C LEU C 105 -19.15 10.97 12.94
N SER C 106 -18.16 10.22 12.45
CA SER C 106 -16.96 10.82 11.90
C SER C 106 -17.22 11.62 10.63
N SER C 107 -18.46 11.73 10.16
CA SER C 107 -18.77 12.55 8.99
C SER C 107 -20.03 13.39 9.20
N VAL C 108 -20.41 13.68 10.44
CA VAL C 108 -21.58 14.47 10.76
C VAL C 108 -21.13 15.67 11.58
N LYS C 109 -21.59 16.86 11.19
CA LYS C 109 -21.17 18.08 11.86
C LYS C 109 -22.27 18.78 12.64
N HIS C 110 -23.51 18.29 12.58
CA HIS C 110 -24.57 18.84 13.40
C HIS C 110 -25.71 17.85 13.50
N PHE C 111 -26.38 17.86 14.66
CA PHE C 111 -27.53 17.01 14.93
C PHE C 111 -28.69 17.89 15.39
N GLU C 112 -29.90 17.43 15.11
CA GLU C 112 -31.11 18.07 15.62
C GLU C 112 -31.96 17.03 16.31
N LYS C 113 -32.43 17.33 17.51
CA LYS C 113 -33.22 16.39 18.29
C LYS C 113 -34.70 16.61 18.01
N VAL C 114 -35.37 15.58 17.52
CA VAL C 114 -36.78 15.65 17.15
C VAL C 114 -37.56 14.66 18.01
N LYS C 115 -38.64 15.13 18.61
CA LYS C 115 -39.50 14.27 19.43
C LYS C 115 -40.35 13.42 18.50
N ILE C 116 -40.07 12.11 18.49
CA ILE C 116 -40.74 11.20 17.56
C ILE C 116 -41.78 10.36 18.29
N LEU C 117 -41.54 10.11 19.58
CA LEU C 117 -42.45 9.32 20.40
C LEU C 117 -42.49 9.93 21.80
N PRO C 118 -43.47 10.78 22.09
CA PRO C 118 -43.53 11.43 23.40
C PRO C 118 -43.74 10.42 24.52
N LYS C 119 -43.48 10.88 25.75
CA LYS C 119 -43.62 10.04 26.92
C LYS C 119 -45.05 9.96 27.44
N ASP C 120 -45.94 10.82 26.97
CA ASP C 120 -47.30 10.87 27.46
C ASP C 120 -48.29 10.09 26.59
N ARG C 121 -47.82 9.48 25.50
CA ARG C 121 -48.70 8.67 24.66
C ARG C 121 -48.75 7.22 25.07
N TRP C 122 -47.94 6.79 26.04
CA TRP C 122 -48.02 5.44 26.59
C TRP C 122 -49.03 5.43 27.75
N THR C 123 -50.30 5.58 27.37
CA THR C 123 -51.35 5.75 28.36
C THR C 123 -51.71 4.46 29.10
N GLN C 124 -51.27 3.31 28.61
CA GLN C 124 -51.62 2.02 29.20
C GLN C 124 -50.46 1.39 29.97
N HIS C 125 -49.33 2.09 30.11
CA HIS C 125 -48.16 1.55 30.78
C HIS C 125 -47.65 2.56 31.79
N THR C 126 -46.62 2.15 32.53
CA THR C 126 -45.94 3.01 33.49
C THR C 126 -44.60 3.43 32.90
N THR C 127 -44.34 4.74 32.94
CA THR C 127 -43.18 5.32 32.26
C THR C 127 -42.33 6.13 33.23
N THR C 128 -42.13 5.63 34.45
CA THR C 128 -41.33 6.33 35.46
C THR C 128 -40.36 5.38 36.13
N GLY C 129 -39.88 4.38 35.40
CA GLY C 129 -38.91 3.47 35.96
C GLY C 129 -37.54 4.10 36.10
N GLY C 130 -36.74 3.55 37.01
CA GLY C 130 -35.40 4.07 37.24
C GLY C 130 -34.56 3.10 38.02
N SER C 131 -33.26 3.36 38.04
CA SER C 131 -32.30 2.54 38.76
C SER C 131 -31.33 3.44 39.52
N MET C 132 -30.76 2.88 40.59
CA MET C 132 -29.77 3.59 41.38
C MET C 132 -28.40 3.62 40.72
N ALA C 133 -28.20 2.86 39.64
CA ALA C 133 -26.95 2.94 38.90
C ALA C 133 -26.86 4.21 38.07
N CYS C 134 -27.98 4.89 37.83
CA CYS C 134 -28.04 6.17 37.17
C CYS C 134 -28.66 7.21 38.09
N ALA C 135 -28.26 7.20 39.36
CA ALA C 135 -28.91 8.00 40.37
C ALA C 135 -28.61 9.48 40.18
N VAL C 136 -29.55 10.32 40.63
CA VAL C 136 -29.41 11.77 40.63
C VAL C 136 -29.72 12.24 42.05
N SER C 137 -28.68 12.63 42.79
CA SER C 137 -28.82 13.07 44.18
C SER C 137 -29.51 12.01 45.04
N GLY C 138 -29.11 10.76 44.85
CA GLY C 138 -29.61 9.66 45.65
C GLY C 138 -30.84 8.94 45.11
N LYS C 139 -31.82 9.70 44.65
CA LYS C 139 -33.04 9.10 44.12
C LYS C 139 -32.75 8.41 42.79
N PRO C 140 -33.48 7.34 42.47
CA PRO C 140 -33.25 6.65 41.19
C PRO C 140 -33.65 7.51 40.01
N SER C 141 -32.95 7.29 38.89
CA SER C 141 -33.22 8.01 37.66
C SER C 141 -32.74 7.17 36.48
N PHE C 142 -33.21 7.54 35.29
CA PHE C 142 -32.95 6.79 34.08
C PHE C 142 -32.36 7.73 33.02
N PHE C 143 -32.04 7.15 31.86
CA PHE C 143 -31.56 7.94 30.74
C PHE C 143 -32.61 8.97 30.33
N ARG C 144 -32.14 10.15 29.92
CA ARG C 144 -33.03 11.25 29.63
C ARG C 144 -33.67 11.16 28.24
N ASN C 145 -33.11 10.34 27.34
CA ASN C 145 -33.63 10.22 25.99
C ASN C 145 -34.41 8.93 25.76
N MET C 146 -34.61 8.13 26.80
CA MET C 146 -35.28 6.84 26.66
C MET C 146 -36.39 6.72 27.71
N VAL C 147 -37.33 5.82 27.44
CA VAL C 147 -38.47 5.57 28.31
C VAL C 147 -38.50 4.08 28.66
N TRP C 148 -38.63 3.79 29.96
CA TRP C 148 -38.74 2.43 30.45
C TRP C 148 -40.21 2.11 30.69
N LEU C 149 -40.70 1.06 30.04
CA LEU C 149 -42.11 0.69 30.10
C LEU C 149 -42.31 -0.48 31.07
N THR C 150 -43.20 -0.29 32.03
CA THR C 150 -43.46 -1.28 33.06
C THR C 150 -44.98 -1.44 33.16
N THR C 151 -45.48 -2.38 33.95
CA THR C 151 -46.91 -2.65 34.03
C THR C 151 -47.63 -1.54 34.79
N LYS C 152 -48.83 -1.22 34.33
CA LYS C 152 -49.76 -0.35 35.05
C LYS C 152 -50.78 -1.25 35.72
N GLY C 153 -50.63 -1.44 37.03
CA GLY C 153 -51.36 -2.46 37.73
C GLY C 153 -50.80 -3.82 37.39
N PRO C 154 -51.62 -4.87 37.54
CA PRO C 154 -51.19 -6.23 37.16
C PRO C 154 -51.52 -6.55 35.71
N ASN C 155 -51.07 -5.71 34.78
CA ASN C 155 -51.39 -5.88 33.38
C ASN C 155 -50.35 -5.18 32.52
N TYR C 156 -49.89 -5.85 31.48
CA TYR C 156 -48.94 -5.28 30.50
C TYR C 156 -49.50 -5.52 29.11
N PRO C 157 -50.27 -4.57 28.58
CA PRO C 157 -50.81 -4.73 27.23
C PRO C 157 -49.70 -4.69 26.19
N VAL C 158 -50.09 -4.95 24.94
CA VAL C 158 -49.13 -4.93 23.84
C VAL C 158 -48.79 -3.48 23.52
N ALA C 159 -47.51 -3.14 23.62
CA ALA C 159 -47.05 -1.79 23.36
C ALA C 159 -46.74 -1.66 21.87
N GLN C 160 -47.39 -0.71 21.21
CA GLN C 160 -47.25 -0.48 19.79
C GLN C 160 -46.96 0.99 19.54
N GLY C 161 -46.03 1.27 18.62
CA GLY C 161 -45.70 2.64 18.27
C GLY C 161 -45.19 2.72 16.85
N SER C 162 -45.35 3.90 16.26
CA SER C 162 -44.92 4.09 14.88
C SER C 162 -44.46 5.54 14.70
N TYR C 163 -43.55 5.73 13.76
CA TYR C 163 -43.13 7.08 13.39
C TYR C 163 -42.80 7.14 11.90
N ASN C 164 -43.27 8.19 11.24
CA ASN C 164 -43.03 8.41 9.82
C ASN C 164 -42.08 9.59 9.68
N ASN C 165 -40.95 9.37 9.00
CA ASN C 165 -39.89 10.36 8.90
C ASN C 165 -40.28 11.42 7.88
N THR C 166 -40.93 12.47 8.38
CA THR C 166 -41.30 13.63 7.58
C THR C 166 -40.53 14.88 8.04
N SER C 167 -39.28 14.67 8.46
CA SER C 167 -38.47 15.75 9.01
C SER C 167 -37.68 16.49 7.94
N GLY C 168 -37.01 15.77 7.05
CA GLY C 168 -36.27 16.41 5.99
C GLY C 168 -34.90 15.84 5.72
N GLU C 169 -34.46 14.91 6.57
CA GLU C 169 -33.15 14.29 6.42
C GLU C 169 -33.17 12.96 7.14
N GLN C 170 -32.07 12.21 7.00
CA GLN C 170 -31.95 10.91 7.63
C GLN C 170 -31.95 11.05 9.16
N MET C 171 -32.55 10.09 9.83
CA MET C 171 -32.68 10.10 11.29
C MET C 171 -31.94 8.92 11.89
N LEU C 172 -31.51 9.08 13.13
CA LEU C 172 -30.85 8.03 13.90
C LEU C 172 -31.73 7.69 15.10
N ILE C 173 -32.09 6.41 15.24
CA ILE C 173 -32.98 5.97 16.30
C ILE C 173 -32.32 4.86 17.09
N ILE C 174 -32.37 4.95 18.41
CA ILE C 174 -31.76 3.98 19.31
C ILE C 174 -32.85 3.41 20.22
N TRP C 175 -32.89 2.08 20.33
CA TRP C 175 -33.79 1.40 21.24
C TRP C 175 -32.99 0.39 22.06
N GLY C 176 -33.67 -0.27 22.99
CA GLY C 176 -32.99 -1.19 23.89
C GLY C 176 -33.87 -2.31 24.37
N VAL C 177 -33.20 -3.36 24.87
CA VAL C 177 -33.85 -4.55 25.42
C VAL C 177 -33.24 -4.83 26.79
N HIS C 178 -34.10 -5.16 27.75
CA HIS C 178 -33.68 -5.38 29.13
C HIS C 178 -33.58 -6.87 29.42
N HIS C 179 -32.41 -7.31 29.87
CA HIS C 179 -32.18 -8.70 30.25
C HIS C 179 -32.17 -8.80 31.77
N PRO C 180 -33.19 -9.38 32.39
CA PRO C 180 -33.25 -9.41 33.85
C PRO C 180 -32.27 -10.38 34.50
N ASN C 181 -32.28 -10.42 35.83
CA ASN C 181 -31.43 -11.32 36.60
C ASN C 181 -32.15 -12.55 37.10
N ASP C 182 -33.44 -12.46 37.38
CA ASP C 182 -34.19 -13.58 37.91
C ASP C 182 -35.62 -13.52 37.41
N GLU C 183 -36.32 -14.65 37.51
CA GLU C 183 -37.71 -14.72 37.07
C GLU C 183 -38.63 -13.88 37.95
N ALA C 184 -38.29 -13.75 39.24
CA ALA C 184 -39.12 -12.96 40.14
C ALA C 184 -39.14 -11.49 39.72
N GLU C 185 -37.99 -10.95 39.31
CA GLU C 185 -37.93 -9.57 38.89
C GLU C 185 -38.48 -9.36 37.48
N GLN C 186 -38.58 -10.43 36.69
CA GLN C 186 -39.29 -10.35 35.42
C GLN C 186 -40.80 -10.34 35.63
N ARG C 187 -41.28 -11.09 36.62
CA ARG C 187 -42.70 -11.11 36.90
C ARG C 187 -43.15 -9.84 37.61
N ALA C 188 -42.28 -9.22 38.39
CA ALA C 188 -42.62 -8.00 39.11
C ALA C 188 -42.49 -6.75 38.26
N LEU C 189 -42.09 -6.89 36.99
CA LEU C 189 -41.90 -5.76 36.10
C LEU C 189 -42.71 -5.86 34.82
N TYR C 190 -43.03 -7.07 34.35
CA TYR C 190 -43.77 -7.24 33.11
C TYR C 190 -44.94 -8.20 33.23
N GLN C 191 -45.05 -8.97 34.32
CA GLN C 191 -46.21 -9.78 34.66
C GLN C 191 -46.31 -11.03 33.78
N LYS C 192 -45.51 -11.11 32.73
CA LYS C 192 -45.54 -12.25 31.83
C LYS C 192 -44.13 -12.71 31.51
N VAL C 193 -44.00 -14.00 31.20
CA VAL C 193 -42.73 -14.60 30.80
C VAL C 193 -42.86 -15.03 29.34
N GLY C 194 -41.73 -15.03 28.65
CA GLY C 194 -41.73 -15.35 27.23
C GLY C 194 -42.18 -14.17 26.40
N THR C 195 -41.47 -13.05 26.54
CA THR C 195 -41.82 -11.81 25.85
C THR C 195 -40.90 -11.61 24.65
N TYR C 196 -41.16 -10.54 23.90
CA TYR C 196 -40.39 -10.25 22.71
C TYR C 196 -40.40 -8.75 22.43
N VAL C 197 -39.42 -8.31 21.66
CA VAL C 197 -39.33 -6.93 21.19
C VAL C 197 -39.08 -6.98 19.69
N SER C 198 -39.96 -6.35 18.92
CA SER C 198 -39.88 -6.36 17.46
C SER C 198 -39.78 -4.92 16.95
N ALA C 199 -38.76 -4.66 16.13
CA ALA C 199 -38.57 -3.38 15.48
C ALA C 199 -38.52 -3.60 13.97
N SER C 200 -39.28 -2.80 13.23
CA SER C 200 -39.40 -3.02 11.80
C SER C 200 -39.35 -1.70 11.04
N THR C 201 -38.60 -1.71 9.94
CA THR C 201 -38.60 -0.61 8.97
C THR C 201 -38.81 -1.18 7.57
N SER C 202 -38.64 -0.34 6.55
CA SER C 202 -38.77 -0.83 5.18
C SER C 202 -37.62 -1.76 4.79
N THR C 203 -36.46 -1.62 5.43
CA THR C 203 -35.31 -2.47 5.14
C THR C 203 -34.84 -3.30 6.32
N LEU C 204 -35.20 -2.94 7.55
CA LEU C 204 -34.74 -3.63 8.73
C LEU C 204 -35.92 -4.29 9.44
N TYR C 205 -35.70 -5.52 9.88
CA TYR C 205 -36.66 -6.26 10.68
C TYR C 205 -35.91 -7.09 11.71
N LYS C 206 -36.30 -6.96 12.98
CA LYS C 206 -35.54 -7.56 14.06
C LYS C 206 -36.46 -7.94 15.21
N ARG C 207 -36.28 -9.15 15.74
CA ARG C 207 -36.99 -9.61 16.91
C ARG C 207 -35.98 -10.12 17.93
N SER C 208 -36.15 -9.71 19.18
CA SER C 208 -35.25 -10.09 20.26
C SER C 208 -36.05 -10.61 21.44
N ILE C 209 -35.47 -11.58 22.15
CA ILE C 209 -36.10 -12.23 23.28
C ILE C 209 -35.24 -11.97 24.51
N PRO C 210 -35.82 -11.55 25.63
CA PRO C 210 -35.02 -11.38 26.85
C PRO C 210 -34.49 -12.71 27.36
N GLU C 211 -33.34 -12.65 28.02
CA GLU C 211 -32.75 -13.81 28.67
C GLU C 211 -32.62 -13.54 30.15
N ILE C 212 -33.03 -14.52 30.96
CA ILE C 212 -33.02 -14.42 32.41
C ILE C 212 -31.91 -15.32 32.94
N ALA C 213 -30.91 -14.71 33.58
CA ALA C 213 -29.80 -15.47 34.12
C ALA C 213 -29.13 -14.66 35.21
N ALA C 214 -28.38 -15.36 36.07
CA ALA C 214 -27.61 -14.72 37.12
C ALA C 214 -26.20 -14.45 36.61
N ARG C 215 -25.79 -13.19 36.71
CA ARG C 215 -24.53 -12.72 36.16
C ARG C 215 -23.69 -12.04 37.23
N PRO C 216 -22.38 -11.94 37.04
CA PRO C 216 -21.57 -11.17 37.98
C PRO C 216 -22.04 -9.73 38.07
N LYS C 217 -21.98 -9.17 39.28
CA LYS C 217 -22.56 -7.86 39.54
C LYS C 217 -21.63 -6.76 39.05
N VAL C 218 -22.14 -5.93 38.14
CA VAL C 218 -21.45 -4.73 37.67
C VAL C 218 -22.30 -3.53 38.06
N ASN C 219 -21.69 -2.59 38.78
CA ASN C 219 -22.41 -1.44 39.35
C ASN C 219 -23.52 -1.89 40.30
N GLY C 220 -23.33 -3.04 40.94
CA GLY C 220 -24.28 -3.56 41.90
C GLY C 220 -25.46 -4.31 41.32
N LEU C 221 -25.50 -4.50 40.00
CA LEU C 221 -26.64 -5.14 39.36
C LEU C 221 -26.18 -6.33 38.54
N GLY C 222 -27.04 -7.35 38.49
CA GLY C 222 -26.77 -8.53 37.68
C GLY C 222 -27.51 -8.53 36.37
N SER C 223 -28.41 -7.56 36.19
CA SER C 223 -29.17 -7.42 34.96
C SER C 223 -28.36 -6.62 33.93
N ARG C 224 -28.82 -6.65 32.69
CA ARG C 224 -28.12 -5.97 31.61
C ARG C 224 -29.12 -5.27 30.70
N MET C 225 -28.59 -4.38 29.86
CA MET C 225 -29.40 -3.65 28.87
C MET C 225 -28.62 -3.61 27.57
N GLU C 226 -29.22 -4.11 26.50
CA GLU C 226 -28.58 -4.19 25.19
C GLU C 226 -29.25 -3.18 24.26
N PHE C 227 -28.45 -2.28 23.69
CA PHE C 227 -28.97 -1.18 22.89
C PHE C 227 -28.60 -1.38 21.42
N SER C 228 -29.52 -1.03 20.54
CA SER C 228 -29.33 -1.12 19.10
C SER C 228 -29.74 0.19 18.45
N TRP C 229 -29.18 0.45 17.27
CA TRP C 229 -29.42 1.68 16.54
C TRP C 229 -29.73 1.41 15.08
N THR C 230 -30.48 2.31 14.47
CA THR C 230 -30.85 2.23 13.07
C THR C 230 -30.85 3.62 12.45
N LEU C 231 -30.69 3.65 11.13
CA LEU C 231 -30.71 4.87 10.34
C LEU C 231 -31.98 4.88 9.49
N LEU C 232 -32.96 5.67 9.91
CA LEU C 232 -34.23 5.76 9.21
C LEU C 232 -34.12 6.76 8.07
N ASP C 233 -34.57 6.34 6.89
CA ASP C 233 -34.49 7.14 5.69
C ASP C 233 -35.66 8.11 5.62
N MET C 234 -35.61 9.02 4.64
CA MET C 234 -36.68 9.98 4.44
C MET C 234 -37.95 9.29 3.97
N TRP C 235 -39.09 9.79 4.44
CA TRP C 235 -40.41 9.28 4.05
C TRP C 235 -40.57 7.81 4.41
N ASP C 236 -39.84 7.34 5.41
CA ASP C 236 -39.88 5.96 5.85
C ASP C 236 -40.50 5.88 7.24
N THR C 237 -40.98 4.68 7.58
CA THR C 237 -41.72 4.46 8.82
C THR C 237 -41.02 3.40 9.65
N ILE C 238 -41.00 3.61 10.96
CA ILE C 238 -40.45 2.67 11.93
C ILE C 238 -41.57 2.23 12.86
N ASN C 239 -41.64 0.92 13.12
CA ASN C 239 -42.67 0.31 13.95
C ASN C 239 -42.03 -0.42 15.12
N PHE C 240 -42.58 -0.20 16.31
CA PHE C 240 -42.15 -0.85 17.54
C PHE C 240 -43.31 -1.67 18.08
N GLU C 241 -43.07 -2.93 18.40
CA GLU C 241 -44.04 -3.78 19.07
C GLU C 241 -43.36 -4.53 20.20
N SER C 242 -44.06 -4.69 21.32
CA SER C 242 -43.44 -5.37 22.45
C SER C 242 -44.50 -5.89 23.40
N THR C 243 -44.22 -7.05 23.99
CA THR C 243 -44.98 -7.56 25.12
C THR C 243 -44.18 -7.51 26.41
N GLY C 244 -43.06 -6.83 26.42
CA GLY C 244 -42.24 -6.71 27.61
C GLY C 244 -40.79 -6.44 27.27
N ASN C 245 -40.09 -5.87 28.23
CA ASN C 245 -38.64 -5.66 28.14
C ASN C 245 -38.26 -4.75 26.98
N LEU C 246 -38.99 -3.64 26.81
CA LEU C 246 -38.70 -2.66 25.78
C LEU C 246 -38.34 -1.33 26.42
N VAL C 247 -37.19 -0.80 26.04
CA VAL C 247 -36.76 0.53 26.44
C VAL C 247 -36.89 1.42 25.20
N ALA C 248 -38.00 2.13 25.12
CA ALA C 248 -38.37 2.83 23.89
C ALA C 248 -37.62 4.15 23.76
N PRO C 249 -37.43 4.64 22.55
CA PRO C 249 -36.86 5.97 22.36
C PRO C 249 -37.91 7.05 22.50
N GLU C 250 -37.43 8.24 22.84
CA GLU C 250 -38.25 9.45 22.84
C GLU C 250 -37.80 10.47 21.81
N TYR C 251 -36.52 10.52 21.49
CA TYR C 251 -35.98 11.49 20.56
C TYR C 251 -35.23 10.78 19.44
N GLY C 252 -35.18 11.43 18.29
CA GLY C 252 -34.38 10.97 17.17
C GLY C 252 -33.42 12.08 16.74
N PHE C 253 -32.29 11.67 16.19
CA PHE C 253 -31.21 12.59 15.85
C PHE C 253 -31.17 12.76 14.33
N LYS C 254 -31.79 13.84 13.85
CA LYS C 254 -31.76 14.20 12.45
C LYS C 254 -30.40 14.80 12.08
N ILE C 255 -29.85 14.35 10.96
CA ILE C 255 -28.56 14.83 10.49
C ILE C 255 -28.79 16.16 9.75
N SER C 256 -28.35 17.25 10.36
CA SER C 256 -28.57 18.58 9.79
C SER C 256 -27.45 18.99 8.83
N LYS C 257 -26.20 18.76 9.21
CA LYS C 257 -25.06 19.11 8.38
C LYS C 257 -24.15 17.90 8.20
N ARG C 258 -23.49 17.85 7.05
CA ARG C 258 -22.58 16.77 6.71
C ARG C 258 -21.26 17.35 6.23
N GLY C 259 -20.18 16.63 6.48
CA GLY C 259 -18.87 17.08 6.07
C GLY C 259 -17.74 16.20 6.55
N SER C 260 -16.58 16.80 6.81
CA SER C 260 -15.38 16.08 7.24
C SER C 260 -15.08 16.46 8.68
N SER C 261 -15.38 15.54 9.60
CA SER C 261 -15.08 15.74 11.01
C SER C 261 -14.31 14.53 11.52
N GLY C 262 -14.12 14.42 12.83
CA GLY C 262 -13.41 13.28 13.37
C GLY C 262 -13.52 13.23 14.88
N ILE C 263 -13.00 12.14 15.44
CA ILE C 263 -12.96 11.93 16.88
C ILE C 263 -11.50 11.85 17.31
N MET C 264 -11.13 12.67 18.28
CA MET C 264 -9.77 12.73 18.79
C MET C 264 -9.71 12.21 20.21
N LYS C 265 -8.83 11.23 20.45
CA LYS C 265 -8.64 10.65 21.77
C LYS C 265 -7.59 11.48 22.50
N THR C 266 -8.05 12.48 23.24
CA THR C 266 -7.19 13.37 23.99
C THR C 266 -7.70 13.50 25.42
N GLU C 267 -6.85 14.05 26.30
CA GLU C 267 -7.20 14.30 27.68
C GLU C 267 -7.13 15.79 28.03
N GLY C 268 -7.24 16.66 27.03
CA GLY C 268 -7.08 18.09 27.22
C GLY C 268 -8.40 18.84 27.24
N THR C 269 -8.28 20.16 27.25
CA THR C 269 -9.41 21.06 27.27
C THR C 269 -9.24 22.13 26.20
N LEU C 270 -10.35 22.57 25.62
CA LEU C 270 -10.30 23.57 24.57
C LEU C 270 -9.85 24.91 25.11
N GLU C 271 -9.04 25.61 24.33
CA GLU C 271 -8.51 26.92 24.70
C GLU C 271 -8.77 27.91 23.58
N ASN C 272 -8.83 29.18 23.94
CA ASN C 272 -9.16 30.25 22.99
C ASN C 272 -7.99 30.44 22.04
N CYS C 273 -8.11 29.85 20.84
CA CYS C 273 -7.09 29.88 19.82
C CYS C 273 -7.68 29.32 18.54
N GLU C 274 -7.09 29.70 17.41
CA GLU C 274 -7.60 29.36 16.10
C GLU C 274 -6.51 28.68 15.28
N THR C 275 -6.92 27.78 14.40
CA THR C 275 -5.97 27.02 13.60
C THR C 275 -6.68 26.47 12.37
N LYS C 276 -5.88 25.93 11.45
CA LYS C 276 -6.37 25.22 10.29
C LYS C 276 -5.92 23.77 10.26
N CYS C 277 -5.05 23.35 11.16
CA CYS C 277 -4.63 21.96 11.29
C CYS C 277 -4.50 21.64 12.77
N GLN C 278 -5.00 20.47 13.17
CA GLN C 278 -5.01 20.09 14.57
C GLN C 278 -4.55 18.65 14.73
N THR C 279 -3.73 18.43 15.75
CA THR C 279 -3.21 17.13 16.14
C THR C 279 -3.50 16.93 17.62
N PRO C 280 -3.51 15.68 18.09
CA PRO C 280 -3.77 15.45 19.52
C PRO C 280 -2.75 16.10 20.43
N LEU C 281 -1.55 16.42 19.95
CA LEU C 281 -0.54 17.09 20.75
C LEU C 281 -0.58 18.60 20.64
N GLY C 282 -1.16 19.16 19.59
CA GLY C 282 -1.21 20.59 19.44
C GLY C 282 -1.71 20.96 18.05
N ALA C 283 -1.52 22.23 17.70
CA ALA C 283 -1.95 22.77 16.43
C ALA C 283 -0.74 23.18 15.60
N ILE C 284 -0.91 23.16 14.28
CA ILE C 284 0.16 23.45 13.34
C ILE C 284 -0.21 24.70 12.55
N ASN C 285 0.69 25.68 12.54
CA ASN C 285 0.56 26.90 11.73
C ASN C 285 1.83 26.99 10.89
N THR C 286 1.72 26.73 9.60
CA THR C 286 2.91 26.63 8.77
C THR C 286 2.55 26.82 7.30
N THR C 287 3.60 27.01 6.50
CA THR C 287 3.50 26.98 5.05
C THR C 287 4.36 25.88 4.43
N LEU C 288 5.23 25.25 5.21
CA LEU C 288 6.05 24.16 4.72
C LEU C 288 5.21 22.91 4.51
N PRO C 289 5.64 21.99 3.65
CA PRO C 289 4.78 20.88 3.24
C PRO C 289 4.85 19.62 4.08
N PHE C 290 5.74 19.53 5.06
CA PHE C 290 5.94 18.29 5.80
C PHE C 290 5.93 18.58 7.30
N HIS C 291 5.63 17.54 8.08
CA HIS C 291 5.72 17.62 9.53
C HIS C 291 5.86 16.21 10.09
N ASN C 292 6.39 16.13 11.30
CA ASN C 292 6.60 14.86 11.99
C ASN C 292 6.08 14.94 13.42
N VAL C 293 4.87 15.48 13.58
CA VAL C 293 4.29 15.68 14.90
C VAL C 293 3.49 14.45 15.32
N HIS C 294 2.45 14.12 14.56
CA HIS C 294 1.58 13.01 14.92
C HIS C 294 0.88 12.50 13.67
N PRO C 295 0.74 11.19 13.49
CA PRO C 295 0.07 10.68 12.28
C PRO C 295 -1.37 11.13 12.11
N LEU C 296 -2.12 11.29 13.20
CA LEU C 296 -3.54 11.60 13.12
C LEU C 296 -3.74 13.10 13.17
N THR C 297 -4.31 13.67 12.11
CA THR C 297 -4.53 15.10 12.00
C THR C 297 -5.96 15.37 11.54
N ILE C 298 -6.42 16.60 11.77
CA ILE C 298 -7.73 17.04 11.33
C ILE C 298 -7.60 18.45 10.77
N GLY C 299 -8.21 18.68 9.59
CA GLY C 299 -8.17 19.96 8.93
C GLY C 299 -7.20 19.99 7.77
N GLU C 300 -7.08 21.16 7.17
CA GLU C 300 -6.11 21.36 6.09
C GLU C 300 -4.71 21.25 6.68
N CYS C 301 -4.03 20.13 6.38
CA CYS C 301 -2.83 19.79 7.10
C CYS C 301 -1.69 19.46 6.15
N PRO C 302 -0.44 19.64 6.59
CA PRO C 302 0.70 19.10 5.85
C PRO C 302 0.75 17.59 5.86
N LYS C 303 1.78 17.02 5.25
CA LYS C 303 1.96 15.58 5.20
C LYS C 303 2.94 15.13 6.29
N TYR C 304 2.85 13.85 6.64
CA TYR C 304 3.55 13.32 7.80
C TYR C 304 4.56 12.27 7.39
N VAL C 305 5.74 12.31 8.02
CA VAL C 305 6.83 11.37 7.77
C VAL C 305 7.47 10.99 9.09
N LYS C 306 8.36 9.99 9.03
CA LYS C 306 9.11 9.50 10.17
C LYS C 306 10.58 9.88 10.09
N SER C 307 10.87 11.08 9.60
CA SER C 307 12.24 11.54 9.43
C SER C 307 12.57 12.58 10.50
N GLU C 308 13.85 12.66 10.85
CA GLU C 308 14.30 13.63 11.82
C GLU C 308 14.68 14.97 11.20
N LYS C 309 15.08 14.99 9.93
CA LYS C 309 15.44 16.24 9.27
C LYS C 309 15.33 16.05 7.76
N LEU C 310 14.97 17.14 7.08
CA LEU C 310 14.86 17.12 5.61
C LEU C 310 15.18 18.53 5.12
N VAL C 311 16.40 18.72 4.62
CA VAL C 311 16.90 20.01 4.19
C VAL C 311 17.28 19.93 2.72
N LEU C 312 16.83 20.91 1.94
CA LEU C 312 17.11 20.98 0.51
C LEU C 312 18.18 22.02 0.26
N ALA C 313 19.14 21.69 -0.60
CA ALA C 313 20.24 22.58 -0.93
C ALA C 313 19.83 23.47 -2.09
N THR C 314 19.77 24.77 -1.84
CA THR C 314 19.49 25.77 -2.86
C THR C 314 20.66 26.73 -3.03
N GLY C 315 21.87 26.23 -2.83
CA GLY C 315 23.04 27.07 -2.90
C GLY C 315 24.28 26.26 -3.21
N LEU C 316 25.42 26.94 -3.15
CA LEU C 316 26.70 26.35 -3.52
C LEU C 316 27.34 25.65 -2.33
N ARG C 317 28.39 24.89 -2.61
CA ARG C 317 29.15 24.21 -1.57
C ARG C 317 30.15 25.20 -0.97
N ASN C 318 30.09 25.39 0.35
CA ASN C 318 30.85 26.45 1.02
C ASN C 318 32.28 25.99 1.25
N VAL C 319 33.19 26.44 0.39
CA VAL C 319 34.61 26.16 0.52
C VAL C 319 35.37 27.48 0.49
N PRO C 320 35.58 28.13 1.63
CA PRO C 320 36.29 29.42 1.64
C PRO C 320 37.77 29.25 1.31
N GLN C 321 38.39 30.37 0.96
CA GLN C 321 39.81 30.40 0.62
C GLN C 321 40.64 30.92 1.79
N ILE C 331 45.27 36.68 -6.31
CA ILE C 331 43.91 36.18 -6.29
C ILE C 331 43.74 35.10 -7.35
N ALA C 332 43.23 33.94 -6.94
CA ALA C 332 43.05 32.81 -7.82
C ALA C 332 41.57 32.45 -7.93
N GLY C 333 41.27 31.59 -8.89
CA GLY C 333 39.91 31.29 -9.28
C GLY C 333 39.32 30.12 -8.54
N PHE C 334 38.48 29.35 -9.24
CA PHE C 334 37.63 28.35 -8.62
C PHE C 334 38.35 27.05 -8.30
N ILE C 335 39.62 26.90 -8.70
CA ILE C 335 40.35 25.68 -8.41
C ILE C 335 40.59 25.54 -6.91
N GLU C 336 40.95 26.64 -6.24
CA GLU C 336 41.29 26.57 -4.83
C GLU C 336 40.13 26.84 -3.88
N GLY C 337 39.04 27.40 -4.37
CA GLY C 337 37.87 27.60 -3.53
C GLY C 337 37.15 28.87 -3.87
N GLY C 338 36.15 29.20 -3.05
CA GLY C 338 35.26 30.31 -3.31
C GLY C 338 35.82 31.63 -2.82
N TRP C 339 34.99 32.67 -2.95
CA TRP C 339 35.35 34.03 -2.58
C TRP C 339 34.33 34.59 -1.62
N GLN C 340 34.78 35.49 -0.75
CA GLN C 340 33.92 36.13 0.23
C GLN C 340 33.54 37.56 -0.13
N GLY C 341 34.18 38.14 -1.14
CA GLY C 341 33.88 39.50 -1.56
C GLY C 341 32.85 39.64 -2.65
N MET C 342 32.41 38.54 -3.24
CA MET C 342 31.38 38.58 -4.28
C MET C 342 30.02 38.41 -3.61
N VAL C 343 29.57 39.47 -2.93
CA VAL C 343 28.18 39.50 -2.52
C VAL C 343 27.36 40.24 -3.56
N ASP C 344 27.16 39.61 -4.72
CA ASP C 344 26.14 40.04 -5.68
C ASP C 344 25.47 38.89 -6.41
N GLY C 345 26.00 37.68 -6.36
CA GLY C 345 25.48 36.58 -7.14
C GLY C 345 26.29 35.33 -6.88
N TRP C 346 26.01 34.29 -7.68
CA TRP C 346 26.60 32.99 -7.44
C TRP C 346 27.97 32.84 -8.12
N TYR C 347 28.01 32.95 -9.45
CA TYR C 347 29.24 32.89 -10.21
C TYR C 347 29.67 34.29 -10.62
N GLY C 348 30.94 34.43 -10.97
CA GLY C 348 31.39 35.72 -11.42
C GLY C 348 32.87 35.75 -11.76
N TYR C 349 33.33 36.96 -12.04
CA TYR C 349 34.70 37.23 -12.45
C TYR C 349 35.34 38.22 -11.49
N HIS C 350 36.65 38.08 -11.30
CA HIS C 350 37.46 39.09 -10.64
C HIS C 350 38.51 39.59 -11.63
N HIS C 351 38.60 40.90 -11.79
CA HIS C 351 39.45 41.48 -12.81
C HIS C 351 40.46 42.42 -12.17
N SER C 352 41.64 42.51 -12.78
CA SER C 352 42.70 43.39 -12.27
C SER C 352 43.45 43.96 -13.48
N ASN C 353 43.31 45.27 -13.68
CA ASN C 353 44.02 46.01 -14.71
C ASN C 353 44.79 47.15 -14.04
N ASP C 354 45.39 48.02 -14.86
CA ASP C 354 46.18 49.10 -14.28
C ASP C 354 45.30 50.13 -13.59
N GLN C 355 44.15 50.44 -14.17
CA GLN C 355 43.22 51.41 -13.57
C GLN C 355 42.14 50.72 -12.72
N GLY C 356 42.57 49.83 -11.84
CA GLY C 356 41.71 49.29 -10.81
C GLY C 356 41.70 47.78 -10.80
N SER C 357 40.91 47.23 -9.87
CA SER C 357 40.74 45.80 -9.69
C SER C 357 39.52 45.53 -8.82
N GLY C 358 38.64 44.64 -9.26
CA GLY C 358 37.43 44.41 -8.49
C GLY C 358 36.68 43.17 -8.92
N TYR C 359 35.62 42.89 -8.17
CA TYR C 359 34.76 41.73 -8.38
C TYR C 359 33.55 42.11 -9.23
N ALA C 360 32.89 41.08 -9.77
CA ALA C 360 31.69 41.26 -10.59
C ALA C 360 30.93 39.93 -10.58
N ALA C 361 29.84 39.89 -11.33
CA ALA C 361 29.00 38.70 -11.38
C ALA C 361 28.48 38.50 -12.79
N ASP C 362 28.13 37.26 -13.10
CA ASP C 362 27.59 36.87 -14.40
C ASP C 362 26.09 36.66 -14.21
N LYS C 363 25.29 37.53 -14.82
CA LYS C 363 23.85 37.50 -14.58
C LYS C 363 23.19 36.31 -15.27
N GLU C 364 23.65 35.95 -16.47
CA GLU C 364 22.96 34.92 -17.25
C GLU C 364 23.05 33.56 -16.55
N SER C 365 24.25 33.13 -16.19
CA SER C 365 24.40 31.82 -15.56
C SER C 365 23.77 31.79 -14.18
N THR C 366 23.91 32.88 -13.42
CA THR C 366 23.27 32.95 -12.11
C THR C 366 21.76 32.82 -12.22
N GLN C 367 21.16 33.52 -13.18
CA GLN C 367 19.72 33.45 -13.35
C GLN C 367 19.28 32.06 -13.82
N LYS C 368 20.05 31.45 -14.71
CA LYS C 368 19.70 30.10 -15.16
C LYS C 368 19.74 29.11 -14.00
N ALA C 369 20.78 29.18 -13.17
CA ALA C 369 20.88 28.29 -12.03
C ALA C 369 19.76 28.56 -11.03
N PHE C 370 19.43 29.83 -10.82
CA PHE C 370 18.34 30.20 -9.92
C PHE C 370 17.02 29.60 -10.40
N ASP C 371 16.73 29.74 -11.68
CA ASP C 371 15.48 29.20 -12.22
C ASP C 371 15.46 27.68 -12.11
N GLY C 372 16.57 27.02 -12.41
CA GLY C 372 16.61 25.57 -12.32
C GLY C 372 16.39 25.07 -10.90
N ILE C 373 17.07 25.69 -9.94
CA ILE C 373 16.95 25.28 -8.54
C ILE C 373 15.53 25.53 -8.04
N THR C 374 14.96 26.69 -8.37
CA THR C 374 13.61 26.99 -7.94
C THR C 374 12.60 26.02 -8.54
N ASN C 375 12.78 25.67 -9.81
CA ASN C 375 11.86 24.74 -10.45
C ASN C 375 11.98 23.35 -9.83
N LYS C 376 13.20 22.92 -9.51
CA LYS C 376 13.37 21.61 -8.87
C LYS C 376 12.72 21.59 -7.50
N VAL C 377 12.92 22.65 -6.71
CA VAL C 377 12.32 22.70 -5.38
C VAL C 377 10.81 22.71 -5.46
N ASN C 378 10.26 23.50 -6.38
CA ASN C 378 8.81 23.56 -6.54
C ASN C 378 8.26 22.24 -7.02
N SER C 379 8.99 21.54 -7.90
CA SER C 379 8.55 20.22 -8.32
C SER C 379 8.48 19.26 -7.15
N VAL C 380 9.53 19.25 -6.31
CA VAL C 380 9.52 18.36 -5.16
C VAL C 380 8.37 18.70 -4.23
N ILE C 381 8.13 19.99 -3.98
CA ILE C 381 7.08 20.37 -3.04
C ILE C 381 5.69 20.07 -3.59
N GLU C 382 5.44 20.41 -4.85
CA GLU C 382 4.09 20.34 -5.41
C GLU C 382 3.74 18.97 -6.00
N LYS C 383 4.71 18.07 -6.14
CA LYS C 383 4.35 16.71 -6.53
C LYS C 383 3.74 15.93 -5.38
N MET C 384 4.09 16.24 -4.13
CA MET C 384 3.41 15.68 -2.96
C MET C 384 2.06 16.37 -2.81
N ASN C 385 1.08 15.89 -3.57
CA ASN C 385 -0.28 16.38 -3.45
C ASN C 385 -1.26 15.32 -2.95
N THR C 386 -1.06 14.05 -3.31
CA THR C 386 -1.98 12.99 -2.89
C THR C 386 -1.63 12.46 -1.50
N GLN C 387 -0.46 11.85 -1.37
CA GLN C 387 0.01 11.25 -0.12
C GLN C 387 -1.09 10.35 0.44
N PHE C 388 -1.22 10.25 1.76
CA PHE C 388 -2.24 9.47 2.46
C PHE C 388 -2.96 10.39 3.44
N GLU C 389 -3.88 9.82 4.20
CA GLU C 389 -4.60 10.63 5.17
C GLU C 389 -4.53 10.06 6.59
N ALA C 390 -4.57 8.73 6.73
CA ALA C 390 -4.43 8.05 8.01
C ALA C 390 -5.52 8.51 9.01
N VAL C 391 -6.75 8.19 8.64
CA VAL C 391 -7.90 8.48 9.50
C VAL C 391 -7.86 7.58 10.73
N GLY C 392 -8.67 7.91 11.74
CA GLY C 392 -8.77 7.11 12.94
C GLY C 392 -10.01 6.24 12.89
N LYS C 393 -9.83 4.97 13.24
CA LYS C 393 -10.91 4.00 13.23
C LYS C 393 -10.87 3.20 14.53
N GLU C 394 -12.04 2.71 14.94
CA GLU C 394 -12.19 1.93 16.15
C GLU C 394 -12.67 0.53 15.81
N PHE C 395 -12.12 -0.46 16.52
CA PHE C 395 -12.47 -1.85 16.32
C PHE C 395 -12.73 -2.49 17.68
N SER C 396 -13.64 -3.46 17.69
CA SER C 396 -13.96 -4.16 18.92
C SER C 396 -12.92 -5.25 19.19
N ASN C 397 -13.13 -6.01 20.26
CA ASN C 397 -12.21 -7.06 20.64
C ASN C 397 -12.50 -8.40 19.96
N LEU C 398 -13.51 -8.47 19.10
CA LEU C 398 -13.72 -9.61 18.21
C LEU C 398 -13.28 -9.31 16.78
N GLU C 399 -12.59 -8.20 16.55
CA GLU C 399 -12.14 -7.80 15.22
C GLU C 399 -10.66 -7.44 15.25
N LYS C 400 -9.85 -8.29 15.87
CA LYS C 400 -8.42 -8.02 15.97
C LYS C 400 -7.72 -8.17 14.61
N ARG C 401 -8.19 -9.09 13.76
CA ARG C 401 -7.58 -9.24 12.44
C ARG C 401 -7.77 -7.98 11.60
N LEU C 402 -8.97 -7.40 11.63
CA LEU C 402 -9.23 -6.17 10.89
C LEU C 402 -8.40 -5.02 11.44
N GLU C 403 -8.27 -4.93 12.76
CA GLU C 403 -7.44 -3.90 13.36
C GLU C 403 -5.98 -4.03 12.93
N ASN C 404 -5.46 -5.26 12.92
CA ASN C 404 -4.09 -5.48 12.47
C ASN C 404 -3.93 -5.14 11.01
N LEU C 405 -4.93 -5.46 10.19
CA LEU C 405 -4.87 -5.10 8.77
C LEU C 405 -4.78 -3.59 8.59
N ASN C 406 -5.63 -2.85 9.31
CA ASN C 406 -5.61 -1.39 9.22
C ASN C 406 -4.27 -0.82 9.66
N LYS C 407 -3.75 -1.32 10.79
CA LYS C 407 -2.47 -0.85 11.30
C LYS C 407 -1.35 -1.13 10.31
N LYS C 408 -1.33 -2.34 9.75
CA LYS C 408 -0.26 -2.72 8.82
C LYS C 408 -0.31 -1.87 7.56
N MET C 409 -1.51 -1.61 7.03
CA MET C 409 -1.62 -0.80 5.83
C MET C 409 -1.16 0.63 6.09
N GLU C 410 -1.59 1.22 7.21
CA GLU C 410 -1.18 2.58 7.53
C GLU C 410 0.33 2.68 7.68
N ASP C 411 0.92 1.73 8.42
CA ASP C 411 2.36 1.73 8.59
C ASP C 411 3.09 1.56 7.28
N GLY C 412 2.63 0.62 6.43
CA GLY C 412 3.31 0.40 5.16
C GLY C 412 3.34 1.65 4.31
N PHE C 413 2.21 2.33 4.20
CA PHE C 413 2.19 3.57 3.41
C PHE C 413 3.08 4.63 4.04
N LEU C 414 3.12 4.67 5.38
CA LEU C 414 3.93 5.68 6.06
C LEU C 414 5.42 5.50 5.75
N ASP C 415 5.95 4.28 5.92
CA ASP C 415 7.35 4.08 5.55
C ASP C 415 7.60 4.23 4.05
N VAL C 416 6.65 3.86 3.21
CA VAL C 416 6.85 4.06 1.77
C VAL C 416 7.09 5.53 1.47
N TRP C 417 6.24 6.40 2.02
CA TRP C 417 6.38 7.82 1.71
C TRP C 417 7.62 8.42 2.37
N THR C 418 7.95 7.99 3.60
CA THR C 418 9.16 8.47 4.24
C THR C 418 10.41 8.11 3.42
N TYR C 419 10.47 6.86 2.96
CA TYR C 419 11.59 6.42 2.13
C TYR C 419 11.68 7.25 0.84
N ASN C 420 10.53 7.46 0.18
CA ASN C 420 10.53 8.26 -1.03
C ASN C 420 11.07 9.65 -0.77
N ALA C 421 10.60 10.30 0.29
CA ALA C 421 11.02 11.67 0.58
C ALA C 421 12.52 11.74 0.84
N GLU C 422 13.04 10.83 1.66
CA GLU C 422 14.45 10.88 2.00
C GLU C 422 15.34 10.62 0.78
N LEU C 423 15.01 9.61 -0.02
CA LEU C 423 15.82 9.33 -1.20
C LEU C 423 15.77 10.48 -2.20
N LEU C 424 14.59 11.06 -2.40
CA LEU C 424 14.49 12.20 -3.31
C LEU C 424 15.34 13.36 -2.84
N VAL C 425 15.31 13.65 -1.53
CA VAL C 425 16.10 14.76 -1.02
C VAL C 425 17.59 14.50 -1.23
N LEU C 426 18.04 13.28 -0.95
CA LEU C 426 19.46 12.96 -1.12
C LEU C 426 19.89 13.14 -2.58
N MET C 427 19.11 12.57 -3.51
CA MET C 427 19.50 12.64 -4.91
C MET C 427 19.45 14.07 -5.44
N GLU C 428 18.45 14.85 -5.04
CA GLU C 428 18.38 16.24 -5.47
C GLU C 428 19.57 17.04 -4.94
N ASN C 429 19.97 16.81 -3.69
CA ASN C 429 21.12 17.52 -3.15
C ASN C 429 22.38 17.19 -3.94
N GLU C 430 22.59 15.91 -4.23
CA GLU C 430 23.77 15.51 -4.99
C GLU C 430 23.77 16.14 -6.37
N ARG C 431 22.62 16.10 -7.06
CA ARG C 431 22.54 16.68 -8.40
C ARG C 431 22.79 18.17 -8.38
N THR C 432 22.26 18.89 -7.39
CA THR C 432 22.47 20.32 -7.30
C THR C 432 23.94 20.65 -7.10
N LEU C 433 24.61 19.91 -6.21
CA LEU C 433 26.02 20.22 -5.96
C LEU C 433 26.91 19.84 -7.14
N ASP C 434 26.50 18.87 -7.96
CA ASP C 434 27.26 18.60 -9.18
C ASP C 434 27.01 19.66 -10.25
N PHE C 435 25.76 20.08 -10.40
CA PHE C 435 25.37 21.05 -11.40
C PHE C 435 26.00 22.41 -11.16
N HIS C 436 26.16 22.80 -9.89
CA HIS C 436 26.79 24.08 -9.58
C HIS C 436 28.24 24.11 -10.05
N ASP C 437 28.96 23.00 -9.91
CA ASP C 437 30.34 22.95 -10.38
C ASP C 437 30.40 22.89 -11.90
N SER C 438 29.47 22.15 -12.51
CA SER C 438 29.43 22.07 -13.97
C SER C 438 29.22 23.46 -14.59
N ASN C 439 28.39 24.29 -13.95
CA ASN C 439 28.14 25.64 -14.47
C ASN C 439 29.43 26.45 -14.52
N VAL C 440 30.21 26.42 -13.45
CA VAL C 440 31.43 27.22 -13.40
C VAL C 440 32.46 26.68 -14.40
N LYS C 441 32.53 25.35 -14.54
CA LYS C 441 33.43 24.78 -15.54
C LYS C 441 33.04 25.22 -16.94
N ASN C 442 31.73 25.23 -17.24
CA ASN C 442 31.27 25.67 -18.55
C ASN C 442 31.58 27.16 -18.78
N LEU C 443 31.43 27.99 -17.76
CA LEU C 443 31.79 29.40 -17.90
C LEU C 443 33.27 29.56 -18.21
N TYR C 444 34.12 28.84 -17.49
CA TYR C 444 35.56 28.90 -17.76
C TYR C 444 35.88 28.44 -19.17
N ASP C 445 35.25 27.34 -19.61
CA ASP C 445 35.50 26.84 -20.96
C ASP C 445 35.04 27.84 -22.03
N LYS C 446 33.89 28.48 -21.80
CA LYS C 446 33.41 29.48 -22.76
C LYS C 446 34.37 30.64 -22.88
N VAL C 447 34.83 31.17 -21.74
CA VAL C 447 35.77 32.29 -21.78
C VAL C 447 37.07 31.87 -22.46
N ARG C 448 37.55 30.66 -22.17
CA ARG C 448 38.79 30.19 -22.79
C ARG C 448 38.64 30.06 -24.30
N MET C 449 37.55 29.45 -24.75
CA MET C 449 37.34 29.25 -26.18
C MET C 449 37.20 30.58 -26.90
N GLN C 450 36.53 31.56 -26.28
CA GLN C 450 36.40 32.86 -26.91
C GLN C 450 37.73 33.60 -26.97
N LEU C 451 38.51 33.57 -25.88
CA LEU C 451 39.76 34.30 -25.86
C LEU C 451 40.85 33.64 -26.69
N ARG C 452 40.73 32.33 -26.96
CA ARG C 452 41.69 31.58 -27.75
C ARG C 452 43.12 31.79 -27.26
N ASP C 453 44.04 32.08 -28.18
CA ASP C 453 45.47 32.01 -27.91
C ASP C 453 46.11 33.36 -27.63
N ASN C 454 45.31 34.41 -27.44
CA ASN C 454 45.86 35.69 -27.01
C ASN C 454 46.19 35.72 -25.53
N VAL C 455 45.83 34.68 -24.78
CA VAL C 455 45.98 34.67 -23.34
C VAL C 455 46.79 33.43 -22.95
N LYS C 456 47.33 33.48 -21.73
CA LYS C 456 48.00 32.33 -21.13
C LYS C 456 47.20 31.90 -19.90
N GLU C 457 47.13 30.58 -19.69
CA GLU C 457 46.41 30.02 -18.55
C GLU C 457 47.38 29.81 -17.40
N LEU C 458 46.99 30.27 -16.21
CA LEU C 458 47.82 30.12 -15.03
C LEU C 458 47.51 28.85 -14.24
N GLY C 459 46.54 28.05 -14.69
CA GLY C 459 46.26 26.77 -14.07
C GLY C 459 45.41 26.84 -12.82
N ASN C 460 44.93 28.02 -12.42
CA ASN C 460 44.10 28.16 -11.23
C ASN C 460 42.83 28.94 -11.53
N GLY C 461 42.27 28.73 -12.72
CA GLY C 461 41.02 29.37 -13.10
C GLY C 461 41.15 30.75 -13.69
N CYS C 462 42.34 31.32 -13.73
CA CYS C 462 42.55 32.66 -14.25
C CYS C 462 43.41 32.68 -15.51
N PHE C 463 43.23 33.76 -16.25
CA PHE C 463 43.88 34.01 -17.54
C PHE C 463 44.66 35.31 -17.46
N GLU C 464 45.85 35.29 -18.05
CA GLU C 464 46.73 36.46 -18.14
C GLU C 464 46.82 36.89 -19.59
N PHE C 465 46.53 38.17 -19.85
CA PHE C 465 46.50 38.70 -21.20
C PHE C 465 47.90 39.00 -21.70
N TYR C 466 48.18 38.66 -22.95
CA TYR C 466 49.45 38.99 -23.55
C TYR C 466 49.54 40.48 -23.87
N HIS C 467 48.43 41.08 -24.29
CA HIS C 467 48.39 42.48 -24.64
C HIS C 467 47.87 43.29 -23.44
N LYS C 468 47.63 44.58 -23.65
CA LYS C 468 47.07 45.46 -22.64
C LYS C 468 45.59 45.63 -22.91
N CYS C 469 44.78 45.54 -21.85
CA CYS C 469 43.33 45.56 -21.98
C CYS C 469 42.73 46.37 -20.84
N ASP C 470 42.05 47.46 -21.19
CA ASP C 470 41.41 48.33 -20.22
C ASP C 470 40.01 47.81 -19.89
N ASN C 471 39.21 48.60 -19.18
CA ASN C 471 37.89 48.14 -18.77
C ASN C 471 37.00 47.87 -19.98
N GLU C 472 37.16 48.63 -21.06
CA GLU C 472 36.34 48.39 -22.25
C GLU C 472 36.43 46.94 -22.70
N CYS C 473 37.65 46.44 -22.86
CA CYS C 473 37.83 45.07 -23.33
C CYS C 473 37.45 44.04 -22.27
N MET C 474 37.52 44.40 -20.98
CA MET C 474 37.16 43.42 -19.97
C MET C 474 35.65 43.26 -19.86
N ASP C 475 34.88 44.35 -19.95
CA ASP C 475 33.44 44.19 -20.14
C ASP C 475 33.09 43.63 -21.51
N SER C 476 34.00 43.75 -22.49
CA SER C 476 33.79 43.07 -23.76
C SER C 476 33.88 41.56 -23.61
N VAL C 477 34.84 41.08 -22.82
CA VAL C 477 34.97 39.64 -22.63
C VAL C 477 33.95 39.12 -21.63
N LYS C 478 33.49 39.97 -20.71
CA LYS C 478 32.50 39.51 -19.74
C LYS C 478 31.15 39.26 -20.38
N ASN C 479 30.78 40.02 -21.40
CA ASN C 479 29.48 39.88 -22.05
C ASN C 479 29.54 39.07 -23.34
N GLY C 480 30.66 38.41 -23.60
CA GLY C 480 30.75 37.53 -24.75
C GLY C 480 30.95 38.19 -26.08
N THR C 481 31.49 39.40 -26.11
CA THR C 481 31.80 40.11 -27.35
C THR C 481 33.27 40.49 -27.32
N TYR C 482 34.12 39.58 -27.79
CA TYR C 482 35.56 39.78 -27.82
C TYR C 482 36.03 39.76 -29.27
N ASP C 483 36.81 40.77 -29.66
CA ASP C 483 37.32 40.90 -31.02
C ASP C 483 38.73 40.30 -31.07
N TYR C 484 38.81 39.05 -31.53
CA TYR C 484 40.11 38.41 -31.69
C TYR C 484 41.01 39.12 -32.70
N PRO C 485 40.57 39.44 -33.92
CA PRO C 485 41.50 40.10 -34.86
C PRO C 485 42.02 41.43 -34.39
N LYS C 486 41.25 42.18 -33.60
CA LYS C 486 41.67 43.52 -33.19
C LYS C 486 42.95 43.47 -32.37
N TYR C 487 43.16 42.41 -31.60
CA TYR C 487 44.36 42.26 -30.80
C TYR C 487 45.24 41.10 -31.25
N GLU C 488 44.92 40.48 -32.40
CA GLU C 488 45.70 39.32 -32.84
C GLU C 488 47.18 39.66 -33.02
N GLU C 489 47.47 40.71 -33.78
CA GLU C 489 48.87 41.06 -34.05
C GLU C 489 49.58 41.53 -32.80
N GLU C 490 48.89 42.30 -31.96
CA GLU C 490 49.49 42.77 -30.73
C GLU C 490 49.85 41.60 -29.82
N SER C 491 48.96 40.62 -29.70
CA SER C 491 49.25 39.45 -28.89
C SER C 491 50.40 38.63 -29.48
N LYS C 492 50.41 38.48 -30.81
CA LYS C 492 51.47 37.72 -31.45
C LYS C 492 52.83 38.36 -31.22
N LEU C 493 52.89 39.69 -31.20
CA LEU C 493 54.16 40.38 -31.03
C LEU C 493 54.85 39.94 -29.73
N ASN C 494 54.13 39.97 -28.61
CA ASN C 494 54.73 39.57 -27.35
C ASN C 494 54.84 38.05 -27.21
N ARG C 495 53.88 37.28 -27.74
CA ARG C 495 53.96 35.84 -27.60
C ARG C 495 55.18 35.27 -28.32
N ASN C 496 55.45 35.75 -29.53
CA ASN C 496 56.60 35.23 -30.28
C ASN C 496 57.92 35.70 -29.69
N GLU C 497 57.91 36.72 -28.84
CA GLU C 497 59.13 37.22 -28.21
C GLU C 497 59.62 36.24 -27.14
C1 GAL D . -43.47 -5.15 45.36
C2 GAL D . -42.16 -4.36 45.49
C3 GAL D . -40.99 -5.29 45.79
C4 GAL D . -41.30 -6.11 47.05
C5 GAL D . -42.66 -6.78 46.92
C6 GAL D . -43.15 -7.46 48.20
O1 GAL D . -44.55 -4.29 45.12
O2 GAL D . -41.84 -3.66 44.29
O3 GAL D . -39.79 -4.68 46.03
O4 GAL D . -41.28 -5.27 48.19
O5 GAL D . -43.70 -5.84 46.57
O6 GAL D . -44.41 -8.09 48.00
C1 NAG D . -38.59 -5.00 45.42
C2 NAG D . -37.80 -3.73 45.14
C3 NAG D . -36.46 -4.07 44.52
C4 NAG D . -35.70 -5.07 45.39
C5 NAG D . -36.58 -6.28 45.68
C6 NAG D . -35.94 -7.25 46.66
C7 NAG D . -38.54 -1.51 44.40
C8 NAG D . -39.37 -0.75 43.41
N2 NAG D . -38.56 -2.85 44.26
O3 NAG D . -35.68 -2.88 44.38
O4 NAG D . -34.62 -5.82 44.98
O5 NAG D . -37.82 -5.86 46.26
O6 NAG D . -36.94 -7.99 47.36
O7 NAG D . -37.90 -0.95 45.28
C1 GAL D . -33.35 -5.24 44.93
C2 GAL D . -32.28 -6.28 44.58
C3 GAL D . -30.92 -5.62 44.51
C4 GAL D . -30.95 -4.46 43.49
C5 GAL D . -32.12 -3.52 43.82
C6 GAL D . -32.38 -2.46 42.76
O2 GAL D . -32.19 -7.30 45.56
O3 GAL D . -29.93 -6.53 44.05
O4 GAL D . -31.09 -4.96 42.19
O5 GAL D . -33.35 -4.24 43.95
O6 GAL D . -33.15 -1.31 42.75
C1 SIA D . -31.82 -0.50 40.94
C2 SIA D . -33.27 -0.85 41.47
C3 SIA D . -34.27 0.31 41.39
C4 SIA D . -35.74 -0.09 41.29
C5 SIA D . -36.00 -1.09 40.16
C6 SIA D . -34.70 -1.76 39.63
C7 SIA D . -34.99 -3.17 39.07
C8 SIA D . -34.01 -3.54 37.93
C9 SIA D . -32.69 -4.04 38.49
C10 SIA D . -37.97 -0.53 38.70
C11 SIA D . -38.79 -1.43 39.61
N5 SIA D . -36.66 -0.43 39.03
O1A SIA D . -31.12 0.30 41.64
O1B SIA D . -31.53 -1.07 39.85
O4 SIA D . -36.20 -0.72 42.50
O6 SIA D . -33.79 -1.98 40.69
O7 SIA D . -34.96 -4.12 40.13
O8 SIA D . -34.62 -4.51 37.07
O9 SIA D . -32.43 -5.36 38.02
O10 SIA D . -38.48 0.04 37.74
C1 GAL E . -60.61 -17.91 3.42
C2 GAL E . -59.75 -17.26 2.33
C3 GAL E . -59.70 -15.75 2.52
C4 GAL E . -61.13 -15.17 2.53
C5 GAL E . -61.99 -15.95 3.53
C6 GAL E . -63.48 -15.60 3.47
O1 GAL E . -60.68 -19.29 3.24
O2 GAL E . -58.41 -17.73 2.37
O3 GAL E . -58.77 -14.91 1.95
O4 GAL E . -61.70 -15.26 1.24
O5 GAL E . -61.92 -17.37 3.35
O6 GAL E . -64.22 -16.33 4.44
C1 NAG E . -57.82 -13.91 2.05
C2 NAG E . -57.11 -13.73 0.71
C3 NAG E . -56.10 -12.60 0.79
C4 NAG E . -56.76 -11.33 1.31
C5 NAG E . -57.48 -11.61 2.63
C6 NAG E . -58.27 -10.42 3.14
C7 NAG E . -56.65 -15.51 -0.92
C8 NAG E . -55.92 -16.78 -1.19
N2 NAG E . -56.47 -14.97 0.29
O3 NAG E . -55.55 -12.37 -0.50
O4 NAG E . -55.91 -10.48 1.97
O5 NAG E . -58.42 -12.69 2.45
O6 NAG E . -58.96 -10.74 4.33
O7 NAG E . -57.38 -14.99 -1.77
C1 GAL E . -55.13 -9.49 1.36
C2 GAL E . -54.56 -8.51 2.38
C3 GAL E . -53.69 -7.47 1.69
C4 GAL E . -52.59 -8.17 0.89
C5 GAL E . -53.21 -9.21 -0.03
C6 GAL E . -52.20 -10.09 -0.77
O2 GAL E . -55.58 -7.82 3.09
O3 GAL E . -53.05 -6.63 2.65
O4 GAL E . -51.66 -8.80 1.76
O5 GAL E . -54.06 -10.12 0.67
O6 GAL E . -52.56 -11.19 -1.49
C1 SIA E . -50.60 -11.60 -2.77
C2 SIA E . -51.76 -12.24 -1.90
C3 SIA E . -52.64 -13.27 -2.64
C4 SIA E . -52.19 -14.72 -2.54
C5 SIA E . -51.92 -15.06 -1.08
C6 SIA E . -50.79 -14.15 -0.57
C7 SIA E . -50.51 -14.36 0.94
C8 SIA E . -49.31 -13.50 1.41
C9 SIA E . -49.72 -12.56 2.53
C10 SIA E . -50.58 -17.21 -1.29
C11 SIA E . -50.64 -18.69 -0.91
N5 SIA E . -51.64 -16.48 -0.89
O1A SIA E . -49.52 -11.49 -2.12
O1B SIA E . -50.86 -11.29 -3.96
O4 SIA E . -53.20 -15.64 -3.02
O6 SIA E . -51.17 -12.79 -0.67
O7 SIA E . -51.69 -14.09 1.68
O8 SIA E . -48.23 -14.35 1.80
O9 SIA E . -48.58 -12.32 3.37
O10 SIA E . -49.63 -16.78 -1.93
C1 GAL F . -31.69 -47.33 27.06
C2 GAL F . -30.24 -47.69 26.71
C3 GAL F . -30.07 -47.79 25.19
C4 GAL F . -31.08 -48.80 24.62
C5 GAL F . -32.50 -48.46 25.09
C6 GAL F . -33.55 -49.49 24.74
O1 GAL F . -31.88 -47.28 28.44
O2 GAL F . -29.33 -46.71 27.17
O3 GAL F . -29.05 -47.82 24.28
O4 GAL F . -30.74 -50.11 25.05
O5 GAL F . -32.56 -48.31 26.52
O6 GAL F . -34.84 -49.05 25.08
C1 NAG F . -28.73 -46.97 23.23
C2 NAG F . -27.21 -46.86 23.11
C3 NAG F . -26.84 -45.99 21.93
C4 NAG F . -27.52 -46.49 20.65
C5 NAG F . -29.02 -46.63 20.88
C6 NAG F . -29.74 -47.25 19.71
C7 NAG F . -25.48 -46.77 24.85
C8 NAG F . -25.03 -46.11 26.11
N2 NAG F . -26.64 -46.33 24.34
O3 NAG F . -25.43 -46.00 21.75
O4 NAG F . -27.64 -45.89 19.42
O5 NAG F . -29.27 -47.48 22.01
O6 NAG F . -30.97 -47.83 20.10
O7 NAG F . -24.82 -47.65 24.31
C1 GAL F . -26.55 -45.71 18.57
C2 GAL F . -26.96 -45.00 17.28
C3 GAL F . -25.74 -44.78 16.39
C4 GAL F . -24.65 -44.02 17.16
C5 GAL F . -24.38 -44.72 18.50
C6 GAL F . -23.49 -43.94 19.46
O2 GAL F . -27.90 -45.74 16.53
O3 GAL F . -26.08 -43.99 15.26
O4 GAL F . -25.06 -42.69 17.40
O5 GAL F . -25.58 -44.94 19.24
O6 GAL F . -22.91 -44.30 20.64
C1 SIA F . -20.94 -43.10 19.99
C2 SIA F . -22.04 -43.34 21.11
C3 SIA F . -21.46 -43.72 22.47
C4 SIA F . -22.50 -43.85 23.59
C5 SIA F . -23.60 -42.79 23.48
C6 SIA F . -23.22 -41.63 22.52
C7 SIA F . -24.44 -40.74 22.22
C8 SIA F . -24.32 -40.03 20.85
C9 SIA F . -24.88 -38.62 20.90
C10 SIA F . -23.18 -41.48 25.62
C11 SIA F . -23.83 -41.16 26.97
N5 SIA F . -23.92 -42.28 24.82
O1A SIA F . -20.80 -41.88 19.71
O1B SIA F . -20.35 -44.10 19.51
O4 SIA F . -23.14 -45.13 23.58
O6 SIA F . -22.83 -42.10 21.24
O7 SIA F . -25.63 -41.51 22.30
O8 SIA F . -22.95 -40.03 20.42
O9 SIA F . -26.26 -38.66 21.27
O10 SIA F . -22.07 -41.02 25.35
C1 NAG G . 8.43 18.60 -41.10
C2 NAG G . 7.03 18.78 -41.66
C3 NAG G . 6.55 17.49 -42.32
C4 NAG G . 7.57 17.00 -43.34
C5 NAG G . 8.96 16.90 -42.71
C6 NAG G . 10.04 16.54 -43.71
C7 NAG G . 5.78 20.47 -40.40
C8 NAG G . 4.80 20.72 -39.29
N2 NAG G . 6.09 19.19 -40.63
O3 NAG G . 5.30 17.70 -42.94
O4 NAG G . 7.19 15.73 -43.84
O5 NAG G . 9.32 18.16 -42.13
O6 NAG G . 10.83 15.47 -43.24
O7 NAG G . 6.27 21.38 -41.06
C1 NAG H . 4.07 25.11 -20.67
C2 NAG H . 3.96 26.40 -19.87
C3 NAG H . 2.61 26.47 -19.15
C4 NAG H . 1.47 26.28 -20.14
C5 NAG H . 1.68 24.98 -20.92
C6 NAG H . 0.65 24.76 -22.01
C7 NAG H . 6.18 27.17 -19.18
C8 NAG H . 7.21 27.19 -18.08
N2 NAG H . 5.04 26.51 -18.91
O3 NAG H . 2.48 27.74 -18.51
O4 NAG H . 0.23 26.21 -19.45
O5 NAG H . 2.96 25.01 -21.57
O6 NAG H . 1.24 24.28 -23.20
O7 NAG H . 6.39 27.72 -20.25
C1 NAG I . -23.61 -39.71 -2.50
C2 NAG I . -23.55 -40.69 -1.33
C3 NAG I . -22.17 -41.32 -1.24
C4 NAG I . -21.80 -41.96 -2.57
C5 NAG I . -21.92 -40.95 -3.70
C6 NAG I . -21.70 -41.56 -5.06
C7 NAG I . -24.63 -40.62 0.87
C8 NAG I . -24.89 -39.80 2.10
N2 NAG I . -23.90 -40.03 -0.08
O3 NAG I . -22.16 -42.30 -0.20
O4 NAG I . -20.45 -42.43 -2.51
O5 NAG I . -23.24 -40.40 -3.72
O6 NAG I . -21.79 -40.58 -6.09
O7 NAG I . -25.08 -41.75 0.74
C1 NAG J . 41.95 -13.06 -11.52
C2 NAG J . 41.96 -14.60 -11.49
C3 NAG J . 42.23 -15.12 -10.08
C4 NAG J . 43.50 -14.48 -9.51
C5 NAG J . 43.39 -12.97 -9.55
C6 NAG J . 44.63 -12.27 -9.08
C7 NAG J . 40.58 -16.42 -12.41
C8 NAG J . 39.21 -16.81 -12.89
N2 NAG J . 40.71 -15.15 -11.99
O3 NAG J . 42.36 -16.53 -10.07
O4 NAG J . 43.70 -14.91 -8.16
O5 NAG J . 43.17 -12.54 -10.91
O6 NAG J . 44.57 -11.94 -7.70
O7 NAG J . 41.52 -17.21 -12.41
C1 NAG K . 22.73 -10.70 -20.81
C2 NAG K . 22.09 -10.81 -22.20
C3 NAG K . 20.81 -11.64 -22.14
C4 NAG K . 21.08 -12.99 -21.49
C5 NAG K . 21.75 -12.79 -20.13
C6 NAG K . 22.16 -14.09 -19.47
C7 NAG K . 22.66 -8.86 -23.58
C8 NAG K . 22.21 -7.51 -24.05
N2 NAG K . 21.82 -9.50 -22.76
O3 NAG K . 20.30 -11.83 -23.45
O4 NAG K . 19.86 -13.70 -21.31
O5 NAG K . 22.95 -12.01 -20.29
O6 NAG K . 22.51 -13.89 -18.11
O7 NAG K . 23.71 -9.36 -23.94
C1 NAG L . -12.64 -12.43 42.99
C2 NAG L . -13.79 -11.66 43.62
C3 NAG L . -13.33 -10.24 43.99
C4 NAG L . -12.10 -10.31 44.89
C5 NAG L . -11.01 -11.15 44.22
C6 NAG L . -9.81 -11.37 45.11
C7 NAG L . -16.20 -11.75 43.15
C8 NAG L . -17.26 -11.65 42.10
N2 NAG L . -14.94 -11.59 42.73
O3 NAG L . -14.38 -9.57 44.67
O4 NAG L . -11.60 -8.99 45.12
O5 NAG L . -11.52 -12.44 43.89
O6 NAG L . -8.87 -12.25 44.51
O7 NAG L . -16.47 -11.95 44.32
C1 NAG M . 26.87 14.88 11.13
C2 NAG M . 27.59 13.67 11.73
C3 NAG M . 26.80 13.12 12.92
C4 NAG M . 26.51 14.23 13.92
C5 NAG M . 25.83 15.41 13.23
C6 NAG M . 25.63 16.60 14.14
C7 NAG M . 29.00 12.35 10.23
C8 NAG M . 29.04 11.25 9.22
N2 NAG M . 27.80 12.63 10.74
O3 NAG M . 27.54 12.08 13.54
O4 NAG M . 25.67 13.74 14.96
O5 NAG M . 26.65 15.86 12.14
O6 NAG M . 24.26 16.76 14.48
O7 NAG M . 30.02 12.95 10.57
C1 NAG N . -45.24 9.23 5.45
C2 NAG N . -46.26 8.32 4.78
C3 NAG N . -46.24 8.52 3.27
C4 NAG N . -46.43 10.00 2.93
C5 NAG N . -45.40 10.85 3.68
C6 NAG N . -45.62 12.33 3.49
C7 NAG N . -47.00 6.08 5.43
C8 NAG N . -46.57 4.67 5.75
N2 NAG N . -46.03 6.93 5.11
O3 NAG N . -47.27 7.75 2.67
O4 NAG N . -46.27 10.20 1.53
O5 NAG N . -45.49 10.59 5.08
O6 NAG N . -44.49 13.08 3.93
O7 NAG N . -48.18 6.42 5.49
#